data_6XLB
#
_entry.id   6XLB
#
_cell.length_a   1.00
_cell.length_b   1.00
_cell.length_c   1.00
_cell.angle_alpha   90.00
_cell.angle_beta   90.00
_cell.angle_gamma   90.00
#
_symmetry.space_group_name_H-M   'P 1'
#
loop_
_entity.id
_entity.type
_entity.pdbx_description
1 polymer 'ATP-dependent molecular chaperone HSC82'
2 polymer 'Hsp90 co-chaperone AHA1'
#
loop_
_entity_poly.entity_id
_entity_poly.type
_entity_poly.pdbx_seq_one_letter_code
_entity_poly.pdbx_strand_id
1 'polypeptide(L)'
;MAGETFEFQAEITQLMSLIINTVYSNKEIFLRELISNASDALDKIRYQALSDPKQLETEPDLFIRITPKPEEKVLEIRDS
GIGMTKAELINNLGTIAKSGTKAFMEALSAGADVSMIGQFGVGFYSLFLVADRVQVISKNNEDEQYIWESNAGGSFTVTL
DEVNERIGRGTVLRLFLKDDQLEYLEEKRIKEVIKRHSEFVAYPIQLLVTKEVEKEVPIPEEEKKDEEKKDEDDKKPKLE
EVDEEEEEKKPKTKKVKEEVQELEELNKTKPLWTRNPSDITQEEYNAFYKSISNDWEDPLYVKHFSVEGQLEFRAILFIP
KRAPFDLFESKKKKNNIKLYVRRVFITDEAEDLIPEWLSFVKGVVDSEDLPLNLSREMLQQNKIMKVIRKNIVKKLIEAF
NEIAEDSEQFDKFYSAFAKNIKLGVHEDTQNRAALAKLLRYNSTKSVDELTSLTDYVTRMPEHQKNIYYITGESLKAVEK
SPFLDALKAKNFEVLFLTDPIDEYAFTQLKEFEGKTLVDITKDFELEETDEEKAEREKEIKEYEPLTKALKDILGDQVEK
VVVSYKLLDAPAAIRTGQFGWSANMERIMKAQALRDSSMSSYMSSKKTFEISPKSPIIKELKKRVDEGGAQDKTVKDLTN
LLFETALLTSGFSLEEPTSFASRINRLISLGLNIDEDEETETAPEASTEAPVEEVPADTEMEEVD
;
A,B
2 'polypeptide(L)'
;MVVNNPNNWHWVDKNCIGWAKEYFKQKLVGVEAGSVKDKKYAKIKSVSSIEGDCEVNQRKGKVISLFDLKITVLIEGHVD
SKDGSALPFEGSINVPEVAFDSEASSYQFDISIFKETSELSEAKPLIRSELLPKLRQIFQQFGKDLLATHGNDIQVPESQ
VKSNYTRGNQKSSFTEIKDSASKPKKNALPSSTSTSAPVSSTNKVPQNGSGNSTSIYLEPTFNVPSSELYETFLDKQRIL
AWTRSAQFFNSGPKLETKEKFELFGGNVISELVSCEKDKKLVFHWKLKDWSAPFNSTIEMTFHESQEFHETKLQVKWTGI
PVGEEDRVRANFEEYYVRSIKLTFGFGAVL
;
C1,D1
#
# COMPACT_ATOMS: atom_id res chain seq x y z
N LYS A 270 -9.35 41.29 20.12
CA LYS A 270 -10.62 40.76 19.63
C LYS A 270 -10.39 39.59 18.67
N PRO A 271 -11.02 38.45 18.95
CA PRO A 271 -10.89 37.30 18.04
C PRO A 271 -11.47 37.59 16.68
N LEU A 272 -10.89 36.95 15.66
CA LEU A 272 -11.34 37.18 14.29
C LEU A 272 -12.70 36.54 14.02
N TRP A 273 -13.00 35.41 14.66
CA TRP A 273 -14.29 34.77 14.46
C TRP A 273 -15.43 35.51 15.13
N THR A 274 -15.14 36.48 15.98
CA THR A 274 -16.16 37.33 16.59
C THR A 274 -16.46 38.58 15.78
N ARG A 275 -15.75 38.80 14.68
CA ARG A 275 -15.97 39.94 13.82
C ARG A 275 -16.56 39.50 12.49
N ASN A 276 -17.14 40.46 11.77
CA ASN A 276 -17.72 40.14 10.47
C ASN A 276 -16.62 39.94 9.44
N PRO A 277 -16.81 39.02 8.49
CA PRO A 277 -15.78 38.80 7.46
C PRO A 277 -15.59 39.97 6.52
N SER A 278 -16.59 40.85 6.39
CA SER A 278 -16.47 42.00 5.50
C SER A 278 -15.58 43.09 6.07
N ASP A 279 -15.31 43.07 7.37
CA ASP A 279 -14.46 44.05 8.03
C ASP A 279 -13.04 43.56 8.25
N ILE A 280 -12.70 42.38 7.71
CA ILE A 280 -11.38 41.79 7.85
C ILE A 280 -10.66 41.87 6.51
N THR A 281 -9.45 42.41 6.52
CA THR A 281 -8.66 42.53 5.30
C THR A 281 -7.89 41.24 5.03
N GLN A 282 -7.10 41.25 3.96
CA GLN A 282 -6.36 40.05 3.59
C GLN A 282 -5.16 39.83 4.51
N GLU A 283 -4.52 40.91 4.94
CA GLU A 283 -3.33 40.77 5.79
C GLU A 283 -3.66 40.15 7.14
N GLU A 284 -4.85 40.46 7.69
CA GLU A 284 -5.24 39.84 8.95
C GLU A 284 -5.45 38.34 8.80
N TYR A 285 -6.10 37.92 7.72
CA TYR A 285 -6.26 36.49 7.45
C TYR A 285 -4.91 35.81 7.25
N ASN A 286 -4.00 36.48 6.55
CA ASN A 286 -2.67 35.90 6.33
C ASN A 286 -1.91 35.76 7.64
N ALA A 287 -1.99 36.76 8.51
CA ALA A 287 -1.32 36.68 9.80
C ALA A 287 -1.94 35.58 10.66
N PHE A 288 -3.26 35.45 10.64
CA PHE A 288 -3.91 34.39 11.40
C PHE A 288 -3.49 33.01 10.90
N TYR A 289 -3.41 32.85 9.57
CA TYR A 289 -3.00 31.56 9.02
C TYR A 289 -1.55 31.25 9.35
N LYS A 290 -0.67 32.26 9.29
CA LYS A 290 0.74 32.04 9.62
C LYS A 290 0.96 31.84 11.11
N SER A 291 0.03 32.28 11.95
CA SER A 291 0.15 32.05 13.39
C SER A 291 -0.41 30.71 13.82
N ILE A 292 -1.54 30.30 13.22
CA ILE A 292 -2.12 29.00 13.59
C ILE A 292 -1.40 27.84 12.91
N SER A 293 -0.68 28.09 11.82
CA SER A 293 0.06 27.08 11.10
C SER A 293 1.55 27.42 11.10
N ASN A 294 2.35 26.53 10.51
CA ASN A 294 3.79 26.71 10.43
C ASN A 294 4.27 27.14 9.05
N ASP A 295 3.35 27.37 8.11
CA ASP A 295 3.73 27.76 6.76
C ASP A 295 4.07 29.24 6.70
N TRP A 296 4.99 29.58 5.81
CA TRP A 296 5.40 30.96 5.59
C TRP A 296 4.69 31.62 4.42
N GLU A 297 3.92 30.86 3.65
CA GLU A 297 3.24 31.37 2.47
C GLU A 297 1.80 31.73 2.79
N ASP A 298 1.19 32.50 1.89
CA ASP A 298 -0.17 32.94 2.08
C ASP A 298 -1.14 31.79 1.79
N PRO A 299 -2.29 31.76 2.47
CA PRO A 299 -3.28 30.71 2.19
C PRO A 299 -3.89 30.87 0.81
N LEU A 300 -4.27 29.73 0.22
CA LEU A 300 -4.83 29.75 -1.12
C LEU A 300 -6.23 30.37 -1.12
N TYR A 301 -7.05 30.03 -0.13
CA TYR A 301 -8.40 30.55 -0.05
C TYR A 301 -8.83 30.63 1.41
N VAL A 302 -9.70 31.59 1.71
CA VAL A 302 -10.20 31.83 3.05
C VAL A 302 -11.71 31.68 3.05
N LYS A 303 -12.26 31.18 4.16
CA LYS A 303 -13.70 31.01 4.31
C LYS A 303 -14.05 31.33 5.76
N HIS A 304 -14.57 32.53 5.98
CA HIS A 304 -14.99 32.98 7.31
C HIS A 304 -16.51 33.03 7.30
N PHE A 305 -17.15 32.02 7.89
CA PHE A 305 -18.61 31.98 7.90
C PHE A 305 -19.11 31.80 9.33
N SER A 306 -20.42 31.98 9.48
CA SER A 306 -21.05 31.99 10.80
C SER A 306 -22.48 31.50 10.66
N VAL A 307 -22.81 30.42 11.34
CA VAL A 307 -24.17 29.89 11.36
C VAL A 307 -24.80 30.25 12.70
N GLU A 308 -26.02 30.82 12.64
CA GLU A 308 -26.70 31.31 13.83
C GLU A 308 -28.11 30.74 13.96
N GLY A 309 -28.39 29.63 13.28
CA GLY A 309 -29.71 29.00 13.38
C GLY A 309 -29.84 28.15 14.63
N GLN A 310 -30.40 26.95 14.48
CA GLN A 310 -30.46 26.03 15.61
C GLN A 310 -29.07 25.62 16.08
N LEU A 311 -28.09 25.66 15.18
CA LEU A 311 -26.69 25.44 15.52
C LEU A 311 -25.94 26.75 15.34
N GLU A 312 -25.27 27.20 16.40
CA GLU A 312 -24.57 28.48 16.42
C GLU A 312 -23.08 28.23 16.51
N PHE A 313 -22.35 28.61 15.47
CA PHE A 313 -20.89 28.46 15.48
C PHE A 313 -20.28 29.35 14.39
N ARG A 314 -19.08 29.84 14.69
CA ARG A 314 -18.32 30.69 13.79
C ARG A 314 -17.06 29.95 13.37
N ALA A 315 -16.87 29.76 12.06
CA ALA A 315 -15.76 28.96 11.56
C ALA A 315 -14.92 29.75 10.58
N ILE A 316 -13.61 29.71 10.78
CA ILE A 316 -12.62 30.31 9.88
C ILE A 316 -11.78 29.17 9.32
N LEU A 317 -11.78 29.03 8.00
CA LEU A 317 -11.06 27.95 7.34
C LEU A 317 -10.10 28.51 6.30
N PHE A 318 -8.94 27.85 6.16
CA PHE A 318 -7.89 28.24 5.23
C PHE A 318 -7.50 27.05 4.39
N ILE A 319 -7.28 27.29 3.10
CA ILE A 319 -6.83 26.27 2.16
C ILE A 319 -5.34 26.47 1.93
N PRO A 320 -4.49 25.51 2.30
CA PRO A 320 -3.05 25.67 2.04
C PRO A 320 -2.75 25.64 0.55
N LYS A 321 -1.65 26.29 0.17
CA LYS A 321 -1.24 26.30 -1.23
C LYS A 321 -0.84 24.91 -1.71
N ARG A 322 -0.09 24.18 -0.89
CA ARG A 322 0.35 22.83 -1.21
C ARG A 322 -0.12 21.87 -0.11
N ALA A 323 0.01 20.59 -0.40
CA ALA A 323 -0.41 19.56 0.55
C ALA A 323 0.46 19.60 1.79
N PRO A 324 -0.10 19.85 2.98
CA PRO A 324 0.71 19.88 4.21
C PRO A 324 0.97 18.48 4.77
N PHE A 325 1.69 17.67 3.99
CA PHE A 325 2.02 16.31 4.36
C PHE A 325 3.38 16.20 5.03
N ASP A 326 3.88 17.28 5.63
CA ASP A 326 5.18 17.24 6.30
C ASP A 326 5.14 16.31 7.50
N LEU A 327 4.25 16.58 8.45
CA LEU A 327 4.09 15.78 9.66
C LEU A 327 5.42 15.67 10.41
N PHE A 328 5.93 16.83 10.83
CA PHE A 328 7.21 16.89 11.53
C PHE A 328 7.16 16.14 12.85
N GLU A 329 6.09 16.35 13.61
CA GLU A 329 5.87 15.59 14.84
C GLU A 329 4.91 14.44 14.55
N SER A 330 5.47 13.40 13.93
CA SER A 330 4.67 12.26 13.51
C SER A 330 4.18 11.45 14.70
N LYS A 331 3.19 10.61 14.43
CA LYS A 331 2.66 9.63 15.39
C LYS A 331 2.08 10.29 16.64
N LYS A 332 1.65 11.54 16.55
CA LYS A 332 0.98 12.21 17.66
C LYS A 332 -0.20 13.03 17.15
N LYS A 333 -1.13 13.32 18.05
CA LYS A 333 -2.39 13.96 17.72
C LYS A 333 -2.15 15.46 17.52
N LYS A 334 -2.15 15.88 16.25
CA LYS A 334 -1.93 17.27 15.86
C LYS A 334 -2.96 17.69 14.81
N ASN A 335 -4.23 17.45 15.10
CA ASN A 335 -5.31 17.70 14.15
C ASN A 335 -5.24 19.13 13.61
N ASN A 336 -5.77 19.31 12.39
CA ASN A 336 -5.59 20.56 11.67
C ASN A 336 -6.56 21.64 12.13
N ILE A 337 -7.80 21.28 12.40
CA ILE A 337 -8.84 22.24 12.77
C ILE A 337 -8.86 22.40 14.28
N LYS A 338 -8.73 23.64 14.75
CA LYS A 338 -8.77 23.93 16.16
C LYS A 338 -10.21 24.13 16.64
N LEU A 339 -10.44 23.76 17.90
CA LEU A 339 -11.76 23.82 18.50
C LEU A 339 -11.78 24.84 19.63
N TYR A 340 -12.85 25.64 19.69
CA TYR A 340 -12.99 26.66 20.72
C TYR A 340 -14.42 26.63 21.25
N VAL A 341 -14.55 26.73 22.57
CA VAL A 341 -15.84 26.76 23.25
C VAL A 341 -15.90 28.05 24.06
N ARG A 342 -16.77 28.97 23.66
CA ARG A 342 -16.93 30.27 24.32
C ARG A 342 -15.61 31.03 24.36
N ARG A 343 -14.96 31.12 23.19
CA ARG A 343 -13.70 31.84 23.02
C ARG A 343 -12.61 31.28 23.91
N VAL A 344 -12.65 29.98 24.19
CA VAL A 344 -11.66 29.31 25.03
C VAL A 344 -11.16 28.08 24.28
N PHE A 345 -9.84 27.98 24.12
CA PHE A 345 -9.24 26.82 23.49
C PHE A 345 -9.47 25.58 24.34
N ILE A 346 -9.82 24.47 23.68
CA ILE A 346 -10.17 23.24 24.38
C ILE A 346 -9.04 22.24 24.28
N THR A 347 -8.73 21.80 23.06
CA THR A 347 -7.71 20.79 22.84
C THR A 347 -7.34 20.79 21.36
N ASP A 348 -6.35 19.97 21.02
CA ASP A 348 -5.88 19.82 19.65
C ASP A 348 -5.84 18.35 19.24
N GLU A 349 -6.76 17.55 19.77
CA GLU A 349 -6.81 16.12 19.47
C GLU A 349 -8.10 15.69 18.79
N ALA A 350 -9.05 16.61 18.58
CA ALA A 350 -10.33 16.25 17.98
C ALA A 350 -10.18 16.00 16.49
N GLU A 351 -9.99 14.73 16.11
CA GLU A 351 -9.90 14.37 14.71
C GLU A 351 -11.24 13.95 14.10
N ASP A 352 -12.25 13.69 14.93
CA ASP A 352 -13.57 13.34 14.43
C ASP A 352 -14.36 14.55 13.96
N LEU A 353 -13.86 15.77 14.19
CA LEU A 353 -14.57 16.95 13.74
C LEU A 353 -14.50 17.10 12.22
N ILE A 354 -13.42 16.64 11.60
CA ILE A 354 -13.25 16.76 10.15
C ILE A 354 -12.93 15.38 9.60
N PRO A 355 -13.47 15.01 8.44
CA PRO A 355 -13.16 13.69 7.86
C PRO A 355 -11.67 13.53 7.57
N GLU A 356 -11.25 12.28 7.42
CA GLU A 356 -9.84 11.98 7.19
C GLU A 356 -9.39 12.43 5.81
N TRP A 357 -10.30 12.46 4.83
CA TRP A 357 -9.94 12.93 3.50
C TRP A 357 -9.88 14.45 3.44
N LEU A 358 -10.65 15.13 4.28
CA LEU A 358 -10.67 16.58 4.34
C LEU A 358 -9.66 17.15 5.32
N SER A 359 -8.91 16.29 6.02
CA SER A 359 -7.96 16.74 7.05
C SER A 359 -6.69 17.30 6.42
N PHE A 360 -6.87 18.34 5.59
CA PHE A 360 -5.76 19.09 5.03
C PHE A 360 -5.94 20.59 5.13
N VAL A 361 -7.16 21.10 5.28
CA VAL A 361 -7.37 22.52 5.50
C VAL A 361 -7.05 22.87 6.94
N LYS A 362 -6.81 24.16 7.19
CA LYS A 362 -6.50 24.64 8.52
C LYS A 362 -7.60 25.60 8.99
N GLY A 363 -7.49 26.06 10.23
CA GLY A 363 -8.39 27.06 10.74
C GLY A 363 -8.95 26.69 12.09
N VAL A 364 -9.94 27.46 12.53
CA VAL A 364 -10.55 27.32 13.84
C VAL A 364 -12.06 27.27 13.71
N VAL A 365 -12.71 26.69 14.71
CA VAL A 365 -14.16 26.63 14.80
C VAL A 365 -14.55 26.91 16.25
N ASP A 366 -15.32 27.98 16.46
CA ASP A 366 -15.76 28.38 17.79
C ASP A 366 -17.26 28.15 17.92
N SER A 367 -17.67 27.62 19.08
CA SER A 367 -19.07 27.34 19.35
C SER A 367 -19.33 27.57 20.84
N GLU A 368 -20.61 27.47 21.22
CA GLU A 368 -21.01 27.66 22.61
C GLU A 368 -21.92 26.56 23.15
N ASP A 369 -22.44 25.66 22.31
CA ASP A 369 -23.37 24.64 22.73
C ASP A 369 -22.73 23.26 22.83
N LEU A 370 -21.41 23.19 22.71
CA LEU A 370 -20.72 21.90 22.74
C LEU A 370 -20.57 21.42 24.18
N PRO A 371 -21.05 20.23 24.52
CA PRO A 371 -20.80 19.70 25.86
C PRO A 371 -19.38 19.15 25.99
N LEU A 372 -18.79 19.38 27.15
CA LEU A 372 -17.40 19.03 27.40
C LEU A 372 -17.30 18.21 28.69
N ASN A 373 -16.08 17.88 29.07
CA ASN A 373 -15.81 17.11 30.28
C ASN A 373 -15.96 18.01 31.50
N LEU A 374 -15.61 17.48 32.68
CA LEU A 374 -15.71 18.25 33.91
C LEU A 374 -14.78 19.46 33.87
N SER A 375 -13.53 19.26 33.44
CA SER A 375 -12.58 20.35 33.34
C SER A 375 -12.71 21.12 32.03
N ARG A 376 -13.48 20.62 31.07
CA ARG A 376 -13.74 21.30 29.81
C ARG A 376 -12.47 21.50 28.99
N GLU A 377 -11.57 20.51 29.03
CA GLU A 377 -10.39 20.50 28.18
C GLU A 377 -10.34 19.34 27.19
N MET A 378 -11.29 18.41 27.25
CA MET A 378 -11.31 17.27 26.36
C MET A 378 -12.74 16.99 25.91
N LEU A 379 -12.87 16.50 24.68
CA LEU A 379 -14.16 16.17 24.09
C LEU A 379 -14.23 14.68 23.79
N GLN A 380 -15.40 14.09 24.00
CA GLN A 380 -15.65 12.68 23.76
C GLN A 380 -16.66 12.53 22.62
N GLN A 381 -16.95 11.27 22.28
CA GLN A 381 -17.88 10.99 21.19
C GLN A 381 -19.28 11.47 21.53
N ASN A 382 -19.92 12.17 20.59
CA ASN A 382 -21.28 12.64 20.76
C ASN A 382 -21.87 12.85 19.37
N LYS A 383 -23.16 13.22 19.34
CA LYS A 383 -23.87 13.46 18.09
C LYS A 383 -23.94 14.93 17.72
N ILE A 384 -23.66 15.85 18.65
CA ILE A 384 -23.72 17.26 18.34
C ILE A 384 -22.59 17.66 17.40
N MET A 385 -21.43 16.99 17.49
CA MET A 385 -20.32 17.30 16.62
C MET A 385 -20.57 16.86 15.17
N LYS A 386 -21.48 15.90 14.96
CA LYS A 386 -21.73 15.42 13.60
C LYS A 386 -22.37 16.49 12.74
N VAL A 387 -23.31 17.26 13.31
CA VAL A 387 -23.94 18.32 12.52
C VAL A 387 -22.95 19.44 12.24
N ILE A 388 -22.04 19.73 13.17
CA ILE A 388 -21.00 20.72 12.90
C ILE A 388 -20.07 20.23 11.81
N ARG A 389 -19.76 18.93 11.81
CA ARG A 389 -18.92 18.35 10.75
C ARG A 389 -19.61 18.45 9.39
N LYS A 390 -20.92 18.19 9.35
CA LYS A 390 -21.65 18.31 8.09
C LYS A 390 -21.68 19.75 7.61
N ASN A 391 -21.88 20.70 8.53
CA ASN A 391 -21.84 22.11 8.14
C ASN A 391 -20.46 22.51 7.62
N ILE A 392 -19.41 22.02 8.29
CA ILE A 392 -18.05 22.33 7.85
C ILE A 392 -17.79 21.78 6.45
N VAL A 393 -18.21 20.53 6.20
CA VAL A 393 -17.92 19.93 4.90
C VAL A 393 -18.75 20.60 3.80
N LYS A 394 -19.99 20.99 4.09
CA LYS A 394 -20.79 21.65 3.07
C LYS A 394 -20.27 23.06 2.78
N LYS A 395 -19.81 23.76 3.82
CA LYS A 395 -19.23 25.08 3.59
C LYS A 395 -17.90 24.99 2.86
N LEU A 396 -17.12 23.94 3.12
CA LEU A 396 -15.90 23.75 2.35
C LEU A 396 -16.19 23.37 0.91
N ILE A 397 -17.28 22.66 0.66
CA ILE A 397 -17.70 22.39 -0.72
C ILE A 397 -18.08 23.68 -1.41
N GLU A 398 -18.81 24.56 -0.70
CA GLU A 398 -19.15 25.86 -1.26
C GLU A 398 -17.89 26.68 -1.54
N ALA A 399 -16.90 26.60 -0.64
CA ALA A 399 -15.64 27.31 -0.86
C ALA A 399 -14.90 26.76 -2.06
N PHE A 400 -14.91 25.45 -2.25
CA PHE A 400 -14.28 24.87 -3.43
C PHE A 400 -15.00 25.30 -4.71
N ASN A 401 -16.32 25.38 -4.66
CA ASN A 401 -17.08 25.86 -5.82
C ASN A 401 -16.73 27.32 -6.11
N GLU A 402 -16.51 28.12 -5.07
CA GLU A 402 -16.07 29.50 -5.27
C GLU A 402 -14.67 29.55 -5.86
N ILE A 403 -13.80 28.61 -5.45
CA ILE A 403 -12.47 28.50 -6.03
C ILE A 403 -12.57 28.12 -7.50
N ALA A 404 -13.60 27.37 -7.88
CA ALA A 404 -13.78 26.98 -9.27
C ALA A 404 -14.05 28.18 -10.18
N GLU A 405 -14.41 29.34 -9.61
CA GLU A 405 -14.69 30.50 -10.43
C GLU A 405 -13.41 31.10 -11.01
N ASP A 406 -12.35 31.17 -10.22
CA ASP A 406 -11.06 31.67 -10.68
C ASP A 406 -10.13 30.48 -10.90
N SER A 407 -9.86 30.17 -12.17
CA SER A 407 -9.08 28.99 -12.52
C SER A 407 -7.61 29.12 -12.11
N GLU A 408 -7.10 30.35 -11.98
CA GLU A 408 -5.69 30.53 -11.63
C GLU A 408 -5.35 29.90 -10.29
N GLN A 409 -6.26 30.00 -9.32
CA GLN A 409 -6.08 29.33 -8.04
C GLN A 409 -6.68 27.93 -8.04
N PHE A 410 -7.66 27.67 -8.90
CA PHE A 410 -8.27 26.34 -8.94
C PHE A 410 -7.30 25.29 -9.46
N ASP A 411 -6.42 25.66 -10.41
CA ASP A 411 -5.45 24.69 -10.88
C ASP A 411 -4.47 24.31 -9.79
N LYS A 412 -4.05 25.29 -8.98
CA LYS A 412 -3.18 24.98 -7.84
C LYS A 412 -3.90 24.11 -6.82
N PHE A 413 -5.16 24.46 -6.50
CA PHE A 413 -5.92 23.66 -5.56
C PHE A 413 -6.09 22.23 -6.05
N TYR A 414 -6.31 22.04 -7.35
CA TYR A 414 -6.44 20.70 -7.90
C TYR A 414 -5.12 19.95 -7.82
N SER A 415 -4.04 20.54 -8.35
CA SER A 415 -2.73 19.90 -8.28
C SER A 415 -2.29 19.62 -6.85
N ALA A 416 -2.90 20.30 -5.87
CA ALA A 416 -2.57 20.05 -4.47
C ALA A 416 -3.42 18.93 -3.86
N PHE A 417 -4.73 18.94 -4.07
CA PHE A 417 -5.62 18.05 -3.33
C PHE A 417 -6.53 17.27 -4.26
N ALA A 418 -6.03 16.87 -5.42
CA ALA A 418 -6.80 15.99 -6.30
C ALA A 418 -7.06 14.65 -5.62
N LYS A 419 -6.01 14.04 -5.05
CA LYS A 419 -6.18 12.78 -4.34
C LYS A 419 -7.13 12.93 -3.17
N ASN A 420 -7.07 14.06 -2.47
CA ASN A 420 -7.96 14.29 -1.33
C ASN A 420 -9.41 14.37 -1.79
N ILE A 421 -9.68 15.14 -2.85
CA ILE A 421 -11.06 15.29 -3.32
C ILE A 421 -11.57 13.98 -3.91
N LYS A 422 -10.68 13.17 -4.49
CA LYS A 422 -11.10 11.88 -5.03
C LYS A 422 -11.42 10.89 -3.92
N LEU A 423 -10.59 10.85 -2.88
CA LEU A 423 -10.91 10.05 -1.71
C LEU A 423 -12.20 10.52 -1.06
N GLY A 424 -12.47 11.82 -1.10
CA GLY A 424 -13.70 12.33 -0.51
C GLY A 424 -14.94 11.91 -1.28
N VAL A 425 -14.89 12.05 -2.61
CA VAL A 425 -16.03 11.62 -3.41
C VAL A 425 -16.18 10.11 -3.41
N HIS A 426 -15.09 9.37 -3.17
CA HIS A 426 -15.20 7.92 -3.04
C HIS A 426 -15.82 7.52 -1.71
N GLU A 427 -15.46 8.21 -0.63
CA GLU A 427 -15.94 7.82 0.70
C GLU A 427 -17.36 8.32 0.94
N ASP A 428 -17.58 9.63 0.80
CA ASP A 428 -18.87 10.21 1.12
C ASP A 428 -19.92 9.84 0.06
N THR A 429 -21.17 9.80 0.49
CA THR A 429 -22.31 9.56 -0.39
C THR A 429 -23.35 10.66 -0.35
N GLN A 430 -23.44 11.43 0.75
CA GLN A 430 -24.34 12.57 0.79
C GLN A 430 -23.86 13.69 -0.13
N ASN A 431 -22.55 13.93 -0.14
CA ASN A 431 -21.94 14.97 -0.96
C ASN A 431 -21.18 14.40 -2.15
N ARG A 432 -21.50 13.16 -2.55
CA ARG A 432 -20.78 12.54 -3.66
C ARG A 432 -21.01 13.29 -4.96
N ALA A 433 -22.28 13.56 -5.30
CA ALA A 433 -22.57 14.31 -6.51
C ALA A 433 -22.10 15.76 -6.39
N ALA A 434 -22.06 16.30 -5.17
CA ALA A 434 -21.55 17.65 -4.98
C ALA A 434 -20.04 17.71 -5.19
N LEU A 435 -19.31 16.69 -4.71
CA LEU A 435 -17.88 16.63 -4.93
C LEU A 435 -17.52 16.24 -6.35
N ALA A 436 -18.44 15.62 -7.09
CA ALA A 436 -18.18 15.26 -8.47
C ALA A 436 -18.03 16.49 -9.37
N LYS A 437 -18.55 17.64 -8.96
CA LYS A 437 -18.43 18.85 -9.77
C LYS A 437 -17.01 19.40 -9.78
N LEU A 438 -16.17 19.00 -8.84
CA LEU A 438 -14.80 19.49 -8.75
C LEU A 438 -13.80 18.61 -9.49
N LEU A 439 -14.26 17.53 -10.12
CA LEU A 439 -13.36 16.61 -10.81
C LEU A 439 -12.96 17.19 -12.16
N ARG A 440 -11.65 17.22 -12.41
CA ARG A 440 -11.10 17.76 -13.65
C ARG A 440 -10.16 16.73 -14.25
N TYR A 441 -10.44 16.32 -15.49
CA TYR A 441 -9.63 15.34 -16.19
C TYR A 441 -9.47 15.75 -17.64
N ASN A 442 -8.63 15.02 -18.36
CA ASN A 442 -8.47 15.20 -19.79
C ASN A 442 -9.42 14.28 -20.55
N SER A 443 -9.52 14.51 -21.85
CA SER A 443 -10.39 13.72 -22.70
C SER A 443 -9.84 13.71 -24.12
N THR A 444 -10.56 13.05 -25.03
CA THR A 444 -10.15 12.99 -26.43
C THR A 444 -10.23 14.36 -27.11
N LYS A 445 -11.05 15.26 -26.59
CA LYS A 445 -11.18 16.60 -27.14
C LYS A 445 -10.66 17.69 -26.21
N SER A 446 -10.10 17.31 -25.07
CA SER A 446 -9.58 18.26 -24.08
C SER A 446 -8.19 17.82 -23.61
N VAL A 447 -7.32 17.49 -24.57
CA VAL A 447 -5.96 17.10 -24.25
C VAL A 447 -5.11 18.26 -23.77
N ASP A 448 -5.55 19.50 -23.97
CA ASP A 448 -4.77 20.67 -23.61
C ASP A 448 -5.07 21.20 -22.22
N GLU A 449 -6.28 20.95 -21.72
CA GLU A 449 -6.68 21.46 -20.41
C GLU A 449 -7.59 20.45 -19.73
N LEU A 450 -7.63 20.53 -18.40
CA LEU A 450 -8.45 19.62 -17.59
C LEU A 450 -9.90 20.10 -17.63
N THR A 451 -10.76 19.33 -18.27
CA THR A 451 -12.17 19.66 -18.37
C THR A 451 -12.95 19.00 -17.24
N SER A 452 -14.12 19.56 -16.95
CA SER A 452 -14.99 19.07 -15.90
C SER A 452 -16.04 18.12 -16.47
N LEU A 453 -16.77 17.47 -15.56
CA LEU A 453 -17.84 16.58 -15.97
C LEU A 453 -19.03 17.35 -16.53
N THR A 454 -19.31 18.54 -15.99
CA THR A 454 -20.37 19.37 -16.53
C THR A 454 -20.03 19.85 -17.93
N ASP A 455 -18.78 20.27 -18.14
CA ASP A 455 -18.34 20.65 -19.48
C ASP A 455 -18.33 19.46 -20.42
N TYR A 456 -18.15 18.25 -19.88
CA TYR A 456 -18.19 17.05 -20.71
C TYR A 456 -19.62 16.75 -21.17
N VAL A 457 -20.57 16.76 -20.23
CA VAL A 457 -21.96 16.49 -20.60
C VAL A 457 -22.57 17.64 -21.39
N THR A 458 -21.96 18.84 -21.32
CA THR A 458 -22.45 19.93 -22.14
C THR A 458 -22.17 19.69 -23.62
N ARG A 459 -21.01 19.15 -23.93
CA ARG A 459 -20.64 18.82 -25.31
C ARG A 459 -21.12 17.43 -25.73
N MET A 460 -21.95 16.79 -24.91
CA MET A 460 -22.43 15.45 -25.23
C MET A 460 -23.48 15.53 -26.32
N PRO A 461 -23.40 14.70 -27.36
CA PRO A 461 -24.42 14.72 -28.42
C PRO A 461 -25.77 14.27 -27.90
N GLU A 462 -26.79 14.44 -28.75
CA GLU A 462 -28.15 14.10 -28.36
C GLU A 462 -28.39 12.59 -28.32
N HIS A 463 -27.57 11.80 -29.01
CA HIS A 463 -27.73 10.36 -29.05
C HIS A 463 -26.83 9.62 -28.06
N GLN A 464 -26.02 10.34 -27.29
CA GLN A 464 -25.16 9.74 -26.29
C GLN A 464 -25.76 9.98 -24.91
N LYS A 465 -25.82 8.91 -24.10
CA LYS A 465 -26.37 8.99 -22.75
C LYS A 465 -25.46 8.30 -21.73
N ASN A 466 -24.17 8.17 -22.03
CA ASN A 466 -23.24 7.50 -21.13
C ASN A 466 -21.90 8.24 -21.15
N ILE A 467 -21.40 8.55 -19.96
CA ILE A 467 -20.09 9.19 -19.83
C ILE A 467 -19.03 8.10 -19.92
N TYR A 468 -18.34 8.02 -21.04
CA TYR A 468 -17.32 7.00 -21.27
C TYR A 468 -15.99 7.46 -20.69
N TYR A 469 -15.34 6.58 -19.94
CA TYR A 469 -14.03 6.88 -19.38
C TYR A 469 -13.12 5.66 -19.52
N ILE A 470 -11.83 5.93 -19.58
CA ILE A 470 -10.81 4.89 -19.74
C ILE A 470 -9.65 5.18 -18.79
N THR A 471 -9.18 4.13 -18.13
CA THR A 471 -8.09 4.25 -17.16
C THR A 471 -6.84 3.54 -17.67
N GLY A 472 -5.70 3.96 -17.13
CA GLY A 472 -4.43 3.36 -17.50
C GLY A 472 -3.36 3.72 -16.49
N GLU A 473 -2.14 3.26 -16.77
CA GLU A 473 -1.02 3.53 -15.87
C GLU A 473 -0.49 4.94 -16.05
N SER A 474 -0.54 5.49 -17.26
CA SER A 474 -0.05 6.83 -17.53
C SER A 474 -0.81 7.41 -18.71
N LEU A 475 -0.67 8.73 -18.90
CA LEU A 475 -1.38 9.41 -19.97
C LEU A 475 -0.90 8.97 -21.35
N LYS A 476 0.38 8.63 -21.48
CA LYS A 476 0.92 8.25 -22.78
C LYS A 476 0.28 6.96 -23.28
N ALA A 477 0.02 6.01 -22.40
CA ALA A 477 -0.61 4.76 -22.79
C ALA A 477 -2.10 4.93 -23.06
N VAL A 478 -2.77 5.81 -22.33
CA VAL A 478 -4.19 6.01 -22.52
C VAL A 478 -4.46 6.79 -23.81
N GLU A 479 -3.59 7.74 -24.13
CA GLU A 479 -3.80 8.56 -25.32
C GLU A 479 -3.75 7.71 -26.59
N LYS A 480 -2.91 6.68 -26.61
CA LYS A 480 -2.76 5.81 -27.76
C LYS A 480 -3.49 4.48 -27.59
N SER A 481 -4.44 4.41 -26.66
CA SER A 481 -5.18 3.18 -26.45
C SER A 481 -6.09 2.91 -27.64
N PRO A 482 -6.22 1.64 -28.07
CA PRO A 482 -7.08 1.35 -29.23
C PRO A 482 -8.56 1.48 -28.92
N PHE A 483 -8.96 1.31 -27.66
CA PHE A 483 -10.38 1.35 -27.30
C PHE A 483 -11.04 2.68 -27.65
N LEU A 484 -10.24 3.73 -27.87
CA LEU A 484 -10.79 5.02 -28.24
C LEU A 484 -11.04 5.17 -29.73
N ASP A 485 -10.30 4.41 -30.56
CA ASP A 485 -10.35 4.61 -32.01
C ASP A 485 -11.78 4.52 -32.52
N ALA A 486 -12.44 3.38 -32.31
CA ALA A 486 -13.84 3.26 -32.70
C ALA A 486 -14.70 4.30 -31.99
N LEU A 487 -14.39 4.56 -30.71
CA LEU A 487 -15.13 5.58 -29.97
C LEU A 487 -14.85 6.97 -30.52
N LYS A 488 -13.73 7.17 -31.21
CA LYS A 488 -13.49 8.42 -31.92
C LYS A 488 -14.13 8.42 -33.30
N ALA A 489 -14.49 7.25 -33.83
CA ALA A 489 -15.14 7.20 -35.12
C ALA A 489 -16.58 7.72 -35.04
N LYS A 490 -17.28 7.41 -33.95
CA LYS A 490 -18.63 7.88 -33.72
C LYS A 490 -18.67 9.25 -33.06
N ASN A 491 -17.54 9.94 -32.99
CA ASN A 491 -17.46 11.29 -32.42
C ASN A 491 -17.93 11.31 -30.97
N PHE A 492 -17.49 10.33 -30.19
CA PHE A 492 -17.82 10.24 -28.77
C PHE A 492 -16.60 10.63 -27.95
N GLU A 493 -16.78 11.60 -27.05
CA GLU A 493 -15.69 12.03 -26.18
C GLU A 493 -15.54 11.05 -25.02
N VAL A 494 -14.29 10.74 -24.68
CA VAL A 494 -13.97 9.77 -23.64
C VAL A 494 -12.98 10.41 -22.67
N LEU A 495 -13.26 10.31 -21.38
CA LEU A 495 -12.38 10.87 -20.36
C LEU A 495 -11.22 9.92 -20.08
N PHE A 496 -10.11 10.50 -19.64
CA PHE A 496 -8.89 9.76 -19.31
C PHE A 496 -8.67 9.81 -17.81
N LEU A 497 -8.27 8.67 -17.23
CA LEU A 497 -7.96 8.57 -15.81
C LEU A 497 -6.56 8.01 -15.64
N THR A 498 -5.73 8.70 -14.88
CA THR A 498 -4.32 8.34 -14.71
C THR A 498 -3.98 7.81 -13.33
N ASP A 499 -4.53 8.39 -12.27
CA ASP A 499 -4.18 7.97 -10.92
C ASP A 499 -4.91 6.68 -10.55
N PRO A 500 -4.33 5.87 -9.65
CA PRO A 500 -5.01 4.63 -9.23
C PRO A 500 -6.24 4.86 -8.38
N ILE A 501 -6.61 6.10 -8.06
CA ILE A 501 -7.76 6.38 -7.21
C ILE A 501 -8.97 6.87 -8.00
N ASP A 502 -8.81 7.18 -9.29
CA ASP A 502 -9.95 7.64 -10.06
C ASP A 502 -10.94 6.50 -10.31
N GLU A 503 -10.44 5.28 -10.51
CA GLU A 503 -11.33 4.15 -10.76
C GLU A 503 -12.30 3.95 -9.61
N TYR A 504 -11.83 4.07 -8.38
CA TYR A 504 -12.68 3.82 -7.22
C TYR A 504 -13.75 4.89 -7.08
N ALA A 505 -13.34 6.16 -7.24
CA ALA A 505 -14.32 7.25 -7.18
C ALA A 505 -15.33 7.14 -8.31
N PHE A 506 -14.93 6.63 -9.47
CA PHE A 506 -15.86 6.49 -10.58
C PHE A 506 -16.86 5.36 -10.33
N THR A 507 -16.37 4.21 -9.84
CA THR A 507 -17.29 3.12 -9.50
C THR A 507 -18.13 3.43 -8.28
N GLN A 508 -17.76 4.42 -7.47
CA GLN A 508 -18.62 4.88 -6.39
C GLN A 508 -19.64 5.91 -6.85
N LEU A 509 -19.28 6.74 -7.84
CA LEU A 509 -20.21 7.73 -8.36
C LEU A 509 -21.34 7.07 -9.15
N LYS A 510 -20.98 6.29 -10.16
CA LYS A 510 -21.90 5.45 -10.95
C LYS A 510 -22.81 6.27 -11.87
N GLU A 511 -22.79 7.59 -11.75
CA GLU A 511 -23.67 8.45 -12.54
C GLU A 511 -23.31 9.90 -12.27
N PHE A 512 -23.60 10.75 -13.26
CA PHE A 512 -23.41 12.19 -13.12
C PHE A 512 -24.49 12.90 -13.92
N GLU A 513 -25.40 13.58 -13.21
CA GLU A 513 -26.49 14.34 -13.84
C GLU A 513 -27.35 13.43 -14.74
N GLY A 514 -27.58 12.21 -14.28
CA GLY A 514 -28.37 11.26 -15.03
C GLY A 514 -27.62 10.48 -16.09
N LYS A 515 -26.34 10.75 -16.28
CA LYS A 515 -25.51 10.05 -17.26
C LYS A 515 -24.65 9.02 -16.54
N THR A 516 -24.85 7.75 -16.87
CA THR A 516 -24.14 6.67 -16.21
C THR A 516 -22.69 6.62 -16.68
N LEU A 517 -21.79 6.32 -15.74
CA LEU A 517 -20.38 6.19 -16.05
C LEU A 517 -20.11 4.80 -16.63
N VAL A 518 -19.42 4.77 -17.77
CA VAL A 518 -19.13 3.53 -18.49
C VAL A 518 -17.62 3.42 -18.65
N ASP A 519 -17.04 2.38 -18.05
CA ASP A 519 -15.63 2.08 -18.20
C ASP A 519 -15.44 1.23 -19.44
N ILE A 520 -14.75 1.78 -20.45
CA ILE A 520 -14.62 1.07 -21.73
C ILE A 520 -13.59 -0.03 -21.70
N THR A 521 -12.77 -0.11 -20.65
CA THR A 521 -11.88 -1.25 -20.51
C THR A 521 -12.63 -2.54 -20.19
N LYS A 522 -13.83 -2.42 -19.62
CA LYS A 522 -14.72 -3.55 -19.41
C LYS A 522 -15.78 -3.59 -20.49
N ASP A 523 -16.54 -4.68 -20.51
CA ASP A 523 -17.57 -4.87 -21.53
C ASP A 523 -18.70 -3.86 -21.32
N PHE A 524 -19.23 -3.36 -22.42
CA PHE A 524 -20.35 -2.41 -22.39
C PHE A 524 -21.05 -2.46 -23.75
N GLU A 525 -22.10 -1.66 -23.87
CA GLU A 525 -22.91 -1.61 -25.09
C GLU A 525 -22.78 -0.22 -25.72
N LEU A 526 -22.44 -0.19 -27.00
CA LEU A 526 -22.30 1.06 -27.74
C LEU A 526 -23.58 1.32 -28.53
N GLU A 527 -23.87 2.61 -28.74
CA GLU A 527 -25.07 3.00 -29.46
C GLU A 527 -24.97 2.59 -30.92
N GLU A 528 -26.06 2.03 -31.44
CA GLU A 528 -26.11 1.60 -32.83
C GLU A 528 -27.57 1.58 -33.28
N THR A 529 -27.75 1.70 -34.60
CA THR A 529 -29.07 1.74 -35.19
C THR A 529 -29.55 0.33 -35.52
N ASP A 530 -30.82 0.24 -35.96
CA ASP A 530 -31.38 -1.05 -36.32
C ASP A 530 -30.74 -1.61 -37.58
N GLU A 531 -30.53 -0.76 -38.59
CA GLU A 531 -29.86 -1.21 -39.81
C GLU A 531 -28.42 -1.60 -39.51
N GLU A 532 -27.76 -0.93 -38.56
CA GLU A 532 -26.42 -1.32 -38.17
C GLU A 532 -26.42 -2.71 -37.53
N LYS A 533 -27.39 -2.99 -36.67
CA LYS A 533 -27.51 -4.32 -36.08
C LYS A 533 -27.77 -5.37 -37.15
N ALA A 534 -28.63 -5.06 -38.12
CA ALA A 534 -28.95 -6.02 -39.17
C ALA A 534 -27.75 -6.28 -40.06
N GLU A 535 -26.92 -5.26 -40.30
CA GLU A 535 -25.72 -5.45 -41.10
C GLU A 535 -24.58 -6.11 -40.33
N ARG A 536 -24.58 -5.99 -39.00
CA ARG A 536 -23.54 -6.59 -38.18
C ARG A 536 -23.83 -8.02 -37.80
N GLU A 537 -25.11 -8.42 -37.71
CA GLU A 537 -25.42 -9.80 -37.40
C GLU A 537 -25.03 -10.74 -38.54
N LYS A 538 -25.15 -10.29 -39.79
CA LYS A 538 -24.74 -11.11 -40.92
C LYS A 538 -23.23 -11.31 -40.94
N GLU A 539 -22.47 -10.35 -40.41
CA GLU A 539 -21.02 -10.50 -40.33
C GLU A 539 -20.60 -11.29 -39.09
N ILE A 540 -21.42 -11.25 -38.04
CA ILE A 540 -21.11 -12.04 -36.84
C ILE A 540 -21.40 -13.51 -37.07
N LYS A 541 -22.49 -13.82 -37.77
CA LYS A 541 -22.88 -15.22 -37.96
C LYS A 541 -21.86 -15.99 -38.80
N GLU A 542 -21.15 -15.31 -39.71
CA GLU A 542 -20.16 -15.99 -40.53
C GLU A 542 -18.82 -16.16 -39.83
N TYR A 543 -18.57 -15.40 -38.77
CA TYR A 543 -17.35 -15.52 -37.99
C TYR A 543 -17.54 -16.40 -36.75
N GLU A 544 -18.65 -17.12 -36.66
CA GLU A 544 -18.95 -17.95 -35.50
C GLU A 544 -17.99 -19.13 -35.36
N PRO A 545 -17.67 -19.87 -36.44
CA PRO A 545 -16.65 -20.92 -36.29
C PRO A 545 -15.30 -20.38 -35.88
N LEU A 546 -14.92 -19.20 -36.35
CA LEU A 546 -13.67 -18.59 -35.91
C LEU A 546 -13.70 -18.29 -34.42
N THR A 547 -14.83 -17.78 -33.91
CA THR A 547 -14.95 -17.51 -32.48
C THR A 547 -14.90 -18.79 -31.67
N LYS A 548 -15.51 -19.87 -32.18
CA LYS A 548 -15.46 -21.15 -31.48
C LYS A 548 -14.05 -21.71 -31.46
N ALA A 549 -13.30 -21.53 -32.55
CA ALA A 549 -11.91 -21.97 -32.57
C ALA A 549 -11.08 -21.17 -31.58
N LEU A 550 -11.26 -19.84 -31.55
CA LEU A 550 -10.61 -19.01 -30.54
C LEU A 550 -10.92 -19.50 -29.14
N LYS A 551 -12.20 -19.80 -28.87
CA LYS A 551 -12.60 -20.18 -27.53
C LYS A 551 -11.98 -21.52 -27.12
N ASP A 552 -12.10 -22.54 -27.96
CA ASP A 552 -11.59 -23.85 -27.60
C ASP A 552 -10.08 -23.97 -27.76
N ILE A 553 -9.41 -22.95 -28.33
CA ILE A 553 -7.96 -22.90 -28.29
C ILE A 553 -7.46 -22.19 -27.04
N LEU A 554 -8.13 -21.11 -26.64
CA LEU A 554 -7.70 -20.37 -25.45
C LEU A 554 -8.04 -21.13 -24.18
N GLY A 555 -9.20 -21.78 -24.13
CA GLY A 555 -9.56 -22.56 -22.97
C GLY A 555 -9.93 -21.75 -21.76
N ASP A 556 -9.09 -21.78 -20.72
CA ASP A 556 -9.41 -21.15 -19.45
C ASP A 556 -9.14 -19.64 -19.50
N GLN A 557 -8.21 -19.21 -20.36
CA GLN A 557 -7.77 -17.82 -20.36
C GLN A 557 -8.94 -16.86 -20.57
N VAL A 558 -9.83 -17.17 -21.50
CA VAL A 558 -11.00 -16.33 -21.77
C VAL A 558 -12.25 -17.15 -21.55
N GLU A 559 -13.33 -16.46 -21.19
CA GLU A 559 -14.62 -17.11 -20.99
C GLU A 559 -15.45 -17.17 -22.27
N LYS A 560 -15.25 -16.22 -23.19
CA LYS A 560 -15.97 -16.20 -24.44
C LYS A 560 -15.25 -15.30 -25.42
N VAL A 561 -15.38 -15.61 -26.71
CA VAL A 561 -14.79 -14.83 -27.79
C VAL A 561 -15.93 -14.32 -28.66
N VAL A 562 -16.16 -13.02 -28.62
CA VAL A 562 -17.27 -12.39 -29.35
C VAL A 562 -16.68 -11.42 -30.37
N VAL A 563 -17.33 -11.34 -31.53
CA VAL A 563 -16.94 -10.38 -32.57
C VAL A 563 -17.43 -9.01 -32.12
N SER A 564 -16.53 -8.20 -31.60
CA SER A 564 -16.87 -6.89 -31.07
C SER A 564 -16.67 -5.81 -32.11
N TYR A 565 -17.55 -4.81 -32.10
CA TYR A 565 -17.46 -3.66 -33.00
C TYR A 565 -17.00 -2.41 -32.27
N LYS A 566 -16.53 -2.54 -31.03
CA LYS A 566 -16.00 -1.41 -30.27
C LYS A 566 -14.54 -1.10 -30.61
N LEU A 567 -14.00 -1.75 -31.63
CA LEU A 567 -12.65 -1.48 -32.12
C LEU A 567 -12.73 -1.02 -33.57
N LEU A 568 -11.70 -0.28 -34.00
CA LEU A 568 -11.66 0.28 -35.34
C LEU A 568 -10.62 -0.38 -36.23
N ASP A 569 -9.36 -0.44 -35.78
CA ASP A 569 -8.29 -1.01 -36.58
C ASP A 569 -7.44 -2.04 -35.83
N ALA A 570 -7.55 -2.12 -34.52
CA ALA A 570 -6.80 -3.12 -33.77
C ALA A 570 -7.30 -4.51 -34.11
N PRO A 571 -6.43 -5.44 -34.49
CA PRO A 571 -6.91 -6.79 -34.85
C PRO A 571 -7.57 -7.53 -33.70
N ALA A 572 -7.13 -7.30 -32.47
CA ALA A 572 -7.70 -8.00 -31.33
C ALA A 572 -7.44 -7.20 -30.07
N ALA A 573 -8.23 -7.50 -29.04
CA ALA A 573 -8.11 -6.82 -27.75
C ALA A 573 -8.66 -7.73 -26.67
N ILE A 574 -8.31 -7.42 -25.43
CA ILE A 574 -8.77 -8.15 -24.26
C ILE A 574 -9.68 -7.23 -23.45
N ARG A 575 -10.92 -7.65 -23.25
CA ARG A 575 -11.90 -6.90 -22.48
C ARG A 575 -12.25 -7.70 -21.23
N THR A 576 -12.15 -7.05 -20.07
CA THR A 576 -12.47 -7.75 -18.83
C THR A 576 -13.93 -8.19 -18.84
N GLY A 577 -14.15 -9.44 -18.48
CA GLY A 577 -15.50 -9.98 -18.37
C GLY A 577 -16.38 -9.12 -17.48
N GLN A 578 -17.66 -9.04 -17.81
CA GLN A 578 -18.58 -8.19 -17.06
C GLN A 578 -18.61 -8.61 -15.59
N PHE A 579 -18.91 -7.64 -14.72
CA PHE A 579 -18.89 -7.77 -13.27
C PHE A 579 -17.47 -7.88 -12.72
N GLY A 580 -16.47 -7.56 -13.52
CA GLY A 580 -15.07 -7.66 -13.14
C GLY A 580 -14.47 -6.33 -12.73
N TRP A 581 -13.16 -6.21 -12.94
CA TRP A 581 -12.40 -5.03 -12.55
C TRP A 581 -11.72 -4.42 -13.77
N SER A 582 -11.33 -3.16 -13.65
CA SER A 582 -10.57 -2.52 -14.70
C SER A 582 -9.11 -3.00 -14.68
N ALA A 583 -8.37 -2.62 -15.71
CA ALA A 583 -6.97 -3.04 -15.80
C ALA A 583 -6.13 -2.40 -14.71
N ASN A 584 -6.28 -1.09 -14.51
CA ASN A 584 -5.51 -0.40 -13.47
C ASN A 584 -5.93 -0.87 -12.08
N MET A 585 -7.23 -1.09 -11.87
CA MET A 585 -7.68 -1.56 -10.56
C MET A 585 -7.07 -2.92 -10.23
N GLU A 586 -7.06 -3.84 -11.20
CA GLU A 586 -6.45 -5.14 -10.98
C GLU A 586 -4.95 -5.02 -10.77
N ARG A 587 -4.29 -4.14 -11.54
CA ARG A 587 -2.85 -3.97 -11.39
C ARG A 587 -2.47 -3.43 -10.02
N ILE A 588 -3.29 -2.55 -9.45
CA ILE A 588 -3.01 -2.04 -8.12
C ILE A 588 -3.39 -3.06 -7.04
N MET A 589 -4.51 -3.77 -7.21
CA MET A 589 -4.94 -4.71 -6.19
C MET A 589 -4.04 -5.94 -6.12
N LYS A 590 -3.39 -6.30 -7.24
CA LYS A 590 -2.43 -7.39 -7.22
C LYS A 590 -1.15 -7.01 -6.49
N ALA A 591 -0.93 -5.71 -6.25
CA ALA A 591 0.27 -5.22 -5.61
C ALA A 591 0.01 -4.69 -4.20
N GLN A 592 -1.16 -4.98 -3.63
CA GLN A 592 -1.43 -4.52 -2.27
C GLN A 592 -0.56 -5.23 -1.25
N ALA A 593 -0.21 -6.50 -1.51
CA ALA A 593 0.72 -7.26 -0.68
C ALA A 593 0.24 -7.36 0.77
N LEU A 594 -1.06 -7.65 0.93
CA LEU A 594 -1.63 -7.87 2.24
C LEU A 594 -2.53 -9.10 2.33
N ARG A 595 -3.07 -9.59 1.22
CA ARG A 595 -3.91 -10.78 1.23
C ARG A 595 -3.63 -11.71 0.06
N ASP A 596 -2.58 -11.44 -0.73
CA ASP A 596 -2.27 -12.23 -1.92
C ASP A 596 -1.76 -13.63 -1.58
N SER A 597 -1.69 -13.99 -0.30
CA SER A 597 -1.25 -15.33 0.07
C SER A 597 -2.27 -16.36 -0.41
N SER A 598 -1.77 -17.45 -1.01
CA SER A 598 -2.57 -18.54 -1.55
C SER A 598 -3.49 -18.10 -2.69
N MET A 599 -3.19 -16.96 -3.31
CA MET A 599 -3.93 -16.46 -4.47
C MET A 599 -5.41 -16.29 -4.13
N SER A 600 -5.69 -15.34 -3.23
CA SER A 600 -7.04 -15.08 -2.77
C SER A 600 -7.85 -14.27 -3.78
N SER A 601 -7.19 -13.54 -4.69
CA SER A 601 -7.87 -12.68 -5.66
C SER A 601 -7.62 -13.25 -7.05
N TYR A 602 -8.62 -13.96 -7.59
CA TYR A 602 -8.49 -14.56 -8.90
C TYR A 602 -9.75 -14.42 -9.75
N MET A 603 -10.71 -13.60 -9.34
CA MET A 603 -11.98 -13.50 -10.05
C MET A 603 -11.87 -12.74 -11.37
N SER A 604 -10.81 -11.95 -11.54
CA SER A 604 -10.64 -11.17 -12.76
C SER A 604 -10.11 -11.99 -13.93
N SER A 605 -9.93 -13.30 -13.77
CA SER A 605 -9.39 -14.14 -14.82
C SER A 605 -10.39 -14.48 -15.91
N LYS A 606 -11.64 -13.99 -15.80
CA LYS A 606 -12.67 -14.27 -16.80
C LYS A 606 -12.67 -13.22 -17.89
N LYS A 607 -11.53 -13.12 -18.58
CA LYS A 607 -11.37 -12.15 -19.65
C LYS A 607 -12.22 -12.55 -20.87
N THR A 608 -12.23 -11.68 -21.88
CA THR A 608 -12.92 -11.92 -23.13
C THR A 608 -12.04 -11.43 -24.27
N PHE A 609 -11.94 -12.24 -25.33
CA PHE A 609 -11.12 -11.92 -26.48
C PHE A 609 -12.00 -11.28 -27.56
N GLU A 610 -11.88 -9.97 -27.70
CA GLU A 610 -12.63 -9.25 -28.72
C GLU A 610 -11.80 -9.14 -29.99
N ILE A 611 -12.44 -9.33 -31.13
CA ILE A 611 -11.76 -9.30 -32.42
C ILE A 611 -12.49 -8.34 -33.35
N SER A 612 -11.72 -7.64 -34.18
CA SER A 612 -12.27 -6.71 -35.16
C SER A 612 -12.09 -7.29 -36.55
N PRO A 613 -13.15 -7.80 -37.19
CA PRO A 613 -12.99 -8.42 -38.51
C PRO A 613 -12.68 -7.44 -39.63
N LYS A 614 -12.58 -6.14 -39.34
CA LYS A 614 -12.20 -5.18 -40.37
C LYS A 614 -10.72 -5.23 -40.69
N SER A 615 -9.88 -5.69 -39.77
CA SER A 615 -8.45 -5.82 -40.00
C SER A 615 -8.17 -7.04 -40.88
N PRO A 616 -7.13 -6.96 -41.72
CA PRO A 616 -6.80 -8.10 -42.59
C PRO A 616 -6.35 -9.34 -41.82
N ILE A 617 -5.86 -9.18 -40.60
CA ILE A 617 -5.39 -10.34 -39.83
C ILE A 617 -6.57 -11.25 -39.48
N ILE A 618 -7.67 -10.67 -39.00
CA ILE A 618 -8.83 -11.47 -38.67
C ILE A 618 -9.45 -12.09 -39.92
N LYS A 619 -9.41 -11.36 -41.03
CA LYS A 619 -9.91 -11.92 -42.29
C LYS A 619 -9.08 -13.12 -42.71
N GLU A 620 -7.76 -13.02 -42.62
CA GLU A 620 -6.90 -14.15 -42.98
C GLU A 620 -7.10 -15.32 -42.03
N LEU A 621 -7.30 -15.05 -40.73
CA LEU A 621 -7.57 -16.12 -39.79
C LEU A 621 -8.89 -16.82 -40.09
N LYS A 622 -9.92 -16.04 -40.44
CA LYS A 622 -11.20 -16.64 -40.81
C LYS A 622 -11.06 -17.47 -42.09
N LYS A 623 -10.25 -17.00 -43.04
CA LYS A 623 -10.01 -17.77 -44.26
C LYS A 623 -9.29 -19.08 -43.95
N ARG A 624 -8.30 -19.03 -43.05
CA ARG A 624 -7.60 -20.26 -42.65
C ARG A 624 -8.55 -21.23 -41.97
N VAL A 625 -9.45 -20.72 -41.12
CA VAL A 625 -10.42 -21.59 -40.45
C VAL A 625 -11.38 -22.19 -41.48
N ASP A 626 -11.77 -21.39 -42.47
CA ASP A 626 -12.64 -21.90 -43.54
C ASP A 626 -11.95 -23.00 -44.33
N GLU A 627 -10.63 -22.86 -44.54
CA GLU A 627 -9.87 -23.90 -45.23
C GLU A 627 -9.79 -25.19 -44.44
N GLY A 628 -10.03 -25.14 -43.13
CA GLY A 628 -10.00 -26.32 -42.29
C GLY A 628 -8.77 -26.46 -41.43
N GLY A 629 -8.00 -25.40 -41.21
CA GLY A 629 -6.82 -25.47 -40.40
C GLY A 629 -7.02 -24.95 -38.99
N ALA A 630 -8.17 -25.27 -38.39
CA ALA A 630 -8.48 -24.82 -37.05
C ALA A 630 -7.62 -25.51 -35.99
N GLN A 631 -7.00 -26.64 -36.32
CA GLN A 631 -6.17 -27.39 -35.39
C GLN A 631 -4.68 -27.31 -35.73
N ASP A 632 -4.31 -26.50 -36.72
CA ASP A 632 -2.91 -26.38 -37.09
C ASP A 632 -2.12 -25.67 -36.00
N LYS A 633 -0.86 -26.08 -35.84
CA LYS A 633 -0.01 -25.48 -34.81
C LYS A 633 0.33 -24.03 -35.12
N THR A 634 0.41 -23.68 -36.41
CA THR A 634 0.68 -22.28 -36.78
C THR A 634 -0.47 -21.38 -36.33
N VAL A 635 -1.70 -21.77 -36.64
CA VAL A 635 -2.85 -21.00 -36.19
C VAL A 635 -2.86 -20.91 -34.66
N LYS A 636 -2.51 -22.02 -33.99
CA LYS A 636 -2.57 -22.05 -32.53
C LYS A 636 -1.57 -21.07 -31.92
N ASP A 637 -0.30 -21.15 -32.33
CA ASP A 637 0.68 -20.25 -31.72
C ASP A 637 0.47 -18.81 -32.16
N LEU A 638 -0.05 -18.59 -33.38
CA LEU A 638 -0.35 -17.23 -33.82
C LEU A 638 -1.45 -16.62 -32.96
N THR A 639 -2.55 -17.35 -32.73
CA THR A 639 -3.61 -16.78 -31.91
C THR A 639 -3.20 -16.69 -30.45
N ASN A 640 -2.30 -17.57 -29.99
CA ASN A 640 -1.78 -17.43 -28.63
C ASN A 640 -1.00 -16.14 -28.48
N LEU A 641 -0.07 -15.88 -29.40
CA LEU A 641 0.70 -14.64 -29.36
C LEU A 641 -0.20 -13.42 -29.49
N LEU A 642 -1.22 -13.51 -30.35
CA LEU A 642 -2.19 -12.43 -30.46
C LEU A 642 -2.90 -12.20 -29.14
N PHE A 643 -3.20 -13.28 -28.41
CA PHE A 643 -3.85 -13.15 -27.12
C PHE A 643 -2.93 -12.47 -26.11
N GLU A 644 -1.66 -12.86 -26.06
CA GLU A 644 -0.75 -12.22 -25.11
C GLU A 644 -0.56 -10.75 -25.45
N THR A 645 -0.42 -10.41 -26.73
CA THR A 645 -0.21 -9.01 -27.08
C THR A 645 -1.47 -8.19 -26.85
N ALA A 646 -2.66 -8.79 -27.01
CA ALA A 646 -3.89 -8.07 -26.71
C ALA A 646 -4.04 -7.85 -25.20
N LEU A 647 -3.69 -8.86 -24.40
CA LEU A 647 -3.71 -8.70 -22.96
C LEU A 647 -2.69 -7.65 -22.50
N LEU A 648 -1.57 -7.54 -23.23
CA LEU A 648 -0.59 -6.49 -22.93
C LEU A 648 -1.15 -5.11 -23.24
N THR A 649 -1.72 -4.94 -24.43
CA THR A 649 -2.26 -3.64 -24.82
C THR A 649 -3.48 -3.25 -23.99
N SER A 650 -4.18 -4.22 -23.39
CA SER A 650 -5.32 -3.89 -22.56
C SER A 650 -4.92 -3.41 -21.17
N GLY A 651 -3.69 -3.65 -20.75
CA GLY A 651 -3.19 -3.19 -19.47
C GLY A 651 -3.05 -4.23 -18.38
N PHE A 652 -2.87 -5.51 -18.74
CA PHE A 652 -2.70 -6.57 -17.76
C PHE A 652 -1.31 -7.18 -17.89
N SER A 653 -0.84 -7.76 -16.79
CA SER A 653 0.47 -8.41 -16.79
C SER A 653 0.38 -9.81 -17.36
N LEU A 654 1.50 -10.30 -17.87
CA LEU A 654 1.59 -11.60 -18.51
C LEU A 654 2.04 -12.67 -17.52
N GLU A 655 1.66 -13.91 -17.82
CA GLU A 655 2.16 -15.07 -17.09
C GLU A 655 3.07 -15.88 -18.02
N GLU A 656 4.15 -16.41 -17.45
CA GLU A 656 5.22 -17.12 -18.14
C GLU A 656 5.54 -16.47 -19.50
N PRO A 657 6.03 -15.23 -19.50
CA PRO A 657 6.32 -14.55 -20.78
C PRO A 657 7.46 -15.17 -21.58
N THR A 658 8.05 -16.26 -21.10
CA THR A 658 9.14 -16.90 -21.84
C THR A 658 8.64 -17.50 -23.14
N SER A 659 7.45 -18.12 -23.12
CA SER A 659 6.89 -18.65 -24.35
C SER A 659 6.54 -17.54 -25.34
N PHE A 660 6.05 -16.42 -24.83
CA PHE A 660 5.77 -15.27 -25.69
C PHE A 660 7.04 -14.75 -26.33
N ALA A 661 8.11 -14.63 -25.55
CA ALA A 661 9.39 -14.18 -26.10
C ALA A 661 9.94 -15.18 -27.11
N SER A 662 9.75 -16.48 -26.86
CA SER A 662 10.21 -17.49 -27.80
C SER A 662 9.45 -17.41 -29.11
N ARG A 663 8.13 -17.19 -29.05
CA ARG A 663 7.36 -17.04 -30.27
C ARG A 663 7.76 -15.78 -31.02
N ILE A 664 8.03 -14.69 -30.30
CA ILE A 664 8.50 -13.46 -30.94
C ILE A 664 9.83 -13.72 -31.64
N ASN A 665 10.75 -14.42 -30.98
CA ASN A 665 12.03 -14.74 -31.59
C ASN A 665 11.85 -15.66 -32.80
N ARG A 666 10.87 -16.55 -32.76
CA ARG A 666 10.61 -17.42 -33.91
C ARG A 666 10.13 -16.61 -35.10
N LEU A 667 9.19 -15.69 -34.88
CA LEU A 667 8.76 -14.81 -35.97
C LEU A 667 9.90 -13.95 -36.48
N ILE A 668 10.79 -13.52 -35.58
CA ILE A 668 11.96 -12.74 -36.01
C ILE A 668 12.87 -13.58 -36.88
N SER A 669 13.08 -14.85 -36.50
CA SER A 669 13.93 -15.74 -37.29
C SER A 669 13.33 -16.00 -38.66
N LEU A 670 12.01 -16.19 -38.73
CA LEU A 670 11.35 -16.31 -40.03
C LEU A 670 11.43 -15.02 -40.83
N GLY A 671 11.50 -13.87 -40.14
CA GLY A 671 11.67 -12.61 -40.85
C GLY A 671 13.09 -12.39 -41.34
N LEU A 672 14.08 -12.96 -40.66
CA LEU A 672 15.48 -12.83 -41.03
C LEU A 672 15.94 -13.96 -41.94
N ASN A 673 15.02 -14.79 -42.44
CA ASN A 673 15.33 -15.89 -43.35
C ASN A 673 16.33 -16.87 -42.71
N ILE A 674 16.06 -17.23 -41.45
CA ILE A 674 16.90 -18.16 -40.72
C ILE A 674 16.38 -19.57 -40.97
N ASP A 675 17.21 -20.41 -41.55
CA ASP A 675 16.83 -21.79 -41.85
C ASP A 675 16.85 -22.66 -40.60
N LYS B 270 -1.94 -20.89 42.57
CA LYS B 270 -0.63 -20.47 42.07
C LYS B 270 -0.67 -20.30 40.55
N PRO B 271 -0.17 -19.17 40.07
CA PRO B 271 -0.13 -18.93 38.62
C PRO B 271 0.79 -19.93 37.91
N LEU B 272 0.53 -20.11 36.61
CA LEU B 272 1.26 -21.10 35.84
C LEU B 272 2.70 -20.67 35.59
N TRP B 273 2.93 -19.38 35.38
CA TRP B 273 4.27 -18.91 35.05
C TRP B 273 5.23 -18.96 36.23
N THR B 274 4.74 -19.19 37.44
CA THR B 274 5.58 -19.29 38.62
C THR B 274 6.08 -20.71 38.89
N ARG B 275 5.71 -21.67 38.05
CA ARG B 275 6.09 -23.06 38.22
C ARG B 275 7.21 -23.42 37.26
N ASN B 276 7.84 -24.57 37.52
CA ASN B 276 8.91 -25.05 36.66
C ASN B 276 8.32 -25.68 35.41
N PRO B 277 8.79 -25.31 34.21
CA PRO B 277 8.23 -25.88 32.99
C PRO B 277 8.37 -27.40 32.90
N SER B 278 9.40 -27.96 33.54
CA SER B 278 9.57 -29.42 33.51
C SER B 278 8.46 -30.15 34.27
N ASP B 279 7.80 -29.47 35.21
CA ASP B 279 6.73 -30.07 36.01
C ASP B 279 5.35 -29.62 35.56
N ILE B 280 5.24 -29.06 34.35
CA ILE B 280 3.97 -28.60 33.80
C ILE B 280 3.63 -29.44 32.59
N THR B 281 2.41 -29.96 32.55
CA THR B 281 1.96 -30.79 31.44
C THR B 281 1.54 -29.93 30.26
N GLN B 282 1.34 -30.59 29.12
CA GLN B 282 0.95 -29.87 27.90
C GLN B 282 -0.50 -29.39 28.00
N GLU B 283 -1.37 -30.18 28.66
CA GLU B 283 -2.76 -29.77 28.80
C GLU B 283 -2.89 -28.49 29.61
N GLU B 284 -1.99 -28.27 30.57
CA GLU B 284 -2.02 -27.03 31.33
C GLU B 284 -1.69 -25.83 30.45
N TYR B 285 -0.68 -25.96 29.58
CA TYR B 285 -0.38 -24.89 28.64
C TYR B 285 -1.53 -24.66 27.67
N ASN B 286 -2.18 -25.74 27.23
CA ASN B 286 -3.31 -25.61 26.32
C ASN B 286 -4.46 -24.87 27.00
N ALA B 287 -4.76 -25.21 28.26
CA ALA B 287 -5.82 -24.53 28.98
C ALA B 287 -5.47 -23.06 29.22
N PHE B 288 -4.20 -22.77 29.52
CA PHE B 288 -3.78 -21.39 29.70
C PHE B 288 -3.96 -20.59 28.40
N TYR B 289 -3.62 -21.20 27.27
CA TYR B 289 -3.81 -20.53 25.99
C TYR B 289 -5.28 -20.32 25.68
N LYS B 290 -6.12 -21.32 25.97
CA LYS B 290 -7.56 -21.17 25.72
C LYS B 290 -8.17 -20.13 26.65
N SER B 291 -7.57 -19.90 27.82
CA SER B 291 -8.09 -18.88 28.72
C SER B 291 -7.62 -17.48 28.32
N ILE B 292 -6.37 -17.35 27.88
CA ILE B 292 -5.85 -16.04 27.52
C ILE B 292 -6.13 -15.69 26.06
N SER B 293 -6.41 -16.66 25.21
CA SER B 293 -6.70 -16.42 23.80
C SER B 293 -8.04 -17.05 23.43
N ASN B 294 -8.73 -16.41 22.48
CA ASN B 294 -10.03 -16.87 22.03
C ASN B 294 -9.95 -17.92 20.93
N ASP B 295 -8.75 -18.33 20.54
CA ASP B 295 -8.59 -19.34 19.51
C ASP B 295 -8.91 -20.73 20.07
N TRP B 296 -9.50 -21.57 19.23
CA TRP B 296 -9.89 -22.92 19.63
C TRP B 296 -8.86 -23.98 19.23
N GLU B 297 -7.97 -23.68 18.30
CA GLU B 297 -6.96 -24.64 17.87
C GLU B 297 -5.83 -24.69 18.88
N ASP B 298 -5.15 -25.84 18.91
CA ASP B 298 -4.00 -26.00 19.79
C ASP B 298 -2.88 -25.06 19.35
N PRO B 299 -2.26 -24.33 20.28
CA PRO B 299 -1.12 -23.48 19.91
C PRO B 299 -0.01 -24.33 19.30
N LEU B 300 0.59 -23.80 18.23
CA LEU B 300 1.59 -24.57 17.49
C LEU B 300 2.83 -24.85 18.33
N TYR B 301 3.18 -23.94 19.24
CA TYR B 301 4.36 -24.13 20.08
C TYR B 301 4.18 -23.37 21.38
N VAL B 302 4.86 -23.85 22.42
CA VAL B 302 4.86 -23.22 23.74
C VAL B 302 6.30 -23.01 24.17
N LYS B 303 6.56 -21.91 24.87
CA LYS B 303 7.91 -21.59 25.35
C LYS B 303 7.77 -20.96 26.73
N HIS B 304 8.07 -21.73 27.76
CA HIS B 304 8.09 -21.27 29.14
C HIS B 304 9.54 -21.24 29.61
N PHE B 305 10.07 -20.05 29.85
CA PHE B 305 11.45 -19.88 30.28
C PHE B 305 11.50 -18.89 31.43
N SER B 306 12.65 -18.82 32.08
CA SER B 306 12.84 -17.93 33.22
C SER B 306 14.28 -17.44 33.24
N VAL B 307 14.45 -16.14 33.41
CA VAL B 307 15.77 -15.51 33.49
C VAL B 307 16.02 -15.11 34.95
N GLU B 308 17.17 -15.50 35.47
CA GLU B 308 17.53 -15.26 36.87
C GLU B 308 18.78 -14.38 36.95
N GLY B 309 19.27 -14.20 38.17
CA GLY B 309 20.41 -13.33 38.42
C GLY B 309 20.04 -12.18 39.32
N GLN B 310 20.23 -10.95 38.86
CA GLN B 310 19.77 -9.77 39.58
C GLN B 310 18.46 -9.22 39.03
N LEU B 311 18.10 -9.59 37.81
CA LEU B 311 16.79 -9.27 37.24
C LEU B 311 16.10 -10.57 36.88
N GLU B 312 14.86 -10.72 37.33
CA GLU B 312 14.11 -11.96 37.18
C GLU B 312 12.78 -11.68 36.50
N PHE B 313 12.46 -12.51 35.50
CA PHE B 313 11.14 -12.46 34.87
C PHE B 313 10.82 -13.82 34.28
N ARG B 314 9.57 -14.25 34.45
CA ARG B 314 9.08 -15.52 33.92
C ARG B 314 8.11 -15.22 32.79
N ALA B 315 8.41 -15.74 31.60
CA ALA B 315 7.63 -15.47 30.41
C ALA B 315 7.16 -16.78 29.79
N ILE B 316 5.87 -16.88 29.51
CA ILE B 316 5.28 -18.00 28.79
C ILE B 316 4.76 -17.46 27.47
N LEU B 317 5.35 -17.91 26.36
CA LEU B 317 5.01 -17.43 25.03
C LEU B 317 4.36 -18.54 24.22
N PHE B 318 3.35 -18.18 23.44
CA PHE B 318 2.60 -19.12 22.62
C PHE B 318 2.73 -18.76 21.16
N ILE B 319 2.95 -19.77 20.32
CA ILE B 319 3.03 -19.61 18.87
C ILE B 319 1.76 -20.23 18.29
N PRO B 320 0.84 -19.43 17.73
CA PRO B 320 -0.38 -20.01 17.15
C PRO B 320 -0.09 -20.77 15.88
N LYS B 321 -1.06 -21.60 15.47
CA LYS B 321 -0.93 -22.35 14.23
C LYS B 321 -1.19 -21.51 12.99
N ARG B 322 -1.78 -20.32 13.16
CA ARG B 322 -2.06 -19.43 12.04
C ARG B 322 -2.00 -18.00 12.55
N ALA B 323 -2.13 -17.05 11.62
CA ALA B 323 -2.08 -15.65 11.99
C ALA B 323 -3.32 -15.27 12.79
N PRO B 324 -3.15 -14.71 13.99
CA PRO B 324 -4.31 -14.30 14.80
C PRO B 324 -4.91 -12.97 14.34
N PHE B 325 -5.45 -12.99 13.12
CA PHE B 325 -6.02 -11.79 12.49
C PHE B 325 -7.53 -11.76 12.57
N ASP B 326 -8.12 -12.27 13.66
CA ASP B 326 -9.55 -12.18 13.85
C ASP B 326 -9.99 -10.72 13.92
N LEU B 327 -9.51 -9.99 14.93
CA LEU B 327 -9.70 -8.55 15.06
C LEU B 327 -11.18 -8.17 15.05
N PHE B 328 -11.90 -8.66 16.06
CA PHE B 328 -13.28 -8.25 16.26
C PHE B 328 -13.39 -6.84 16.82
N GLU B 329 -12.30 -6.29 17.35
CA GLU B 329 -12.23 -4.94 17.91
C GLU B 329 -11.11 -4.16 17.25
N SER B 330 -11.09 -4.19 15.92
CA SER B 330 -10.01 -3.60 15.14
C SER B 330 -9.78 -2.13 15.51
N LYS B 331 -8.55 -1.68 15.32
CA LYS B 331 -8.06 -0.33 15.60
C LYS B 331 -8.04 -0.01 17.09
N LYS B 332 -8.39 -0.96 17.96
CA LYS B 332 -8.30 -0.79 19.39
C LYS B 332 -7.20 -1.68 19.94
N LYS B 333 -6.48 -1.18 20.95
CA LYS B 333 -5.29 -1.86 21.45
C LYS B 333 -5.69 -3.03 22.33
N LYS B 334 -5.49 -4.25 21.82
CA LYS B 334 -5.70 -5.49 22.54
C LYS B 334 -4.47 -6.38 22.41
N ASN B 335 -3.30 -5.81 22.72
CA ASN B 335 -2.03 -6.47 22.47
C ASN B 335 -2.01 -7.88 23.05
N ASN B 336 -1.22 -8.74 22.40
CA ASN B 336 -1.23 -10.17 22.74
C ASN B 336 -0.37 -10.45 23.97
N ILE B 337 0.80 -9.84 24.07
CA ILE B 337 1.71 -10.10 25.18
C ILE B 337 1.24 -9.30 26.39
N LYS B 338 0.85 -10.00 27.44
CA LYS B 338 0.44 -9.37 28.69
C LYS B 338 1.62 -9.21 29.63
N LEU B 339 1.63 -8.11 30.37
CA LEU B 339 2.69 -7.80 31.31
C LEU B 339 2.17 -7.88 32.74
N TYR B 340 3.00 -8.40 33.63
CA TYR B 340 2.66 -8.54 35.04
C TYR B 340 3.82 -8.04 35.89
N VAL B 341 3.50 -7.23 36.90
CA VAL B 341 4.49 -6.67 37.81
C VAL B 341 4.17 -7.19 39.20
N ARG B 342 5.04 -8.07 39.72
CA ARG B 342 4.87 -8.68 41.04
C ARG B 342 3.55 -9.43 41.13
N ARG B 343 3.27 -10.23 40.10
CA ARG B 343 2.06 -11.05 40.02
C ARG B 343 0.79 -10.19 40.05
N VAL B 344 0.86 -9.00 39.45
CA VAL B 344 -0.28 -8.09 39.35
C VAL B 344 -0.42 -7.67 37.89
N PHE B 345 -1.62 -7.85 37.33
CA PHE B 345 -1.89 -7.42 35.97
C PHE B 345 -1.88 -5.90 35.90
N ILE B 346 -1.33 -5.37 34.80
CA ILE B 346 -1.16 -3.92 34.62
C ILE B 346 -2.19 -3.35 33.65
N THR B 347 -2.13 -3.76 32.39
CA THR B 347 -3.00 -3.22 31.35
C THR B 347 -2.81 -4.07 30.09
N ASP B 348 -3.54 -3.69 29.04
CA ASP B 348 -3.46 -4.35 27.73
C ASP B 348 -3.03 -3.38 26.64
N GLU B 349 -2.31 -2.32 26.99
CA GLU B 349 -1.85 -1.32 26.04
C GLU B 349 -0.34 -1.35 25.83
N ALA B 350 0.33 -2.42 26.26
CA ALA B 350 1.78 -2.53 26.09
C ALA B 350 2.10 -2.75 24.62
N GLU B 351 2.60 -1.71 23.95
CA GLU B 351 2.96 -1.77 22.54
C GLU B 351 4.45 -1.96 22.32
N ASP B 352 5.28 -1.19 23.01
CA ASP B 352 6.73 -1.28 22.86
C ASP B 352 7.33 -2.48 23.56
N LEU B 353 6.52 -3.29 24.25
CA LEU B 353 7.04 -4.49 24.89
C LEU B 353 7.51 -5.52 23.87
N ILE B 354 6.87 -5.58 22.72
CA ILE B 354 7.24 -6.53 21.66
C ILE B 354 7.18 -5.79 20.32
N PRO B 355 8.14 -6.01 19.42
CA PRO B 355 8.10 -5.33 18.12
C PRO B 355 6.83 -5.65 17.35
N GLU B 356 6.44 -4.72 16.47
CA GLU B 356 5.20 -4.87 15.72
C GLU B 356 5.29 -6.02 14.72
N TRP B 357 6.47 -6.22 14.12
CA TRP B 357 6.62 -7.36 13.22
C TRP B 357 6.52 -8.68 13.96
N LEU B 358 6.96 -8.71 15.21
CA LEU B 358 6.84 -9.89 16.06
C LEU B 358 5.52 -9.94 16.82
N SER B 359 4.61 -8.99 16.57
CA SER B 359 3.36 -8.92 17.31
C SER B 359 2.34 -9.90 16.75
N PHE B 360 2.73 -11.18 16.65
CA PHE B 360 1.81 -12.24 16.28
C PHE B 360 1.79 -13.38 17.30
N VAL B 361 2.80 -13.47 18.17
CA VAL B 361 2.78 -14.47 19.23
C VAL B 361 1.97 -13.94 20.42
N LYS B 362 1.54 -14.85 21.27
CA LYS B 362 0.76 -14.52 22.46
C LYS B 362 1.48 -15.02 23.70
N GLY B 363 0.88 -14.79 24.86
CA GLY B 363 1.40 -15.23 26.13
C GLY B 363 1.51 -14.10 27.12
N VAL B 364 2.17 -14.37 28.24
CA VAL B 364 2.31 -13.42 29.32
C VAL B 364 3.77 -13.39 29.78
N VAL B 365 4.13 -12.32 30.49
CA VAL B 365 5.45 -12.17 31.09
C VAL B 365 5.28 -11.49 32.44
N ASP B 366 5.90 -12.07 33.47
CA ASP B 366 5.79 -11.58 34.84
C ASP B 366 7.17 -11.20 35.35
N SER B 367 7.29 -9.98 35.89
CA SER B 367 8.55 -9.48 36.42
C SER B 367 8.26 -8.69 37.69
N GLU B 368 9.33 -8.15 38.29
CA GLU B 368 9.19 -7.37 39.51
C GLU B 368 10.08 -6.14 39.55
N ASP B 369 10.78 -5.81 38.46
CA ASP B 369 11.70 -4.68 38.43
C ASP B 369 11.28 -3.63 37.41
N LEU B 370 10.03 -3.67 36.96
CA LEU B 370 9.58 -2.71 35.94
C LEU B 370 9.27 -1.37 36.59
N PRO B 371 9.81 -0.26 36.08
CA PRO B 371 9.52 1.08 36.63
C PRO B 371 8.19 1.65 36.13
N LEU B 372 7.12 1.25 36.79
CA LEU B 372 5.78 1.69 36.40
C LEU B 372 5.58 3.16 36.74
N ASN B 373 4.39 3.66 36.43
CA ASN B 373 4.03 5.04 36.68
C ASN B 373 3.70 5.22 38.17
N LEU B 374 3.17 6.40 38.52
CA LEU B 374 2.81 6.68 39.91
C LEU B 374 1.75 5.70 40.41
N SER B 375 0.72 5.48 39.61
CA SER B 375 -0.38 4.58 39.98
C SER B 375 -0.12 3.13 39.61
N ARG B 376 1.03 2.83 39.00
CA ARG B 376 1.42 1.46 38.66
C ARG B 376 0.44 0.81 37.69
N GLU B 377 -0.11 1.61 36.77
CA GLU B 377 -1.00 1.11 35.74
C GLU B 377 -0.56 1.48 34.33
N MET B 378 0.65 2.00 34.16
CA MET B 378 1.14 2.39 32.85
C MET B 378 2.65 2.28 32.82
N LEU B 379 3.19 1.82 31.68
CA LEU B 379 4.63 1.69 31.49
C LEU B 379 4.99 2.26 30.12
N GLN B 380 5.78 3.32 30.11
CA GLN B 380 6.17 3.97 28.86
C GLN B 380 7.40 4.82 29.09
N GLN B 381 8.19 4.98 28.04
CA GLN B 381 9.38 5.85 28.03
C GLN B 381 10.37 5.44 29.12
N ASN B 382 10.90 4.23 28.98
CA ASN B 382 11.90 3.72 29.91
C ASN B 382 12.79 2.71 29.18
N LYS B 383 13.99 2.52 29.71
CA LYS B 383 14.95 1.60 29.13
C LYS B 383 15.00 0.25 29.85
N ILE B 384 14.42 0.15 31.04
CA ILE B 384 14.40 -1.13 31.74
C ILE B 384 13.51 -2.15 31.04
N MET B 385 12.54 -1.68 30.25
CA MET B 385 11.68 -2.59 29.50
C MET B 385 12.32 -3.04 28.18
N LYS B 386 13.25 -2.25 27.63
CA LYS B 386 13.85 -2.59 26.35
C LYS B 386 14.74 -3.82 26.48
N VAL B 387 15.43 -3.97 27.61
CA VAL B 387 16.28 -5.15 27.78
C VAL B 387 15.41 -6.41 27.91
N ILE B 388 14.28 -6.31 28.61
CA ILE B 388 13.36 -7.44 28.66
C ILE B 388 12.79 -7.73 27.28
N ARG B 389 12.55 -6.69 26.48
CA ARG B 389 12.07 -6.90 25.11
C ARG B 389 13.11 -7.65 24.28
N LYS B 390 14.38 -7.28 24.41
CA LYS B 390 15.43 -7.98 23.68
C LYS B 390 15.56 -9.42 24.15
N ASN B 391 15.42 -9.65 25.46
CA ASN B 391 15.42 -11.02 25.96
C ASN B 391 14.26 -11.82 25.39
N ILE B 392 13.07 -11.20 25.30
CA ILE B 392 11.91 -11.88 24.74
C ILE B 392 12.16 -12.23 23.28
N VAL B 393 12.72 -11.30 22.50
CA VAL B 393 12.91 -11.59 21.08
C VAL B 393 14.00 -12.63 20.87
N LYS B 394 15.05 -12.64 21.70
CA LYS B 394 16.08 -13.67 21.53
C LYS B 394 15.57 -15.04 21.96
N LYS B 395 14.75 -15.09 23.02
CA LYS B 395 14.15 -16.36 23.40
C LYS B 395 13.15 -16.84 22.36
N LEU B 396 12.46 -15.92 21.69
CA LEU B 396 11.58 -16.31 20.60
C LEU B 396 12.37 -16.82 19.40
N ILE B 397 13.55 -16.25 19.15
CA ILE B 397 14.43 -16.78 18.11
C ILE B 397 14.86 -18.20 18.46
N GLU B 398 15.23 -18.42 19.72
CA GLU B 398 15.59 -19.77 20.15
C GLU B 398 14.42 -20.73 20.02
N ALA B 399 13.20 -20.25 20.32
CA ALA B 399 12.02 -21.10 20.17
C ALA B 399 11.76 -21.43 18.71
N PHE B 400 11.96 -20.46 17.81
CA PHE B 400 11.80 -20.72 16.39
C PHE B 400 12.85 -21.73 15.89
N ASN B 401 14.07 -21.62 16.41
CA ASN B 401 15.10 -22.59 16.05
C ASN B 401 14.74 -23.98 16.55
N GLU B 402 14.15 -24.07 17.74
CA GLU B 402 13.68 -25.36 18.24
C GLU B 402 12.54 -25.90 17.38
N ILE B 403 11.67 -25.01 16.89
CA ILE B 403 10.59 -25.41 16.00
C ILE B 403 11.17 -25.95 14.69
N ALA B 404 12.28 -25.36 14.24
CA ALA B 404 12.89 -25.78 12.98
C ALA B 404 13.32 -27.25 13.00
N GLU B 405 13.52 -27.83 14.19
CA GLU B 405 13.84 -29.25 14.27
C GLU B 405 12.65 -30.11 13.86
N ASP B 406 11.43 -29.64 14.11
CA ASP B 406 10.22 -30.34 13.71
C ASP B 406 9.75 -29.74 12.39
N SER B 407 9.96 -30.46 11.30
CA SER B 407 9.64 -29.93 9.98
C SER B 407 8.13 -29.77 9.79
N GLU B 408 7.34 -30.70 10.35
CA GLU B 408 5.89 -30.65 10.14
C GLU B 408 5.29 -29.40 10.78
N GLN B 409 5.76 -29.02 11.98
CA GLN B 409 5.30 -27.80 12.60
C GLN B 409 5.94 -26.55 11.98
N PHE B 410 7.18 -26.69 11.51
CA PHE B 410 7.85 -25.55 10.89
C PHE B 410 7.21 -25.16 9.57
N ASP B 411 6.63 -26.12 8.84
CA ASP B 411 5.91 -25.78 7.63
C ASP B 411 4.73 -24.87 7.92
N LYS B 412 3.94 -25.21 8.95
CA LYS B 412 2.83 -24.36 9.34
C LYS B 412 3.32 -23.01 9.85
N PHE B 413 4.40 -23.01 10.65
CA PHE B 413 4.92 -21.75 11.17
C PHE B 413 5.37 -20.83 10.04
N TYR B 414 6.04 -21.39 9.04
CA TYR B 414 6.48 -20.58 7.90
C TYR B 414 5.29 -20.09 7.09
N SER B 415 4.40 -21.01 6.67
CA SER B 415 3.23 -20.63 5.90
C SER B 415 2.31 -19.68 6.65
N ALA B 416 2.52 -19.49 7.95
CA ALA B 416 1.75 -18.52 8.71
C ALA B 416 2.47 -17.19 8.94
N PHE B 417 3.80 -17.20 9.14
CA PHE B 417 4.50 -15.99 9.53
C PHE B 417 5.75 -15.74 8.69
N ALA B 418 5.72 -16.12 7.41
CA ALA B 418 6.84 -15.79 6.53
C ALA B 418 6.99 -14.29 6.36
N LYS B 419 5.89 -13.58 6.15
CA LYS B 419 5.95 -12.12 6.05
C LYS B 419 6.49 -11.50 7.33
N ASN B 420 6.07 -12.04 8.48
CA ASN B 420 6.55 -11.51 9.75
C ASN B 420 8.05 -11.73 9.92
N ILE B 421 8.54 -12.94 9.58
CA ILE B 421 9.96 -13.20 9.76
C ILE B 421 10.79 -12.39 8.76
N LYS B 422 10.25 -12.13 7.56
CA LYS B 422 10.99 -11.31 6.60
C LYS B 422 11.02 -9.85 7.05
N LEU B 423 9.91 -9.35 7.58
CA LEU B 423 9.91 -8.00 8.13
C LEU B 423 10.85 -7.88 9.33
N GLY B 424 10.97 -8.95 10.11
CA GLY B 424 11.91 -8.94 11.22
C GLY B 424 13.36 -8.93 10.75
N VAL B 425 13.66 -9.69 9.70
CA VAL B 425 15.00 -9.65 9.13
C VAL B 425 15.29 -8.26 8.57
N HIS B 426 14.29 -7.63 7.95
CA HIS B 426 14.48 -6.30 7.39
C HIS B 426 14.65 -5.24 8.48
N GLU B 427 13.97 -5.39 9.61
CA GLU B 427 13.97 -4.37 10.66
C GLU B 427 15.15 -4.51 11.62
N ASP B 428 15.25 -5.66 12.28
CA ASP B 428 16.27 -5.84 13.30
C ASP B 428 17.67 -5.97 12.69
N THR B 429 18.67 -5.62 13.49
CA THR B 429 20.06 -5.67 13.08
C THR B 429 20.88 -6.67 13.89
N GLN B 430 20.77 -6.63 15.22
CA GLN B 430 21.49 -7.58 16.05
C GLN B 430 20.96 -9.00 15.92
N ASN B 431 19.73 -9.16 15.43
CA ASN B 431 19.13 -10.47 15.22
C ASN B 431 18.93 -10.78 13.75
N ARG B 432 19.45 -9.95 12.85
CA ARG B 432 19.27 -10.17 11.42
C ARG B 432 19.95 -11.46 10.97
N ALA B 433 21.20 -11.65 11.37
CA ALA B 433 21.91 -12.87 11.02
C ALA B 433 21.32 -14.09 11.72
N ALA B 434 20.75 -13.90 12.91
CA ALA B 434 20.12 -15.02 13.61
C ALA B 434 18.78 -15.38 12.95
N LEU B 435 18.00 -14.39 12.56
CA LEU B 435 16.73 -14.64 11.90
C LEU B 435 16.90 -15.08 10.45
N ALA B 436 18.07 -14.87 9.85
CA ALA B 436 18.28 -15.27 8.48
C ALA B 436 18.27 -16.78 8.31
N LYS B 437 18.58 -17.53 9.38
CA LYS B 437 18.59 -18.97 9.31
C LYS B 437 17.19 -19.57 9.23
N LEU B 438 16.15 -18.79 9.51
CA LEU B 438 14.78 -19.26 9.45
C LEU B 438 14.15 -19.07 8.07
N LEU B 439 14.86 -18.47 7.13
CA LEU B 439 14.31 -18.23 5.80
C LEU B 439 14.33 -19.51 4.98
N ARG B 440 13.19 -19.84 4.38
CA ARG B 440 13.05 -21.03 3.56
C ARG B 440 12.48 -20.62 2.21
N TYR B 441 13.21 -20.94 1.13
CA TYR B 441 12.80 -20.58 -0.21
C TYR B 441 13.00 -21.78 -1.13
N ASN B 442 12.46 -21.66 -2.34
CA ASN B 442 12.67 -22.66 -3.38
C ASN B 442 13.88 -22.29 -4.22
N SER B 443 14.36 -23.26 -4.99
CA SER B 443 15.53 -23.07 -5.83
C SER B 443 15.44 -24.00 -7.02
N THR B 444 16.42 -23.89 -7.93
CA THR B 444 16.44 -24.75 -9.10
C THR B 444 16.66 -26.21 -8.73
N LYS B 445 17.35 -26.47 -7.63
CA LYS B 445 17.58 -27.82 -7.14
C LYS B 445 16.66 -28.21 -5.99
N SER B 446 15.77 -27.30 -5.57
CA SER B 446 14.85 -27.54 -4.47
C SER B 446 13.45 -27.10 -4.86
N VAL B 447 13.00 -27.51 -6.05
CA VAL B 447 11.68 -27.14 -6.53
C VAL B 447 10.56 -27.80 -5.73
N ASP B 448 10.87 -28.88 -4.99
CA ASP B 448 9.86 -29.63 -4.27
C ASP B 448 9.73 -29.23 -2.81
N GLU B 449 10.83 -28.82 -2.17
CA GLU B 449 10.81 -28.45 -0.77
C GLU B 449 11.53 -27.13 -0.57
N LEU B 450 11.16 -26.43 0.50
CA LEU B 450 11.76 -25.14 0.82
C LEU B 450 13.11 -25.35 1.49
N THR B 451 14.17 -24.92 0.83
CA THR B 451 15.52 -25.06 1.37
C THR B 451 15.92 -23.80 2.14
N SER B 452 16.88 -23.97 3.05
CA SER B 452 17.37 -22.89 3.88
C SER B 452 18.68 -22.35 3.33
N LEU B 453 19.13 -21.24 3.92
CA LEU B 453 20.39 -20.64 3.51
C LEU B 453 21.57 -21.52 3.91
N THR B 454 21.49 -22.16 5.07
CA THR B 454 22.54 -23.10 5.46
C THR B 454 22.60 -24.30 4.53
N ASP B 455 21.43 -24.84 4.18
CA ASP B 455 21.38 -25.92 3.20
C ASP B 455 21.86 -25.47 1.82
N TYR B 456 21.77 -24.17 1.52
CA TYR B 456 22.28 -23.65 0.27
C TYR B 456 23.80 -23.54 0.28
N VAL B 457 24.36 -23.02 1.37
CA VAL B 457 25.81 -22.83 1.43
C VAL B 457 26.51 -24.17 1.62
N THR B 458 25.84 -25.16 2.21
CA THR B 458 26.43 -26.49 2.29
C THR B 458 26.37 -27.22 0.95
N ARG B 459 25.36 -26.94 0.15
CA ARG B 459 25.26 -27.49 -1.20
C ARG B 459 25.98 -26.64 -2.23
N MET B 460 26.50 -25.48 -1.84
CA MET B 460 27.19 -24.62 -2.78
C MET B 460 28.56 -25.21 -3.13
N PRO B 461 28.96 -25.19 -4.40
CA PRO B 461 30.29 -25.69 -4.78
C PRO B 461 31.39 -24.89 -4.11
N GLU B 462 32.60 -25.46 -4.13
CA GLU B 462 33.73 -24.84 -3.45
C GLU B 462 34.18 -23.58 -4.16
N HIS B 463 34.05 -23.51 -5.49
CA HIS B 463 34.52 -22.35 -6.23
C HIS B 463 33.50 -21.22 -6.27
N GLN B 464 32.23 -21.49 -5.99
CA GLN B 464 31.23 -20.44 -5.95
C GLN B 464 31.40 -19.60 -4.70
N LYS B 465 31.30 -18.28 -4.87
CA LYS B 465 31.51 -17.34 -3.77
C LYS B 465 30.32 -16.41 -3.53
N ASN B 466 29.23 -16.56 -4.27
CA ASN B 466 28.09 -15.66 -4.15
C ASN B 466 26.80 -16.47 -4.10
N ILE B 467 25.88 -16.05 -3.24
CA ILE B 467 24.55 -16.64 -3.16
C ILE B 467 23.66 -15.93 -4.17
N TYR B 468 23.34 -16.60 -5.27
CA TYR B 468 22.56 -16.01 -6.35
C TYR B 468 21.08 -16.23 -6.10
N TYR B 469 20.29 -15.17 -6.26
CA TYR B 469 18.84 -15.24 -6.10
C TYR B 469 18.17 -14.39 -7.17
N ILE B 470 16.91 -14.71 -7.44
CA ILE B 470 16.13 -14.01 -8.45
C ILE B 470 14.71 -13.81 -7.91
N THR B 471 14.14 -12.64 -8.15
CA THR B 471 12.80 -12.31 -7.71
C THR B 471 11.83 -12.34 -8.88
N GLY B 472 10.54 -12.46 -8.55
CA GLY B 472 9.51 -12.50 -9.57
C GLY B 472 8.14 -12.36 -8.94
N GLU B 473 7.13 -12.25 -9.81
CA GLU B 473 5.76 -12.12 -9.34
C GLU B 473 5.25 -13.44 -8.77
N SER B 474 5.73 -14.57 -9.27
CA SER B 474 5.31 -15.88 -8.79
C SER B 474 6.37 -16.90 -9.18
N LEU B 475 6.16 -18.14 -8.75
CA LEU B 475 7.11 -19.21 -9.08
C LEU B 475 7.07 -19.55 -10.56
N LYS B 476 5.90 -19.42 -11.19
CA LYS B 476 5.79 -19.72 -12.62
C LYS B 476 6.58 -18.74 -13.48
N ALA B 477 6.74 -17.51 -13.00
CA ALA B 477 7.49 -16.52 -13.77
C ALA B 477 8.99 -16.77 -13.69
N VAL B 478 9.47 -17.23 -12.53
CA VAL B 478 10.90 -17.45 -12.35
C VAL B 478 11.35 -18.87 -12.66
N GLU B 479 10.41 -19.80 -12.87
CA GLU B 479 10.80 -21.17 -13.17
C GLU B 479 11.40 -21.31 -14.56
N LYS B 480 11.14 -20.38 -15.46
CA LYS B 480 11.67 -20.42 -16.82
C LYS B 480 12.39 -19.13 -17.19
N SER B 481 12.77 -18.32 -16.20
CA SER B 481 13.39 -17.04 -16.49
C SER B 481 14.72 -17.26 -17.23
N PRO B 482 15.02 -16.43 -18.23
CA PRO B 482 16.26 -16.63 -19.00
C PRO B 482 17.52 -16.29 -18.24
N PHE B 483 17.42 -15.68 -17.06
CA PHE B 483 18.60 -15.32 -16.27
C PHE B 483 19.20 -16.52 -15.53
N LEU B 484 18.60 -17.70 -15.64
CA LEU B 484 19.07 -18.88 -14.93
C LEU B 484 19.92 -19.81 -15.80
N ASP B 485 19.67 -19.84 -17.12
CA ASP B 485 20.28 -20.85 -17.98
C ASP B 485 21.79 -20.87 -17.85
N ALA B 486 22.44 -19.70 -17.98
CA ALA B 486 23.88 -19.64 -17.82
C ALA B 486 24.30 -20.13 -16.44
N LEU B 487 23.60 -19.68 -15.39
CA LEU B 487 23.92 -20.16 -14.06
C LEU B 487 23.58 -21.63 -13.88
N LYS B 488 22.73 -22.19 -14.75
CA LYS B 488 22.54 -23.63 -14.78
C LYS B 488 23.60 -24.34 -15.60
N ALA B 489 24.25 -23.63 -16.53
CA ALA B 489 25.38 -24.23 -17.25
C ALA B 489 26.56 -24.45 -16.34
N LYS B 490 26.78 -23.58 -15.36
CA LYS B 490 27.82 -23.74 -14.36
C LYS B 490 27.33 -24.53 -13.15
N ASN B 491 26.11 -25.08 -13.20
CA ASN B 491 25.55 -25.87 -12.11
C ASN B 491 25.47 -25.06 -10.82
N PHE B 492 25.13 -23.78 -10.94
CA PHE B 492 25.00 -22.89 -9.79
C PHE B 492 23.54 -22.84 -9.36
N GLU B 493 23.29 -23.16 -8.08
CA GLU B 493 21.93 -23.10 -7.56
C GLU B 493 21.51 -21.65 -7.35
N VAL B 494 20.25 -21.35 -7.68
CA VAL B 494 19.71 -19.99 -7.59
C VAL B 494 18.45 -20.03 -6.77
N LEU B 495 18.36 -19.15 -5.77
CA LEU B 495 17.17 -19.06 -4.93
C LEU B 495 16.05 -18.33 -5.66
N PHE B 496 14.82 -18.70 -5.33
CA PHE B 496 13.63 -18.10 -5.92
C PHE B 496 12.91 -17.27 -4.86
N LEU B 497 12.52 -16.05 -5.24
CA LEU B 497 11.77 -15.15 -4.37
C LEU B 497 10.43 -14.85 -5.03
N THR B 498 9.35 -15.07 -4.28
CA THR B 498 7.99 -14.91 -4.81
C THR B 498 7.20 -13.77 -4.17
N ASP B 499 7.55 -13.36 -2.93
CA ASP B 499 6.81 -12.29 -2.30
C ASP B 499 7.50 -10.95 -2.53
N PRO B 500 6.75 -9.84 -2.54
CA PRO B 500 7.38 -8.52 -2.65
C PRO B 500 8.10 -8.08 -1.39
N ILE B 501 8.02 -8.86 -0.31
CA ILE B 501 8.64 -8.46 0.95
C ILE B 501 10.02 -9.10 1.16
N ASP B 502 10.35 -10.18 0.45
CA ASP B 502 11.63 -10.83 0.65
C ASP B 502 12.79 -9.98 0.15
N GLU B 503 12.54 -9.12 -0.85
CA GLU B 503 13.57 -8.19 -1.28
C GLU B 503 13.96 -7.22 -0.18
N TYR B 504 13.00 -6.81 0.64
CA TYR B 504 13.29 -5.91 1.75
C TYR B 504 14.29 -6.55 2.72
N ALA B 505 14.19 -7.85 2.91
CA ALA B 505 15.14 -8.55 3.77
C ALA B 505 16.45 -8.85 3.06
N PHE B 506 16.41 -9.08 1.75
CA PHE B 506 17.62 -9.41 1.01
C PHE B 506 18.52 -8.19 0.85
N THR B 507 17.94 -7.01 0.67
CA THR B 507 18.74 -5.79 0.62
C THR B 507 19.25 -5.34 1.99
N GLN B 508 18.80 -5.98 3.06
CA GLN B 508 19.34 -5.72 4.39
C GLN B 508 20.32 -6.78 4.87
N LEU B 509 20.19 -8.01 4.38
CA LEU B 509 21.16 -9.05 4.72
C LEU B 509 22.49 -8.80 4.04
N LYS B 510 22.48 -8.78 2.70
CA LYS B 510 23.64 -8.44 1.86
C LYS B 510 24.72 -9.51 1.89
N GLU B 511 24.56 -10.52 2.74
CA GLU B 511 25.53 -11.59 2.89
C GLU B 511 24.98 -12.63 3.85
N PHE B 512 25.59 -13.81 3.85
CA PHE B 512 25.25 -14.87 4.79
C PHE B 512 26.43 -15.82 4.90
N GLU B 513 27.01 -15.90 6.09
CA GLU B 513 28.15 -16.78 6.37
C GLU B 513 29.32 -16.50 5.42
N GLY B 514 29.59 -15.22 5.19
CA GLY B 514 30.67 -14.81 4.31
C GLY B 514 30.35 -14.84 2.83
N LYS B 515 29.17 -15.30 2.45
CA LYS B 515 28.76 -15.36 1.05
C LYS B 515 27.75 -14.24 0.81
N THR B 516 28.12 -13.29 -0.04
CA THR B 516 27.25 -12.16 -0.31
C THR B 516 26.12 -12.55 -1.25
N LEU B 517 24.98 -11.86 -1.10
CA LEU B 517 23.81 -12.11 -1.93
C LEU B 517 23.92 -11.31 -3.22
N VAL B 518 23.67 -11.98 -4.34
CA VAL B 518 23.75 -11.36 -5.66
C VAL B 518 22.43 -11.61 -6.38
N ASP B 519 21.77 -10.53 -6.79
CA ASP B 519 20.51 -10.61 -7.52
C ASP B 519 20.83 -10.62 -9.01
N ILE B 520 20.51 -11.74 -9.68
CA ILE B 520 20.90 -11.90 -11.07
C ILE B 520 20.09 -11.01 -12.00
N THR B 521 18.93 -10.51 -11.56
CA THR B 521 18.17 -9.59 -12.39
C THR B 521 18.87 -8.24 -12.51
N LYS B 522 19.69 -7.89 -11.53
CA LYS B 522 20.49 -6.68 -11.57
C LYS B 522 21.84 -6.96 -12.22
N ASP B 523 22.57 -5.89 -12.53
CA ASP B 523 23.89 -6.03 -13.14
C ASP B 523 24.88 -6.61 -12.14
N PHE B 524 25.61 -7.65 -12.56
CA PHE B 524 26.59 -8.28 -11.71
C PHE B 524 27.66 -8.92 -12.60
N GLU B 525 28.70 -9.43 -11.96
CA GLU B 525 29.84 -10.02 -12.65
C GLU B 525 29.94 -11.50 -12.31
N LEU B 526 30.17 -12.32 -13.33
CA LEU B 526 30.34 -13.76 -13.18
C LEU B 526 31.76 -14.11 -13.62
N GLU B 527 32.59 -14.55 -12.68
CA GLU B 527 33.99 -14.82 -12.97
C GLU B 527 34.13 -16.05 -13.87
N GLU B 528 35.07 -15.96 -14.83
CA GLU B 528 35.38 -17.06 -15.74
C GLU B 528 36.89 -17.23 -15.79
N THR B 529 37.31 -18.30 -16.48
CA THR B 529 38.72 -18.61 -16.57
C THR B 529 39.43 -17.65 -17.51
N ASP B 530 40.77 -17.70 -17.48
CA ASP B 530 41.56 -16.82 -18.32
C ASP B 530 41.37 -17.12 -19.80
N GLU B 531 41.30 -18.40 -20.15
CA GLU B 531 41.03 -18.77 -21.54
C GLU B 531 39.64 -18.30 -21.96
N GLU B 532 38.66 -18.43 -21.06
CA GLU B 532 37.32 -17.90 -21.35
C GLU B 532 37.36 -16.38 -21.47
N LYS B 533 38.15 -15.71 -20.64
CA LYS B 533 38.30 -14.26 -20.74
C LYS B 533 38.86 -13.87 -22.10
N ALA B 534 39.86 -14.61 -22.58
CA ALA B 534 40.44 -14.31 -23.89
C ALA B 534 39.43 -14.58 -25.01
N GLU B 535 38.72 -15.70 -24.94
CA GLU B 535 37.75 -16.04 -25.97
C GLU B 535 36.59 -15.04 -25.99
N ARG B 536 36.29 -14.42 -24.85
CA ARG B 536 35.22 -13.43 -24.81
C ARG B 536 35.70 -12.05 -25.23
N GLU B 537 36.95 -11.70 -24.91
CA GLU B 537 37.47 -10.40 -25.32
C GLU B 537 37.80 -10.36 -26.81
N LYS B 538 38.16 -11.50 -27.40
CA LYS B 538 38.35 -11.55 -28.84
C LYS B 538 37.04 -11.60 -29.60
N GLU B 539 35.92 -11.84 -28.92
CA GLU B 539 34.62 -11.92 -29.55
C GLU B 539 33.78 -10.66 -29.35
N ILE B 540 33.98 -9.95 -28.24
CA ILE B 540 33.28 -8.69 -28.02
C ILE B 540 33.79 -7.63 -28.98
N LYS B 541 35.09 -7.65 -29.28
CA LYS B 541 35.66 -6.65 -30.17
C LYS B 541 35.09 -6.71 -31.58
N GLU B 542 34.46 -7.83 -31.95
CA GLU B 542 33.82 -7.94 -33.25
C GLU B 542 32.41 -7.38 -33.25
N TYR B 543 31.78 -7.25 -32.08
CA TYR B 543 30.42 -6.75 -31.96
C TYR B 543 30.36 -5.28 -31.53
N GLU B 544 31.48 -4.57 -31.61
CA GLU B 544 31.48 -3.15 -31.23
C GLU B 544 30.55 -2.31 -32.11
N PRO B 545 30.57 -2.42 -33.44
CA PRO B 545 29.62 -1.60 -34.23
C PRO B 545 28.16 -1.96 -33.96
N LEU B 546 27.87 -3.25 -33.73
CA LEU B 546 26.50 -3.63 -33.41
C LEU B 546 26.04 -3.03 -32.09
N THR B 547 26.91 -3.08 -31.07
CA THR B 547 26.57 -2.48 -29.79
C THR B 547 26.41 -0.97 -29.90
N LYS B 548 27.26 -0.33 -30.70
CA LYS B 548 27.13 1.11 -30.90
C LYS B 548 25.82 1.46 -31.60
N ALA B 549 25.43 0.65 -32.58
CA ALA B 549 24.17 0.89 -33.28
C ALA B 549 22.98 0.70 -32.35
N LEU B 550 23.00 -0.36 -31.54
CA LEU B 550 21.92 -0.55 -30.57
C LEU B 550 21.87 0.60 -29.57
N LYS B 551 23.03 1.09 -29.15
CA LYS B 551 23.06 2.18 -28.17
C LYS B 551 22.52 3.48 -28.76
N ASP B 552 22.95 3.82 -29.98
CA ASP B 552 22.50 5.09 -30.56
C ASP B 552 21.11 4.99 -31.20
N ILE B 553 20.54 3.79 -31.31
CA ILE B 553 19.16 3.66 -31.73
C ILE B 553 18.20 3.54 -30.54
N LEU B 554 18.68 3.07 -29.38
CA LEU B 554 17.83 3.01 -28.20
C LEU B 554 17.81 4.33 -27.43
N GLY B 555 18.81 5.19 -27.64
CA GLY B 555 18.80 6.49 -26.98
C GLY B 555 19.08 6.37 -25.51
N ASP B 556 18.26 7.05 -24.70
CA ASP B 556 18.40 7.07 -23.25
C ASP B 556 17.56 6.02 -22.55
N GLN B 557 16.97 5.08 -23.30
CA GLN B 557 16.19 4.02 -22.67
C GLN B 557 17.07 3.08 -21.86
N VAL B 558 18.30 2.84 -22.33
CA VAL B 558 19.26 2.01 -21.63
C VAL B 558 20.56 2.79 -21.48
N GLU B 559 21.31 2.48 -20.42
CA GLU B 559 22.59 3.14 -20.20
C GLU B 559 23.65 2.64 -21.15
N LYS B 560 23.62 1.35 -21.50
CA LYS B 560 24.62 0.78 -22.40
C LYS B 560 24.11 -0.54 -22.93
N VAL B 561 24.56 -0.88 -24.14
CA VAL B 561 24.28 -2.16 -24.77
C VAL B 561 25.57 -2.97 -24.72
N VAL B 562 25.58 -4.03 -23.92
CA VAL B 562 26.77 -4.83 -23.68
C VAL B 562 26.55 -6.25 -24.18
N VAL B 563 27.60 -6.84 -24.74
CA VAL B 563 27.58 -8.25 -25.14
C VAL B 563 27.73 -9.08 -23.86
N SER B 564 26.64 -9.66 -23.40
CA SER B 564 26.62 -10.39 -22.14
C SER B 564 26.72 -11.89 -22.39
N TYR B 565 27.43 -12.57 -21.50
CA TYR B 565 27.56 -14.03 -21.55
C TYR B 565 26.77 -14.72 -20.44
N LYS B 566 25.91 -13.97 -19.74
CA LYS B 566 25.01 -14.54 -18.73
C LYS B 566 23.76 -15.15 -19.34
N LEU B 567 23.72 -15.31 -20.66
CA LEU B 567 22.63 -15.96 -21.36
C LEU B 567 23.21 -16.97 -22.35
N LEU B 568 22.42 -17.97 -22.70
CA LEU B 568 22.84 -19.00 -23.64
C LEU B 568 22.04 -18.98 -24.93
N ASP B 569 20.71 -19.05 -24.85
CA ASP B 569 19.86 -19.09 -26.03
C ASP B 569 18.96 -17.88 -26.18
N ALA B 570 18.78 -17.08 -25.15
CA ALA B 570 17.97 -15.88 -25.26
C ALA B 570 18.68 -14.85 -26.15
N PRO B 571 18.00 -14.26 -27.13
CA PRO B 571 18.70 -13.30 -28.00
C PRO B 571 19.10 -12.02 -27.28
N ALA B 572 18.21 -11.48 -26.44
CA ALA B 572 18.53 -10.26 -25.71
C ALA B 572 17.68 -10.23 -24.45
N ALA B 573 18.14 -9.46 -23.47
CA ALA B 573 17.43 -9.30 -22.21
C ALA B 573 17.72 -7.91 -21.66
N ILE B 574 16.89 -7.50 -20.70
CA ILE B 574 17.04 -6.21 -20.03
C ILE B 574 17.53 -6.47 -18.62
N ARG B 575 18.71 -5.97 -18.30
CA ARG B 575 19.31 -6.09 -16.97
C ARG B 575 19.29 -4.73 -16.31
N THR B 576 18.52 -4.60 -15.23
CA THR B 576 18.45 -3.33 -14.51
C THR B 576 19.81 -3.01 -13.90
N GLY B 577 20.36 -1.86 -14.27
CA GLY B 577 21.66 -1.47 -13.75
C GLY B 577 21.66 -1.36 -12.24
N GLN B 578 22.82 -1.60 -11.64
CA GLN B 578 22.96 -1.51 -10.21
C GLN B 578 22.69 -0.07 -9.74
N PHE B 579 22.56 0.09 -8.43
CA PHE B 579 22.06 1.26 -7.72
C PHE B 579 20.55 1.35 -7.82
N GLY B 580 19.89 0.46 -8.56
CA GLY B 580 18.46 0.53 -8.76
C GLY B 580 17.72 -0.65 -8.16
N TRP B 581 16.45 -0.75 -8.53
CA TRP B 581 15.57 -1.80 -8.02
C TRP B 581 15.70 -3.06 -8.88
N SER B 582 14.83 -4.03 -8.64
CA SER B 582 14.70 -5.22 -9.47
C SER B 582 13.47 -5.06 -10.37
N ALA B 583 13.19 -6.11 -11.14
CA ALA B 583 11.99 -6.11 -11.98
C ALA B 583 10.74 -6.16 -11.12
N ASN B 584 10.63 -7.17 -10.25
CA ASN B 584 9.49 -7.25 -9.34
C ASN B 584 9.48 -6.08 -8.37
N MET B 585 10.65 -5.57 -7.99
CA MET B 585 10.69 -4.41 -7.11
C MET B 585 10.15 -3.17 -7.81
N GLU B 586 10.53 -2.96 -9.07
CA GLU B 586 9.96 -1.85 -9.83
C GLU B 586 8.46 -2.03 -10.01
N ARG B 587 8.01 -3.27 -10.22
CA ARG B 587 6.58 -3.53 -10.41
C ARG B 587 5.80 -3.23 -9.14
N ILE B 588 6.34 -3.59 -7.97
CA ILE B 588 5.63 -3.34 -6.73
C ILE B 588 5.73 -1.88 -6.30
N MET B 589 6.77 -1.16 -6.77
CA MET B 589 6.91 0.24 -6.39
C MET B 589 6.08 1.15 -7.29
N LYS B 590 5.96 0.81 -8.58
CA LYS B 590 5.21 1.66 -9.50
C LYS B 590 3.71 1.61 -9.24
N ALA B 591 3.21 0.57 -8.58
CA ALA B 591 1.79 0.41 -8.30
C ALA B 591 1.39 1.04 -6.97
N GLN B 592 2.23 1.88 -6.39
CA GLN B 592 1.93 2.57 -5.15
C GLN B 592 1.44 3.98 -5.47
N ALA B 593 0.19 4.27 -5.11
CA ALA B 593 -0.40 5.57 -5.43
C ALA B 593 0.24 6.70 -4.63
N LEU B 594 0.47 6.47 -3.34
CA LEU B 594 1.01 7.51 -2.46
C LEU B 594 2.52 7.64 -2.55
N ARG B 595 3.20 6.77 -3.29
CA ARG B 595 4.65 6.85 -3.39
C ARG B 595 5.08 8.02 -4.27
N ASP B 596 4.57 8.07 -5.50
CA ASP B 596 4.94 9.12 -6.45
C ASP B 596 3.79 9.33 -7.41
N SER B 597 3.28 10.57 -7.46
CA SER B 597 2.18 10.92 -8.34
C SER B 597 2.55 12.02 -9.33
N SER B 598 3.78 12.55 -9.27
CA SER B 598 4.20 13.62 -10.18
C SER B 598 5.50 13.28 -10.90
N MET B 599 5.87 12.00 -10.92
CA MET B 599 7.09 11.52 -11.60
C MET B 599 8.33 12.23 -11.04
N SER B 600 8.57 11.98 -9.75
CA SER B 600 9.75 12.49 -9.07
C SER B 600 10.83 11.44 -8.89
N SER B 601 10.46 10.16 -8.86
CA SER B 601 11.42 9.08 -8.70
C SER B 601 11.78 8.52 -10.06
N TYR B 602 13.08 8.55 -10.39
CA TYR B 602 13.57 7.99 -11.65
C TYR B 602 14.84 7.18 -11.46
N MET B 603 15.10 6.70 -10.24
CA MET B 603 16.32 5.94 -9.97
C MET B 603 16.36 4.65 -10.76
N SER B 604 15.23 3.94 -10.84
CA SER B 604 15.16 2.65 -11.50
C SER B 604 14.99 2.75 -13.01
N SER B 605 15.09 3.97 -13.57
CA SER B 605 14.96 4.15 -15.00
C SER B 605 16.19 3.69 -15.78
N LYS B 606 17.34 3.56 -15.10
CA LYS B 606 18.56 3.13 -15.77
C LYS B 606 18.56 1.62 -15.96
N LYS B 607 18.78 1.19 -17.20
CA LYS B 607 18.81 -0.22 -17.55
C LYS B 607 19.95 -0.48 -18.53
N THR B 608 20.24 -1.75 -18.76
CA THR B 608 21.26 -2.17 -19.70
C THR B 608 20.68 -3.20 -20.65
N PHE B 609 21.03 -3.08 -21.92
CA PHE B 609 20.57 -4.01 -22.96
C PHE B 609 21.63 -5.09 -23.15
N GLU B 610 21.37 -6.26 -22.58
CA GLU B 610 22.30 -7.38 -22.69
C GLU B 610 21.94 -8.25 -23.87
N ILE B 611 22.93 -8.61 -24.68
CA ILE B 611 22.75 -9.45 -25.85
C ILE B 611 23.65 -10.66 -25.74
N SER B 612 23.16 -11.79 -26.26
CA SER B 612 23.92 -13.04 -26.23
C SER B 612 24.50 -13.29 -27.62
N PRO B 613 25.82 -13.35 -27.78
CA PRO B 613 26.39 -13.49 -29.12
C PRO B 613 26.26 -14.89 -29.71
N LYS B 614 25.81 -15.88 -28.94
CA LYS B 614 25.63 -17.23 -29.43
C LYS B 614 24.21 -17.50 -29.91
N SER B 615 23.43 -16.44 -30.17
CA SER B 615 22.07 -16.53 -30.68
C SER B 615 22.05 -16.21 -32.17
N PRO B 616 21.22 -16.91 -32.95
CA PRO B 616 21.18 -16.65 -34.39
C PRO B 616 20.68 -15.24 -34.74
N ILE B 617 19.81 -14.66 -33.91
CA ILE B 617 19.31 -13.32 -34.18
C ILE B 617 20.43 -12.30 -34.03
N ILE B 618 21.24 -12.44 -32.99
CA ILE B 618 22.34 -11.50 -32.77
C ILE B 618 23.40 -11.67 -33.85
N LYS B 619 23.64 -12.91 -34.29
CA LYS B 619 24.58 -13.13 -35.39
C LYS B 619 24.06 -12.51 -36.68
N GLU B 620 22.75 -12.62 -36.93
CA GLU B 620 22.17 -11.99 -38.12
C GLU B 620 22.29 -10.47 -38.05
N LEU B 621 22.06 -9.90 -36.87
CA LEU B 621 22.21 -8.45 -36.71
C LEU B 621 23.65 -8.02 -36.91
N LYS B 622 24.60 -8.81 -36.42
CA LYS B 622 26.01 -8.51 -36.62
C LYS B 622 26.36 -8.56 -38.11
N LYS B 623 25.86 -9.57 -38.83
CA LYS B 623 26.12 -9.64 -40.26
C LYS B 623 25.47 -8.47 -41.00
N ARG B 624 24.29 -8.05 -40.57
CA ARG B 624 23.60 -6.92 -41.21
C ARG B 624 24.37 -5.63 -41.00
N VAL B 625 24.82 -5.37 -39.77
CA VAL B 625 25.59 -4.15 -39.52
C VAL B 625 26.99 -4.24 -40.13
N ASP B 626 27.48 -5.46 -40.41
CA ASP B 626 28.72 -5.60 -41.16
C ASP B 626 28.51 -5.26 -42.63
N GLU B 627 27.34 -5.60 -43.17
CA GLU B 627 27.02 -5.22 -44.54
C GLU B 627 26.90 -3.71 -44.70
N GLY B 628 26.68 -2.97 -43.62
CA GLY B 628 26.52 -1.53 -43.67
C GLY B 628 25.10 -1.03 -43.53
N GLY B 629 24.14 -1.91 -43.24
CA GLY B 629 22.77 -1.50 -43.08
C GLY B 629 22.40 -1.22 -41.63
N ALA B 630 23.28 -0.55 -40.91
CA ALA B 630 23.01 -0.25 -39.50
C ALA B 630 21.84 0.72 -39.33
N GLN B 631 21.61 1.59 -40.32
CA GLN B 631 20.53 2.56 -40.27
C GLN B 631 19.32 2.13 -41.10
N ASP B 632 19.22 0.85 -41.43
CA ASP B 632 18.07 0.36 -42.18
C ASP B 632 16.82 0.41 -41.31
N LYS B 633 15.68 0.71 -41.95
CA LYS B 633 14.43 0.82 -41.21
C LYS B 633 14.01 -0.52 -40.61
N THR B 634 14.22 -1.62 -41.35
CA THR B 634 13.85 -2.92 -40.83
C THR B 634 14.72 -3.33 -39.65
N VAL B 635 16.03 -3.02 -39.72
CA VAL B 635 16.92 -3.34 -38.61
C VAL B 635 16.57 -2.53 -37.39
N LYS B 636 16.25 -1.24 -37.57
CA LYS B 636 15.86 -0.40 -36.45
C LYS B 636 14.57 -0.89 -35.81
N ASP B 637 13.57 -1.24 -36.65
CA ASP B 637 12.31 -1.75 -36.12
C ASP B 637 12.51 -3.06 -35.38
N LEU B 638 13.35 -3.95 -35.92
CA LEU B 638 13.58 -5.24 -35.27
C LEU B 638 14.32 -5.05 -33.95
N THR B 639 15.27 -4.12 -33.90
CA THR B 639 15.99 -3.87 -32.65
C THR B 639 15.07 -3.26 -31.60
N ASN B 640 14.18 -2.36 -32.02
CA ASN B 640 13.24 -1.80 -31.06
C ASN B 640 12.26 -2.86 -30.55
N LEU B 641 11.78 -3.73 -31.45
CA LEU B 641 10.91 -4.82 -31.02
C LEU B 641 11.64 -5.77 -30.08
N LEU B 642 12.92 -6.03 -30.33
CA LEU B 642 13.71 -6.88 -29.45
C LEU B 642 13.89 -6.24 -28.08
N PHE B 643 14.14 -4.93 -28.05
CA PHE B 643 14.22 -4.23 -26.77
C PHE B 643 12.91 -4.30 -26.00
N GLU B 644 11.79 -4.15 -26.72
CA GLU B 644 10.49 -4.21 -26.06
C GLU B 644 10.19 -5.60 -25.52
N THR B 645 10.45 -6.64 -26.31
CA THR B 645 10.20 -7.99 -25.80
C THR B 645 11.19 -8.39 -24.72
N ALA B 646 12.38 -7.79 -24.70
CA ALA B 646 13.30 -8.01 -23.59
C ALA B 646 12.77 -7.36 -22.32
N LEU B 647 12.26 -6.13 -22.43
CA LEU B 647 11.59 -5.51 -21.28
C LEU B 647 10.42 -6.37 -20.81
N LEU B 648 9.71 -7.00 -21.74
CA LEU B 648 8.58 -7.85 -21.37
C LEU B 648 9.04 -9.09 -20.61
N THR B 649 9.94 -9.87 -21.22
CA THR B 649 10.41 -11.10 -20.61
C THR B 649 11.24 -10.86 -19.35
N SER B 650 11.72 -9.64 -19.13
CA SER B 650 12.46 -9.34 -17.92
C SER B 650 11.56 -8.92 -16.77
N GLY B 651 10.35 -8.45 -17.05
CA GLY B 651 9.42 -8.06 -16.00
C GLY B 651 9.27 -6.57 -15.86
N PHE B 652 9.23 -5.85 -16.98
CA PHE B 652 9.03 -4.41 -16.99
C PHE B 652 7.90 -4.05 -17.93
N SER B 653 7.03 -3.14 -17.49
CA SER B 653 5.91 -2.71 -18.30
C SER B 653 6.38 -1.75 -19.40
N LEU B 654 5.74 -1.84 -20.56
CA LEU B 654 6.11 -0.98 -21.67
C LEU B 654 5.58 0.44 -21.47
N GLU B 655 6.31 1.41 -22.01
CA GLU B 655 5.88 2.81 -21.91
C GLU B 655 4.67 3.07 -22.80
N GLU B 656 4.58 2.38 -23.93
CA GLU B 656 3.43 2.49 -24.82
C GLU B 656 3.20 1.19 -25.56
N PRO B 657 2.13 0.45 -25.22
CA PRO B 657 1.87 -0.82 -25.92
C PRO B 657 1.41 -0.66 -27.35
N THR B 658 1.17 0.56 -27.82
CA THR B 658 0.68 0.75 -29.19
C THR B 658 1.77 0.42 -30.21
N SER B 659 3.01 0.85 -29.96
CA SER B 659 4.09 0.54 -30.88
C SER B 659 4.35 -0.96 -30.93
N PHE B 660 4.35 -1.62 -29.76
CA PHE B 660 4.53 -3.07 -29.73
C PHE B 660 3.40 -3.78 -30.46
N ALA B 661 2.16 -3.30 -30.29
CA ALA B 661 1.04 -3.90 -30.99
C ALA B 661 1.17 -3.73 -32.50
N SER B 662 1.60 -2.55 -32.95
CA SER B 662 1.78 -2.33 -34.38
C SER B 662 2.87 -3.21 -34.95
N ARG B 663 3.98 -3.38 -34.22
CA ARG B 663 5.05 -4.25 -34.69
C ARG B 663 4.60 -5.70 -34.74
N ILE B 664 3.82 -6.14 -33.73
CA ILE B 664 3.31 -7.51 -33.72
C ILE B 664 2.36 -7.72 -34.89
N ASN B 665 1.51 -6.71 -35.18
CA ASN B 665 0.59 -6.83 -36.31
C ASN B 665 1.34 -6.86 -37.63
N ARG B 666 2.43 -6.09 -37.74
CA ARG B 666 3.24 -6.14 -38.95
C ARG B 666 3.87 -7.52 -39.12
N LEU B 667 4.40 -8.09 -38.04
CA LEU B 667 4.97 -9.43 -38.12
C LEU B 667 3.92 -10.46 -38.51
N ILE B 668 2.72 -10.35 -37.97
CA ILE B 668 1.66 -11.30 -38.30
C ILE B 668 1.23 -11.14 -39.75
N SER B 669 1.13 -9.90 -40.23
CA SER B 669 0.76 -9.67 -41.63
C SER B 669 1.80 -10.22 -42.58
N LEU B 670 3.09 -10.01 -42.28
CA LEU B 670 4.14 -10.59 -43.10
C LEU B 670 4.20 -12.11 -42.96
N GLY B 671 3.67 -12.66 -41.87
CA GLY B 671 3.57 -14.10 -41.75
C GLY B 671 2.41 -14.70 -42.51
N LEU B 672 1.30 -13.96 -42.63
CA LEU B 672 0.13 -14.41 -43.36
C LEU B 672 0.15 -13.96 -44.82
N ASN B 673 1.33 -13.63 -45.36
CA ASN B 673 1.49 -13.23 -46.76
C ASN B 673 0.64 -12.00 -47.10
N ILE B 674 0.46 -11.10 -46.14
CA ILE B 674 -0.29 -9.87 -46.34
C ILE B 674 0.70 -8.75 -46.64
N ASP B 675 0.53 -8.10 -47.79
CA ASP B 675 1.41 -7.02 -48.20
C ASP B 675 0.68 -5.68 -48.22
N TRP C 11 23.62 9.15 44.46
CA TRP C 11 24.72 8.21 44.59
C TRP C 11 24.22 6.77 44.51
N VAL C 12 22.92 6.58 44.72
CA VAL C 12 22.33 5.25 44.64
C VAL C 12 22.41 4.72 43.21
N ASP C 13 22.32 5.61 42.22
CA ASP C 13 22.47 5.25 40.82
C ASP C 13 23.64 6.04 40.24
N LYS C 14 24.48 5.36 39.46
CA LYS C 14 25.69 5.94 38.90
C LYS C 14 25.64 5.80 37.37
N ASN C 15 25.52 6.93 36.69
CA ASN C 15 25.56 6.95 35.23
C ASN C 15 27.02 6.91 34.77
N CYS C 16 27.37 5.89 33.97
CA CYS C 16 28.74 5.69 33.54
C CYS C 16 28.84 5.63 32.02
N ILE C 17 28.03 6.42 31.31
CA ILE C 17 28.10 6.44 29.86
C ILE C 17 29.39 7.10 29.41
N GLY C 18 29.82 8.16 30.10
CA GLY C 18 31.09 8.79 29.74
C GLY C 18 32.28 7.94 30.11
N TRP C 19 32.22 7.26 31.24
CA TRP C 19 33.29 6.33 31.61
C TRP C 19 33.39 5.19 30.61
N ALA C 20 32.24 4.68 30.15
CA ALA C 20 32.25 3.63 29.13
C ALA C 20 32.80 4.15 27.81
N LYS C 21 32.45 5.39 27.45
CA LYS C 21 32.99 5.99 26.23
C LYS C 21 34.51 6.10 26.31
N GLU C 22 35.03 6.56 27.45
CA GLU C 22 36.48 6.68 27.61
C GLU C 22 37.15 5.32 27.59
N TYR C 23 36.55 4.33 28.25
CA TYR C 23 37.12 2.98 28.26
C TYR C 23 37.16 2.39 26.86
N PHE C 24 36.11 2.63 26.06
CA PHE C 24 36.11 2.12 24.70
C PHE C 24 37.09 2.87 23.81
N LYS C 25 37.22 4.18 24.00
CA LYS C 25 38.20 4.94 23.23
C LYS C 25 39.63 4.54 23.60
N GLN C 26 39.83 4.05 24.82
CA GLN C 26 41.16 3.61 25.23
C GLN C 26 41.45 2.19 24.78
N LYS C 27 40.44 1.32 24.77
CA LYS C 27 40.65 -0.10 24.48
C LYS C 27 40.50 -0.42 22.99
N LEU C 28 39.45 0.12 22.35
CA LEU C 28 39.18 -0.24 20.96
C LEU C 28 40.23 0.33 20.01
N VAL C 29 40.92 1.40 20.41
CA VAL C 29 41.92 2.00 19.54
C VAL C 29 43.18 1.13 19.56
N GLY C 30 43.94 1.19 18.46
CA GLY C 30 45.19 0.48 18.36
C GLY C 30 45.09 -1.00 18.10
N VAL C 31 43.88 -1.57 18.10
CA VAL C 31 43.71 -3.00 17.84
C VAL C 31 43.99 -3.26 16.37
N GLU C 32 44.97 -4.11 16.10
CA GLU C 32 45.45 -4.38 14.75
C GLU C 32 45.33 -5.86 14.42
N ALA C 33 45.00 -6.15 13.16
CA ALA C 33 44.99 -7.52 12.66
C ALA C 33 46.28 -7.78 11.90
N GLY C 34 47.35 -7.95 12.67
CA GLY C 34 48.69 -8.13 12.11
C GLY C 34 49.57 -6.92 12.34
N SER C 35 50.53 -6.70 11.45
CA SER C 35 51.41 -5.55 11.52
C SER C 35 51.22 -4.66 10.30
N VAL C 36 51.75 -3.44 10.38
CA VAL C 36 51.58 -2.46 9.33
C VAL C 36 52.30 -2.82 8.04
N LYS C 37 53.21 -3.80 8.08
CA LYS C 37 53.96 -4.21 6.90
C LYS C 37 53.46 -5.53 6.32
N ASP C 38 52.36 -6.07 6.85
CA ASP C 38 51.82 -7.31 6.33
C ASP C 38 51.11 -7.07 4.99
N LYS C 39 50.84 -8.16 4.28
CA LYS C 39 50.11 -8.06 3.02
C LYS C 39 48.67 -7.62 3.26
N LYS C 40 48.03 -8.19 4.28
CA LYS C 40 46.68 -7.79 4.68
C LYS C 40 46.75 -7.27 6.11
N TYR C 41 46.32 -6.01 6.29
CA TYR C 41 46.44 -5.36 7.59
C TYR C 41 45.26 -4.42 7.79
N ALA C 42 44.80 -4.32 9.03
CA ALA C 42 43.71 -3.41 9.38
C ALA C 42 43.94 -2.91 10.80
N LYS C 43 43.34 -1.76 11.11
CA LYS C 43 43.52 -1.15 12.42
C LYS C 43 42.37 -0.17 12.66
N ILE C 44 41.83 -0.22 13.88
CA ILE C 44 40.76 0.70 14.28
C ILE C 44 41.37 2.07 14.49
N LYS C 45 40.98 3.04 13.65
CA LYS C 45 41.51 4.40 13.79
C LYS C 45 40.99 5.06 15.06
N SER C 46 39.67 5.09 15.24
CA SER C 46 39.06 5.69 16.41
C SER C 46 37.65 5.14 16.56
N VAL C 47 37.05 5.42 17.71
CA VAL C 47 35.67 5.03 18.00
C VAL C 47 34.76 6.20 17.63
N SER C 48 33.85 5.96 16.68
CA SER C 48 33.03 7.05 16.17
C SER C 48 31.95 7.46 17.15
N SER C 49 31.17 6.49 17.63
CA SER C 49 30.04 6.80 18.49
C SER C 49 29.77 5.66 19.46
N ILE C 50 29.33 6.01 20.66
CA ILE C 50 28.91 5.06 21.68
C ILE C 50 27.56 5.53 22.18
N GLU C 51 26.48 4.94 21.65
CA GLU C 51 25.13 5.34 21.97
C GLU C 51 24.48 4.33 22.91
N GLY C 52 23.46 4.81 23.63
CA GLY C 52 22.71 3.97 24.56
C GLY C 52 22.78 4.53 25.98
N ASP C 53 22.90 3.62 26.94
CA ASP C 53 22.96 4.01 28.34
C ASP C 53 23.83 3.00 29.09
N CYS C 54 24.56 3.49 30.08
CA CYS C 54 25.44 2.65 30.92
C CYS C 54 25.25 3.13 32.37
N GLU C 55 24.36 2.46 33.09
CA GLU C 55 24.02 2.81 34.46
C GLU C 55 24.34 1.65 35.41
N VAL C 56 24.66 2.01 36.64
CA VAL C 56 24.91 1.04 37.71
C VAL C 56 23.97 1.38 38.86
N ASN C 57 23.11 0.43 39.23
CA ASN C 57 22.09 0.65 40.25
C ASN C 57 22.33 -0.27 41.45
N GLN C 58 22.00 0.24 42.63
CA GLN C 58 22.11 -0.52 43.87
C GLN C 58 20.75 -0.71 44.55
N ARG C 59 19.66 -0.67 43.77
CA ARG C 59 18.34 -0.79 44.37
C ARG C 59 18.10 -2.20 44.91
N LYS C 60 18.56 -3.22 44.18
CA LYS C 60 18.39 -4.61 44.59
C LYS C 60 19.34 -5.02 45.70
N GLY C 61 20.17 -4.11 46.21
CA GLY C 61 21.16 -4.42 47.21
C GLY C 61 22.47 -4.91 46.66
N LYS C 62 22.46 -5.55 45.49
CA LYS C 62 23.65 -6.05 44.84
C LYS C 62 23.98 -5.17 43.64
N VAL C 63 25.28 -5.03 43.36
CA VAL C 63 25.73 -4.21 42.25
C VAL C 63 25.34 -4.87 40.94
N ILE C 64 24.53 -4.17 40.14
CA ILE C 64 24.06 -4.68 38.86
C ILE C 64 24.29 -3.60 37.81
N SER C 65 24.52 -4.04 36.56
CA SER C 65 24.73 -3.14 35.44
C SER C 65 23.88 -3.62 34.27
N LEU C 66 22.82 -2.87 33.98
CA LEU C 66 21.91 -3.17 32.87
C LEU C 66 22.21 -2.31 31.64
N PHE C 67 23.49 -2.06 31.39
CA PHE C 67 23.88 -1.17 30.31
C PHE C 67 23.41 -1.69 28.96
N ASP C 68 22.84 -0.79 28.15
CA ASP C 68 22.40 -1.07 26.79
C ASP C 68 23.15 -0.11 25.88
N LEU C 69 24.12 -0.63 25.13
CA LEU C 69 25.03 0.19 24.35
C LEU C 69 25.14 -0.34 22.92
N LYS C 70 25.43 0.58 21.99
CA LYS C 70 25.72 0.25 20.61
C LYS C 70 26.98 0.99 20.20
N ILE C 71 27.93 0.27 19.59
CA ILE C 71 29.25 0.81 19.31
C ILE C 71 29.44 0.88 17.80
N THR C 72 30.15 1.92 17.35
CA THR C 72 30.49 2.11 15.95
C THR C 72 31.89 2.70 15.87
N VAL C 73 32.78 2.02 15.14
CA VAL C 73 34.16 2.44 15.00
C VAL C 73 34.52 2.52 13.53
N LEU C 74 35.62 3.21 13.26
CA LEU C 74 36.17 3.33 11.91
C LEU C 74 37.51 2.60 11.84
N ILE C 75 37.76 1.95 10.69
CA ILE C 75 38.95 1.15 10.50
C ILE C 75 39.67 1.58 9.24
N GLU C 76 40.99 1.48 9.27
CA GLU C 76 41.84 1.79 8.13
C GLU C 76 42.87 0.68 7.96
N GLY C 77 43.11 0.30 6.70
CA GLY C 77 44.08 -0.74 6.43
C GLY C 77 44.38 -0.85 4.96
N HIS C 78 45.02 -1.96 4.59
CA HIS C 78 45.38 -2.23 3.21
C HIS C 78 45.36 -3.73 2.97
N VAL C 79 44.98 -4.12 1.76
CA VAL C 79 44.87 -5.50 1.36
C VAL C 79 45.69 -5.73 0.10
N ASP C 80 45.69 -6.97 -0.38
CA ASP C 80 46.45 -7.34 -1.57
C ASP C 80 45.70 -6.93 -2.84
N SER C 81 46.44 -6.91 -3.94
CA SER C 81 45.88 -6.62 -5.25
C SER C 81 46.44 -7.60 -6.27
N LYS C 82 45.85 -7.60 -7.46
CA LYS C 82 46.28 -8.52 -8.51
C LYS C 82 47.62 -8.13 -9.12
N ASP C 83 48.01 -6.86 -9.01
CA ASP C 83 49.28 -6.40 -9.57
C ASP C 83 50.43 -6.48 -8.58
N GLY C 84 50.19 -6.97 -7.37
CA GLY C 84 51.22 -7.08 -6.37
C GLY C 84 51.36 -5.90 -5.44
N SER C 85 50.55 -4.86 -5.60
CA SER C 85 50.60 -3.69 -4.75
C SER C 85 49.59 -3.79 -3.62
N ALA C 86 49.75 -2.93 -2.62
CA ALA C 86 48.87 -2.88 -1.47
C ALA C 86 47.83 -1.78 -1.67
N LEU C 87 46.57 -2.17 -1.75
CA LEU C 87 45.48 -1.23 -1.97
C LEU C 87 44.89 -0.84 -0.62
N PRO C 88 44.89 0.44 -0.25
CA PRO C 88 44.32 0.84 1.03
C PRO C 88 42.79 0.83 0.98
N PHE C 89 42.19 0.87 2.16
CA PHE C 89 40.74 0.87 2.26
C PHE C 89 40.32 1.46 3.60
N GLU C 90 39.24 2.24 3.59
CA GLU C 90 38.63 2.78 4.78
C GLU C 90 37.25 2.18 4.96
N GLY C 91 36.89 1.87 6.20
CA GLY C 91 35.61 1.26 6.47
C GLY C 91 35.14 1.55 7.88
N SER C 92 34.02 0.92 8.22
CA SER C 92 33.40 1.10 9.53
C SER C 92 32.97 -0.26 10.07
N ILE C 93 32.96 -0.36 11.40
CA ILE C 93 32.54 -1.57 12.10
C ILE C 93 31.59 -1.15 13.20
N ASN C 94 30.33 -1.55 13.10
CA ASN C 94 29.30 -1.19 14.07
C ASN C 94 28.67 -2.45 14.63
N VAL C 95 28.69 -2.58 15.95
CA VAL C 95 27.98 -3.65 16.66
C VAL C 95 26.72 -3.06 17.26
N PRO C 96 25.53 -3.58 16.95
CA PRO C 96 24.30 -2.94 17.42
C PRO C 96 23.94 -3.25 18.86
N GLU C 97 24.56 -4.23 19.50
CA GLU C 97 24.19 -4.59 20.86
C GLU C 97 25.38 -5.16 21.61
N VAL C 98 25.72 -4.54 22.73
CA VAL C 98 26.62 -5.10 23.72
C VAL C 98 25.94 -4.93 25.08
N ALA C 99 25.82 -6.03 25.83
CA ALA C 99 25.07 -6.04 27.07
C ALA C 99 25.76 -6.94 28.08
N PHE C 100 25.20 -6.99 29.30
CA PHE C 100 25.76 -7.81 30.35
C PHE C 100 25.53 -9.30 30.08
N ASP C 101 24.37 -9.64 29.53
CA ASP C 101 24.01 -11.02 29.28
C ASP C 101 24.45 -11.52 27.90
N SER C 102 25.13 -10.69 27.12
CA SER C 102 25.59 -11.11 25.80
C SER C 102 26.74 -12.10 25.93
N GLU C 103 26.74 -13.11 25.07
CA GLU C 103 27.77 -14.12 25.06
C GLU C 103 28.94 -13.69 24.19
N ALA C 104 30.03 -14.47 24.25
CA ALA C 104 31.21 -14.16 23.45
C ALA C 104 30.92 -14.30 21.96
N SER C 105 30.11 -15.28 21.58
CA SER C 105 29.75 -15.51 20.19
C SER C 105 28.43 -14.86 19.82
N SER C 106 27.84 -14.08 20.71
CA SER C 106 26.57 -13.41 20.44
C SER C 106 26.74 -12.02 19.85
N TYR C 107 27.94 -11.47 19.88
CA TYR C 107 28.18 -10.15 19.33
C TYR C 107 28.15 -10.20 17.81
N GLN C 108 27.17 -9.54 17.21
CA GLN C 108 27.07 -9.45 15.76
C GLN C 108 27.77 -8.19 15.29
N PHE C 109 28.77 -8.35 14.43
CA PHE C 109 29.60 -7.25 13.94
C PHE C 109 29.20 -6.93 12.50
N ASP C 110 28.65 -5.74 12.29
CA ASP C 110 28.31 -5.27 10.95
C ASP C 110 29.53 -4.54 10.40
N ILE C 111 30.29 -5.24 9.55
CA ILE C 111 31.51 -4.69 8.97
C ILE C 111 31.22 -4.24 7.56
N SER C 112 31.65 -3.02 7.22
CA SER C 112 31.42 -2.44 5.91
C SER C 112 32.67 -1.70 5.46
N ILE C 113 32.89 -1.67 4.15
CA ILE C 113 34.05 -1.02 3.56
C ILE C 113 33.55 0.14 2.70
N PHE C 114 34.04 1.34 2.97
CA PHE C 114 33.69 2.50 2.16
C PHE C 114 34.34 2.39 0.79
N LYS C 115 33.56 2.64 -0.26
CA LYS C 115 34.00 2.52 -1.64
C LYS C 115 34.56 1.11 -1.90
N GLU C 116 33.70 0.13 -1.64
CA GLU C 116 34.12 -1.27 -1.75
C GLU C 116 34.37 -1.65 -3.20
N THR C 117 35.44 -2.42 -3.41
CA THR C 117 35.83 -2.89 -4.73
C THR C 117 36.19 -4.37 -4.62
N SER C 118 36.27 -5.03 -5.78
CA SER C 118 36.60 -6.46 -5.79
C SER C 118 37.95 -6.73 -5.12
N GLU C 119 38.93 -5.86 -5.35
CA GLU C 119 40.24 -6.03 -4.74
C GLU C 119 40.20 -5.91 -3.22
N LEU C 120 39.11 -5.36 -2.67
CA LEU C 120 38.93 -5.27 -1.23
C LEU C 120 38.10 -6.41 -0.67
N SER C 121 37.77 -7.40 -1.50
CA SER C 121 36.92 -8.50 -1.04
C SER C 121 37.58 -9.29 0.08
N GLU C 122 38.91 -9.36 0.10
CA GLU C 122 39.63 -10.05 1.16
C GLU C 122 39.72 -9.24 2.46
N ALA C 123 39.18 -8.02 2.47
CA ALA C 123 39.24 -7.21 3.68
C ALA C 123 38.22 -7.68 4.72
N LYS C 124 37.06 -8.15 4.27
CA LYS C 124 36.02 -8.57 5.22
C LYS C 124 36.41 -9.83 6.00
N PRO C 125 36.87 -10.92 5.37
CA PRO C 125 37.19 -12.11 6.17
C PRO C 125 38.39 -11.93 7.08
N LEU C 126 39.38 -11.12 6.67
CA LEU C 126 40.57 -10.93 7.48
C LEU C 126 40.21 -10.44 8.89
N ILE C 127 39.50 -9.32 8.97
CA ILE C 127 39.07 -8.80 10.27
C ILE C 127 38.11 -9.75 10.95
N ARG C 128 37.50 -10.68 10.21
CA ARG C 128 36.64 -11.68 10.82
C ARG C 128 37.42 -12.80 11.49
N SER C 129 38.71 -12.93 11.18
CA SER C 129 39.53 -14.00 11.73
C SER C 129 40.55 -13.55 12.77
N GLU C 130 40.94 -12.27 12.75
CA GLU C 130 41.92 -11.76 13.71
C GLU C 130 41.47 -10.54 14.48
N LEU C 131 40.45 -9.82 14.03
CA LEU C 131 39.99 -8.61 14.71
C LEU C 131 38.74 -8.82 15.56
N LEU C 132 37.86 -9.73 15.15
CA LEU C 132 36.60 -9.92 15.88
C LEU C 132 36.81 -10.50 17.27
N PRO C 133 37.62 -11.55 17.49
CA PRO C 133 37.77 -12.08 18.85
C PRO C 133 38.32 -11.08 19.85
N LYS C 134 39.18 -10.16 19.40
CA LYS C 134 39.70 -9.14 20.31
C LYS C 134 38.59 -8.21 20.79
N LEU C 135 37.74 -7.76 19.86
CA LEU C 135 36.60 -6.95 20.25
C LEU C 135 35.64 -7.74 21.15
N ARG C 136 35.49 -9.04 20.88
CA ARG C 136 34.61 -9.87 21.70
C ARG C 136 35.12 -9.94 23.14
N GLN C 137 36.41 -10.22 23.32
CA GLN C 137 36.95 -10.31 24.67
C GLN C 137 36.98 -8.94 25.34
N ILE C 138 37.15 -7.86 24.57
CA ILE C 138 37.09 -6.52 25.15
C ILE C 138 35.69 -6.24 25.68
N PHE C 139 34.66 -6.57 24.89
CA PHE C 139 33.29 -6.38 25.34
C PHE C 139 32.96 -7.27 26.52
N GLN C 140 33.55 -8.46 26.58
CA GLN C 140 33.32 -9.35 27.72
C GLN C 140 33.97 -8.79 29.00
N GLN C 141 35.18 -8.25 28.88
CA GLN C 141 35.86 -7.69 30.05
C GLN C 141 35.29 -6.33 30.45
N PHE C 142 34.58 -5.66 29.54
CA PHE C 142 33.99 -4.36 29.88
C PHE C 142 33.03 -4.47 31.06
N GLY C 143 32.21 -5.52 31.07
CA GLY C 143 31.25 -5.69 32.16
C GLY C 143 31.93 -5.91 33.50
N LYS C 144 32.97 -6.75 33.52
CA LYS C 144 33.66 -7.01 34.79
C LYS C 144 34.42 -5.78 35.27
N ASP C 145 35.03 -5.03 34.35
CA ASP C 145 35.70 -3.80 34.75
C ASP C 145 34.69 -2.77 35.27
N LEU C 146 33.50 -2.72 34.67
CA LEU C 146 32.49 -1.78 35.13
C LEU C 146 31.97 -2.16 36.51
N LEU C 147 31.72 -3.46 36.75
CA LEU C 147 31.23 -3.87 38.05
C LEU C 147 32.31 -3.82 39.13
N ALA C 148 33.58 -3.88 38.75
CA ALA C 148 34.66 -3.79 39.72
C ALA C 148 35.09 -2.35 40.00
N THR C 149 34.86 -1.43 39.06
CA THR C 149 35.28 -0.04 39.26
C THR C 149 34.28 0.73 40.12
N HIS C 150 33.03 0.77 39.69
CA HIS C 150 31.98 1.54 40.35
C HIS C 150 31.10 0.68 41.23
N GLY C 151 31.66 -0.34 41.87
CA GLY C 151 30.90 -1.22 42.72
C GLY C 151 30.74 -0.70 44.14
N ASN C 152 31.84 -0.32 44.77
CA ASN C 152 31.80 0.17 46.14
C ASN C 152 31.16 1.56 46.20
N ASP C 153 30.69 1.90 47.39
CA ASP C 153 30.07 3.21 47.62
C ASP C 153 30.96 4.10 48.48
N SER C 210 29.55 29.39 24.42
CA SER C 210 28.42 28.46 24.37
C SER C 210 28.51 27.43 25.49
N GLY C 211 27.55 26.50 25.51
CA GLY C 211 27.50 25.46 26.52
C GLY C 211 28.20 24.20 26.08
N ASN C 212 27.85 23.11 26.75
CA ASN C 212 28.43 21.80 26.46
C ASN C 212 27.62 21.10 25.38
N SER C 213 28.30 20.60 24.36
CA SER C 213 27.66 19.90 23.25
C SER C 213 28.18 18.48 23.17
N THR C 214 27.57 17.69 22.28
CA THR C 214 27.95 16.31 22.06
C THR C 214 28.02 16.05 20.55
N SER C 215 28.32 14.81 20.19
CA SER C 215 28.42 14.41 18.80
C SER C 215 27.89 13.01 18.62
N ILE C 216 27.21 12.77 17.49
CA ILE C 216 26.68 11.45 17.16
C ILE C 216 27.20 11.07 15.78
N TYR C 217 27.03 9.79 15.44
CA TYR C 217 27.50 9.23 14.18
C TYR C 217 26.40 8.36 13.59
N LEU C 218 26.10 8.57 12.31
CA LEU C 218 25.09 7.80 11.60
C LEU C 218 25.69 7.27 10.31
N GLU C 219 25.14 6.15 9.83
CA GLU C 219 25.65 5.48 8.62
C GLU C 219 24.50 4.81 7.90
N PRO C 220 23.61 5.59 7.27
CA PRO C 220 22.53 4.99 6.49
C PRO C 220 23.02 4.54 5.12
N THR C 221 22.45 3.44 4.66
CA THR C 221 22.80 2.86 3.36
C THR C 221 21.70 3.18 2.36
N PHE C 222 22.08 3.87 1.28
CA PHE C 222 21.15 4.23 0.22
C PHE C 222 21.48 3.45 -1.05
N ASN C 223 20.43 3.11 -1.80
CA ASN C 223 20.58 2.45 -3.09
C ASN C 223 20.45 3.51 -4.18
N VAL C 224 21.53 4.27 -4.36
CA VAL C 224 21.55 5.42 -5.27
C VAL C 224 23.00 5.77 -5.57
N PRO C 225 23.32 6.24 -6.78
CA PRO C 225 24.69 6.72 -7.03
C PRO C 225 25.02 7.92 -6.17
N SER C 226 26.33 8.15 -5.99
CA SER C 226 26.77 9.26 -5.16
C SER C 226 26.37 10.60 -5.75
N SER C 227 26.51 10.75 -7.08
CA SER C 227 26.16 12.01 -7.72
C SER C 227 24.66 12.29 -7.63
N GLU C 228 23.84 11.26 -7.82
CA GLU C 228 22.39 11.45 -7.76
C GLU C 228 21.96 11.96 -6.39
N LEU C 229 22.42 11.30 -5.32
CA LEU C 229 22.06 11.73 -3.98
C LEU C 229 22.68 13.09 -3.65
N TYR C 230 23.89 13.36 -4.16
CA TYR C 230 24.53 14.64 -3.91
C TYR C 230 23.72 15.78 -4.51
N GLU C 231 23.26 15.63 -5.75
CA GLU C 231 22.42 16.66 -6.35
C GLU C 231 21.01 16.65 -5.78
N THR C 232 20.57 15.54 -5.19
CA THR C 232 19.28 15.53 -4.50
C THR C 232 19.33 16.35 -3.22
N PHE C 233 20.48 16.32 -2.53
CA PHE C 233 20.67 17.15 -1.34
C PHE C 233 20.89 18.62 -1.66
N LEU C 234 20.84 19.01 -2.94
CA LEU C 234 21.12 20.40 -3.32
C LEU C 234 19.99 20.98 -4.16
N ASP C 235 19.30 20.14 -4.92
CA ASP C 235 18.23 20.60 -5.78
C ASP C 235 17.07 21.14 -4.94
N LYS C 236 16.76 22.43 -5.10
CA LYS C 236 15.73 23.05 -4.28
C LYS C 236 14.36 22.42 -4.53
N GLN C 237 14.03 22.16 -5.80
CA GLN C 237 12.73 21.55 -6.10
C GLN C 237 12.66 20.13 -5.54
N ARG C 238 13.71 19.34 -5.71
CA ARG C 238 13.71 17.99 -5.17
C ARG C 238 13.75 18.00 -3.64
N ILE C 239 14.42 18.99 -3.04
CA ILE C 239 14.43 19.10 -1.59
C ILE C 239 13.03 19.41 -1.07
N LEU C 240 12.33 20.35 -1.72
CA LEU C 240 10.95 20.61 -1.36
C LEU C 240 10.07 19.40 -1.60
N ALA C 241 10.42 18.56 -2.58
CA ALA C 241 9.65 17.36 -2.85
C ALA C 241 9.80 16.34 -1.71
N TRP C 242 11.03 16.02 -1.33
CA TRP C 242 11.23 15.01 -0.30
C TRP C 242 11.07 15.57 1.12
N THR C 243 10.90 16.88 1.28
CA THR C 243 10.62 17.46 2.58
C THR C 243 9.19 17.96 2.72
N ARG C 244 8.52 18.29 1.63
CA ARG C 244 7.13 18.74 1.56
C ARG C 244 6.90 20.09 2.24
N SER C 245 7.94 20.71 2.80
CA SER C 245 7.84 22.05 3.35
C SER C 245 9.24 22.66 3.37
N ALA C 246 9.49 23.62 2.50
CA ALA C 246 10.81 24.23 2.38
C ALA C 246 10.67 25.71 2.08
N GLN C 247 11.63 26.49 2.57
CA GLN C 247 11.65 27.93 2.34
C GLN C 247 13.09 28.33 2.04
N PHE C 248 13.34 28.70 0.79
CA PHE C 248 14.66 29.14 0.35
C PHE C 248 14.67 30.66 0.18
N PHE C 249 15.72 31.29 0.68
CA PHE C 249 15.83 32.74 0.67
C PHE C 249 16.67 33.27 -0.50
N ASN C 250 17.14 32.39 -1.37
CA ASN C 250 17.94 32.79 -2.53
C ASN C 250 17.20 32.43 -3.81
N SER C 251 17.43 33.24 -4.85
CA SER C 251 16.78 33.01 -6.14
C SER C 251 17.43 31.89 -6.94
N GLY C 252 18.61 31.44 -6.54
CA GLY C 252 19.30 30.37 -7.23
C GLY C 252 18.49 29.09 -7.30
N PRO C 253 18.61 28.36 -8.41
CA PRO C 253 17.84 27.10 -8.53
C PRO C 253 18.36 26.00 -7.65
N LYS C 254 19.64 26.00 -7.31
CA LYS C 254 20.24 24.99 -6.47
C LYS C 254 21.00 25.64 -5.32
N LEU C 255 21.29 24.83 -4.30
CA LEU C 255 22.01 25.34 -3.14
C LEU C 255 23.46 25.67 -3.49
N GLU C 256 23.96 26.76 -2.92
CA GLU C 256 25.33 27.20 -3.13
C GLU C 256 26.00 27.41 -1.78
N THR C 257 27.29 27.76 -1.82
CA THR C 257 28.05 27.97 -0.60
C THR C 257 27.51 29.18 0.16
N LYS C 258 27.48 29.05 1.50
CA LYS C 258 27.03 30.11 2.40
C LYS C 258 25.59 30.51 2.09
N GLU C 259 24.70 29.52 2.17
CA GLU C 259 23.28 29.70 1.89
C GLU C 259 22.46 29.07 3.00
N LYS C 260 21.50 29.82 3.53
CA LYS C 260 20.62 29.36 4.59
C LYS C 260 19.22 29.12 4.04
N PHE C 261 18.56 28.08 4.57
CA PHE C 261 17.19 27.78 4.18
C PHE C 261 16.50 27.07 5.33
N GLU C 262 15.17 27.20 5.37
CA GLU C 262 14.34 26.69 6.45
C GLU C 262 13.55 25.48 5.98
N LEU C 263 13.37 24.51 6.89
CA LEU C 263 12.70 23.26 6.56
C LEU C 263 11.81 22.83 7.71
N PHE C 264 10.84 21.97 7.39
CA PHE C 264 10.00 21.29 8.38
C PHE C 264 9.24 22.28 9.27
N GLY C 265 8.44 23.12 8.62
CA GLY C 265 7.55 24.02 9.34
C GLY C 265 8.25 24.96 10.29
N GLY C 266 9.44 25.43 9.93
CA GLY C 266 10.20 26.35 10.76
C GLY C 266 10.99 25.70 11.88
N ASN C 267 10.83 24.40 12.10
CA ASN C 267 11.60 23.74 13.15
C ASN C 267 13.06 23.57 12.74
N VAL C 268 13.32 23.34 11.45
CA VAL C 268 14.66 23.10 10.94
C VAL C 268 15.15 24.37 10.26
N ILE C 269 16.36 24.80 10.63
CA ILE C 269 17.05 25.92 9.99
C ILE C 269 18.47 25.48 9.74
N SER C 270 18.81 25.19 8.47
CA SER C 270 20.13 24.69 8.10
C SER C 270 20.85 25.72 7.24
N GLU C 271 22.15 25.52 7.08
CA GLU C 271 23.00 26.47 6.37
C GLU C 271 24.14 25.71 5.72
N LEU C 272 24.16 25.66 4.39
CA LEU C 272 25.23 25.00 3.67
C LEU C 272 26.52 25.82 3.79
N VAL C 273 27.54 25.22 4.39
CA VAL C 273 28.79 25.92 4.66
C VAL C 273 29.88 25.52 3.67
N SER C 274 30.02 24.23 3.40
CA SER C 274 31.05 23.75 2.49
C SER C 274 30.54 22.52 1.76
N CYS C 275 31.05 22.29 0.57
CA CYS C 275 30.62 21.16 -0.25
C CYS C 275 31.74 20.77 -1.21
N GLU C 276 31.82 19.48 -1.49
CA GLU C 276 32.76 18.93 -2.46
C GLU C 276 31.98 18.05 -3.42
N LYS C 277 32.38 18.07 -4.70
CA LYS C 277 31.65 17.37 -5.74
C LYS C 277 31.54 15.88 -5.44
N ASP C 278 30.33 15.42 -5.11
CA ASP C 278 30.02 14.03 -4.84
C ASP C 278 30.89 13.45 -3.72
N LYS C 279 31.50 14.30 -2.89
CA LYS C 279 32.39 13.83 -1.83
C LYS C 279 31.92 14.20 -0.44
N LYS C 280 31.63 15.49 -0.19
CA LYS C 280 31.32 15.95 1.15
C LYS C 280 30.27 17.05 1.10
N LEU C 281 29.44 17.10 2.14
CA LEU C 281 28.43 18.13 2.30
C LEU C 281 28.38 18.53 3.77
N VAL C 282 28.62 19.81 4.05
CA VAL C 282 28.66 20.34 5.41
C VAL C 282 27.53 21.34 5.57
N PHE C 283 26.72 21.16 6.61
CA PHE C 283 25.60 22.04 6.90
C PHE C 283 25.65 22.47 8.36
N HIS C 284 25.13 23.67 8.63
CA HIS C 284 25.00 24.20 9.99
C HIS C 284 23.55 23.99 10.42
N TRP C 285 23.27 22.78 10.92
CA TRP C 285 21.91 22.44 11.32
C TRP C 285 21.60 23.00 12.70
N LYS C 286 20.37 23.49 12.87
CA LYS C 286 19.93 24.04 14.14
C LYS C 286 18.40 23.97 14.19
N LEU C 287 17.87 23.55 15.33
CA LEU C 287 16.43 23.44 15.51
C LEU C 287 15.92 24.65 16.29
N LYS C 288 14.67 25.04 16.02
CA LYS C 288 14.17 26.31 16.49
C LYS C 288 14.10 26.39 18.02
N ASP C 289 13.97 25.25 18.70
CA ASP C 289 13.84 25.28 20.15
C ASP C 289 15.20 25.41 20.86
N TRP C 290 16.29 25.18 20.15
CA TRP C 290 17.62 25.31 20.76
C TRP C 290 17.90 26.76 21.15
N SER C 291 18.84 26.94 22.07
CA SER C 291 19.32 28.26 22.41
C SER C 291 20.11 28.85 21.24
N ALA C 292 20.31 30.17 21.30
CA ALA C 292 21.01 30.86 20.22
C ALA C 292 22.46 30.40 20.04
N PRO C 293 23.29 30.28 21.09
CA PRO C 293 24.68 29.86 20.86
C PRO C 293 24.83 28.42 20.39
N PHE C 294 23.81 27.58 20.53
CA PHE C 294 23.89 26.18 20.16
C PHE C 294 23.55 26.04 18.68
N ASN C 295 24.57 25.88 17.84
CA ASN C 295 24.41 25.66 16.41
C ASN C 295 25.24 24.45 16.02
N SER C 296 24.57 23.36 15.62
CA SER C 296 25.26 22.13 15.31
C SER C 296 25.81 22.15 13.89
N THR C 297 26.80 21.29 13.65
CA THR C 297 27.43 21.15 12.34
C THR C 297 27.36 19.68 11.93
N ILE C 298 26.77 19.41 10.77
CA ILE C 298 26.61 18.07 10.25
C ILE C 298 27.43 17.94 8.98
N GLU C 299 28.17 16.83 8.87
CA GLU C 299 29.03 16.57 7.71
C GLU C 299 28.64 15.22 7.13
N MET C 300 28.29 15.20 5.85
CA MET C 300 27.89 13.99 5.14
C MET C 300 28.95 13.66 4.09
N THR C 301 29.48 12.45 4.13
CA THR C 301 30.49 11.98 3.19
C THR C 301 29.94 10.82 2.39
N PHE C 302 30.11 10.88 1.08
CA PHE C 302 29.60 9.85 0.17
C PHE C 302 30.65 8.77 -0.02
N HIS C 303 30.23 7.50 0.05
CA HIS C 303 31.11 6.35 -0.04
C HIS C 303 30.52 5.29 -0.96
N GLU C 304 30.12 5.72 -2.17
CA GLU C 304 29.55 4.80 -3.14
C GLU C 304 30.54 3.68 -3.46
N SER C 305 30.01 2.48 -3.66
CA SER C 305 30.84 1.31 -3.93
C SER C 305 30.96 1.06 -5.42
N GLN C 306 31.93 0.22 -5.79
CA GLN C 306 32.17 -0.14 -7.18
C GLN C 306 31.87 -1.60 -7.48
N GLU C 307 31.97 -2.49 -6.50
CA GLU C 307 31.66 -3.90 -6.70
C GLU C 307 30.15 -4.17 -6.55
N PHE C 308 29.60 -3.83 -5.39
CA PHE C 308 28.17 -3.98 -5.15
C PHE C 308 27.39 -2.71 -5.47
N HIS C 309 28.06 -1.58 -5.65
CA HIS C 309 27.45 -0.32 -6.07
C HIS C 309 26.36 0.12 -5.08
N GLU C 310 26.79 0.39 -3.86
CA GLU C 310 25.93 0.99 -2.83
C GLU C 310 26.66 2.16 -2.20
N THR C 311 25.90 3.17 -1.80
CA THR C 311 26.45 4.35 -1.14
C THR C 311 26.05 4.34 0.33
N LYS C 312 26.96 4.83 1.18
CA LYS C 312 26.77 4.85 2.62
C LYS C 312 27.12 6.26 3.11
N LEU C 313 26.09 7.08 3.35
CA LEU C 313 26.28 8.46 3.72
C LEU C 313 26.80 8.58 5.15
N GLN C 314 28.13 8.62 5.30
CA GLN C 314 28.75 8.76 6.61
C GLN C 314 28.46 10.13 7.18
N VAL C 315 27.69 10.19 8.26
CA VAL C 315 27.23 11.43 8.86
C VAL C 315 27.91 11.60 10.22
N LYS C 316 28.66 12.68 10.37
CA LYS C 316 29.25 13.08 11.65
C LYS C 316 28.57 14.36 12.10
N TRP C 317 27.85 14.29 13.21
CA TRP C 317 26.92 15.34 13.64
C TRP C 317 27.38 15.87 14.99
N THR C 318 28.11 16.98 14.97
CA THR C 318 28.66 17.59 16.17
C THR C 318 27.92 18.88 16.51
N GLY C 319 28.10 19.32 17.75
CA GLY C 319 27.46 20.54 18.23
C GLY C 319 26.05 20.37 18.76
N ILE C 320 25.59 19.13 18.92
CA ILE C 320 24.24 18.86 19.41
C ILE C 320 24.20 19.08 20.92
N PRO C 321 23.15 19.71 21.45
CA PRO C 321 23.03 19.85 22.91
C PRO C 321 22.91 18.49 23.59
N VAL C 322 23.23 18.49 24.89
CA VAL C 322 23.21 17.25 25.66
C VAL C 322 21.80 16.73 25.88
N GLY C 323 20.78 17.55 25.64
CA GLY C 323 19.40 17.16 25.84
C GLY C 323 18.64 16.79 24.59
N GLU C 324 19.29 16.74 23.42
CA GLU C 324 18.63 16.41 22.17
C GLU C 324 19.33 15.31 21.38
N GLU C 325 20.43 14.75 21.91
CA GLU C 325 21.25 13.82 21.14
C GLU C 325 20.46 12.60 20.67
N ASP C 326 19.36 12.27 21.32
CA ASP C 326 18.51 11.18 20.85
C ASP C 326 17.44 11.68 19.88
N ARG C 327 16.86 12.85 20.16
CA ARG C 327 15.80 13.38 19.30
C ARG C 327 16.34 13.67 17.90
N VAL C 328 17.60 14.09 17.80
CA VAL C 328 18.20 14.35 16.51
C VAL C 328 18.42 13.05 15.73
N ARG C 329 18.48 11.92 16.41
CA ARG C 329 18.75 10.65 15.74
C ARG C 329 17.50 10.11 15.05
N ALA C 330 16.43 9.89 15.82
CA ALA C 330 15.20 9.35 15.24
C ALA C 330 14.61 10.30 14.21
N ASN C 331 14.86 11.61 14.34
CA ASN C 331 14.38 12.55 13.35
C ASN C 331 15.13 12.41 12.03
N PHE C 332 16.37 11.93 12.06
CA PHE C 332 17.14 11.77 10.83
C PHE C 332 16.77 10.49 10.10
N GLU C 333 16.60 9.38 10.83
CA GLU C 333 16.26 8.11 10.19
C GLU C 333 14.86 8.11 9.61
N GLU C 334 14.02 9.07 9.96
CA GLU C 334 12.66 9.15 9.47
C GLU C 334 12.46 10.27 8.45
N TYR C 335 13.01 11.46 8.72
CA TYR C 335 12.79 12.62 7.86
C TYR C 335 13.94 12.88 6.90
N TYR C 336 15.09 12.24 7.09
CA TYR C 336 16.22 12.39 6.20
C TYR C 336 16.62 11.11 5.47
N VAL C 337 16.28 9.94 6.01
CA VAL C 337 16.56 8.67 5.37
C VAL C 337 15.29 8.03 4.83
N ARG C 338 14.26 7.92 5.66
CA ARG C 338 13.03 7.26 5.24
C ARG C 338 12.28 8.09 4.20
N SER C 339 12.23 9.41 4.38
CA SER C 339 11.49 10.25 3.45
C SER C 339 12.12 10.23 2.06
N ILE C 340 13.45 10.22 1.99
CA ILE C 340 14.12 10.16 0.69
C ILE C 340 13.90 8.79 0.04
N LYS C 341 13.89 7.73 0.84
CA LYS C 341 13.66 6.39 0.30
C LYS C 341 12.20 6.17 -0.06
N LEU C 342 11.28 7.01 0.42
CA LEU C 342 9.88 6.89 0.06
C LEU C 342 9.52 7.77 -1.14
N THR C 343 10.06 8.98 -1.21
CA THR C 343 9.73 9.89 -2.31
C THR C 343 10.47 9.49 -3.58
N PHE C 344 11.80 9.42 -3.52
CA PHE C 344 12.60 9.08 -4.68
C PHE C 344 12.89 7.60 -4.78
N GLY C 345 12.68 6.83 -3.71
CA GLY C 345 12.90 5.40 -3.77
C GLY C 345 14.35 4.98 -3.78
N PHE C 346 15.18 5.59 -2.95
CA PHE C 346 16.60 5.26 -2.88
C PHE C 346 16.83 4.13 -1.88
N GLY C 347 16.17 3.01 -2.14
CA GLY C 347 16.26 1.85 -1.26
C GLY C 347 14.93 1.43 -0.69
N ALA C 348 14.77 0.13 -0.44
CA ALA C 348 13.53 -0.38 0.11
C ALA C 348 13.38 0.00 1.57
N VAL C 349 12.22 0.53 1.94
CA VAL C 349 11.95 0.96 3.31
C VAL C 349 10.45 0.84 3.56
N LEU C 350 10.09 0.69 4.83
CA LEU C 350 8.68 0.60 5.23
C LEU C 350 8.39 1.52 6.39
N TRP D 11 -41.97 17.88 28.99
CA TRP D 11 -40.61 18.01 29.48
C TRP D 11 -39.75 18.81 28.51
N VAL D 12 -38.65 19.37 29.02
CA VAL D 12 -37.77 20.16 28.17
C VAL D 12 -37.07 19.31 27.12
N ASP D 13 -36.90 18.02 27.40
CA ASP D 13 -36.27 17.09 26.47
C ASP D 13 -37.28 16.04 26.04
N LYS D 14 -37.36 15.79 24.73
CA LYS D 14 -38.32 14.83 24.18
C LYS D 14 -37.60 13.98 23.14
N ASN D 15 -37.50 12.68 23.41
CA ASN D 15 -36.97 11.75 22.43
C ASN D 15 -38.05 11.49 21.37
N CYS D 16 -37.69 11.71 20.10
CA CYS D 16 -38.68 11.68 19.03
C CYS D 16 -38.23 10.82 17.86
N ILE D 17 -37.37 9.83 18.10
CA ILE D 17 -36.95 8.95 17.02
C ILE D 17 -38.08 8.03 16.59
N GLY D 18 -38.82 7.48 17.56
CA GLY D 18 -39.94 6.61 17.21
C GLY D 18 -41.09 7.35 16.59
N TRP D 19 -41.36 8.58 17.07
CA TRP D 19 -42.40 9.39 16.45
C TRP D 19 -42.03 9.76 15.02
N ALA D 20 -40.76 10.08 14.77
CA ALA D 20 -40.33 10.36 13.41
C ALA D 20 -40.44 9.11 12.54
N LYS D 21 -40.10 7.94 13.10
CA LYS D 21 -40.22 6.69 12.35
C LYS D 21 -41.67 6.44 11.95
N GLU D 22 -42.59 6.57 12.89
CA GLU D 22 -44.00 6.30 12.57
C GLU D 22 -44.57 7.37 11.64
N TYR D 23 -44.14 8.62 11.77
CA TYR D 23 -44.60 9.66 10.85
C TYR D 23 -44.11 9.40 9.43
N PHE D 24 -42.85 8.96 9.29
CA PHE D 24 -42.36 8.62 7.96
C PHE D 24 -43.07 7.39 7.41
N LYS D 25 -43.35 6.41 8.26
CA LYS D 25 -44.08 5.23 7.80
C LYS D 25 -45.50 5.57 7.40
N GLN D 26 -46.09 6.61 7.99
CA GLN D 26 -47.42 7.05 7.61
C GLN D 26 -47.43 7.98 6.40
N LYS D 27 -46.33 8.69 6.15
CA LYS D 27 -46.27 9.67 5.07
C LYS D 27 -45.53 9.16 3.84
N LEU D 28 -44.41 8.46 4.00
CA LEU D 28 -43.64 8.04 2.84
C LEU D 28 -44.36 6.99 2.01
N VAL D 29 -45.21 6.18 2.64
CA VAL D 29 -45.97 5.17 1.91
C VAL D 29 -47.17 5.85 1.25
N GLY D 30 -47.64 5.26 0.14
CA GLY D 30 -48.81 5.73 -0.56
C GLY D 30 -48.50 6.65 -1.73
N VAL D 31 -47.34 7.31 -1.73
CA VAL D 31 -46.99 8.19 -2.85
C VAL D 31 -46.73 7.36 -4.09
N GLU D 32 -47.23 7.83 -5.23
CA GLU D 32 -47.13 7.09 -6.48
C GLU D 32 -46.79 8.04 -7.61
N ALA D 33 -46.03 7.52 -8.58
CA ALA D 33 -45.65 8.29 -9.76
C ALA D 33 -46.67 8.13 -10.88
N GLY D 34 -47.92 8.43 -10.55
CA GLY D 34 -49.01 8.32 -11.49
C GLY D 34 -50.03 7.27 -11.03
N SER D 35 -50.72 6.69 -12.01
CA SER D 35 -51.72 5.66 -11.76
C SER D 35 -51.21 4.31 -12.24
N VAL D 36 -51.71 3.24 -11.62
CA VAL D 36 -51.31 1.90 -11.99
C VAL D 36 -51.72 1.57 -13.43
N LYS D 37 -52.76 2.24 -13.93
CA LYS D 37 -53.20 2.02 -15.30
C LYS D 37 -52.22 2.55 -16.32
N ASP D 38 -51.33 3.47 -15.93
CA ASP D 38 -50.37 4.03 -16.86
C ASP D 38 -49.31 2.98 -17.24
N LYS D 39 -48.54 3.31 -18.28
CA LYS D 39 -47.51 2.40 -18.76
C LYS D 39 -46.24 2.47 -17.93
N LYS D 40 -45.99 3.59 -17.26
CA LYS D 40 -44.83 3.75 -16.37
C LYS D 40 -45.34 4.18 -15.00
N TYR D 41 -45.07 3.37 -13.99
CA TYR D 41 -45.62 3.61 -12.66
C TYR D 41 -44.58 3.20 -11.62
N ALA D 42 -44.61 3.90 -10.48
CA ALA D 42 -43.74 3.61 -9.36
C ALA D 42 -44.43 4.03 -8.08
N LYS D 43 -44.15 3.32 -6.99
CA LYS D 43 -44.80 3.58 -5.72
C LYS D 43 -43.91 3.05 -4.59
N ILE D 44 -43.79 3.85 -3.53
CA ILE D 44 -43.02 3.44 -2.35
C ILE D 44 -43.81 2.36 -1.63
N LYS D 45 -43.26 1.15 -1.58
CA LYS D 45 -43.96 0.04 -0.95
C LYS D 45 -43.94 0.17 0.57
N SER D 46 -42.75 0.36 1.15
CA SER D 46 -42.61 0.47 2.60
C SER D 46 -41.29 1.15 2.91
N VAL D 47 -41.10 1.46 4.19
CA VAL D 47 -39.88 2.09 4.69
C VAL D 47 -38.98 1.00 5.23
N SER D 48 -37.75 0.93 4.70
CA SER D 48 -36.83 -0.12 5.09
C SER D 48 -36.21 0.15 6.46
N SER D 49 -35.53 1.29 6.60
CA SER D 49 -34.84 1.60 7.85
C SER D 49 -34.73 3.11 8.02
N ILE D 50 -34.76 3.53 9.27
CA ILE D 50 -34.57 4.94 9.64
C ILE D 50 -33.59 4.99 10.80
N GLU D 51 -32.34 5.32 10.51
CA GLU D 51 -31.27 5.31 11.50
C GLU D 51 -30.86 6.73 11.87
N GLY D 52 -30.19 6.85 13.01
CA GLY D 52 -29.71 8.13 13.50
C GLY D 52 -30.34 8.47 14.85
N ASP D 53 -30.63 9.76 15.03
CA ASP D 53 -31.23 10.24 16.27
C ASP D 53 -32.10 11.45 15.96
N CYS D 54 -33.19 11.58 16.72
CA CYS D 54 -34.12 12.70 16.56
C CYS D 54 -34.60 13.10 17.96
N GLU D 55 -34.06 14.19 18.47
CA GLU D 55 -34.40 14.68 19.80
C GLU D 55 -34.78 16.15 19.73
N VAL D 56 -35.65 16.56 20.65
CA VAL D 56 -36.10 17.94 20.76
C VAL D 56 -35.73 18.44 22.16
N ASN D 57 -34.84 19.43 22.22
CA ASN D 57 -34.33 19.95 23.48
C ASN D 57 -34.63 21.43 23.61
N GLN D 58 -34.52 21.93 24.83
CA GLN D 58 -34.76 23.34 25.14
C GLN D 58 -33.57 23.82 25.97
N ARG D 59 -32.63 24.50 25.32
CA ARG D 59 -31.43 24.98 26.01
C ARG D 59 -31.11 26.44 25.66
N LYS D 60 -31.53 26.88 24.48
CA LYS D 60 -31.19 28.21 23.97
C LYS D 60 -32.35 29.19 24.06
N GLY D 61 -33.26 28.99 25.00
CA GLY D 61 -34.41 29.86 25.12
C GLY D 61 -35.49 29.65 24.08
N LYS D 62 -35.34 28.65 23.21
CA LYS D 62 -36.31 28.38 22.16
C LYS D 62 -36.25 26.90 21.82
N VAL D 63 -37.37 26.38 21.29
CA VAL D 63 -37.43 24.97 20.93
C VAL D 63 -36.55 24.72 19.71
N ILE D 64 -35.76 23.65 19.76
CA ILE D 64 -34.85 23.28 18.69
C ILE D 64 -34.92 21.77 18.50
N SER D 65 -34.41 21.30 17.36
CA SER D 65 -34.39 19.88 17.04
C SER D 65 -33.21 19.64 16.09
N LEU D 66 -32.10 19.17 16.65
CA LEU D 66 -30.91 18.87 15.85
C LEU D 66 -30.90 17.40 15.41
N PHE D 67 -32.01 17.00 14.80
CA PHE D 67 -32.19 15.62 14.41
C PHE D 67 -31.26 15.25 13.27
N ASP D 68 -30.58 14.10 13.40
CA ASP D 68 -29.67 13.57 12.40
C ASP D 68 -30.18 12.19 12.02
N LEU D 69 -30.78 12.08 10.84
CA LEU D 69 -31.43 10.85 10.42
C LEU D 69 -30.99 10.46 9.00
N LYS D 70 -31.02 9.16 8.75
CA LYS D 70 -30.75 8.59 7.43
C LYS D 70 -31.86 7.61 7.09
N ILE D 71 -32.48 7.77 5.94
CA ILE D 71 -33.69 7.03 5.58
C ILE D 71 -33.39 6.15 4.37
N THR D 72 -34.04 4.99 4.35
CA THR D 72 -33.97 4.06 3.23
C THR D 72 -35.33 3.41 3.06
N VAL D 73 -35.86 3.43 1.83
CA VAL D 73 -37.18 2.89 1.53
C VAL D 73 -37.10 2.04 0.28
N LEU D 74 -38.11 1.20 0.10
CA LEU D 74 -38.24 0.32 -1.06
C LEU D 74 -39.36 0.82 -1.97
N ILE D 75 -39.17 0.64 -3.27
CA ILE D 75 -40.14 1.08 -4.27
C ILE D 75 -40.44 -0.06 -5.22
N GLU D 76 -41.69 -0.12 -5.69
CA GLU D 76 -42.14 -1.11 -6.65
C GLU D 76 -42.94 -0.43 -7.75
N GLY D 77 -42.74 -0.88 -8.97
CA GLY D 77 -43.49 -0.33 -10.09
C GLY D 77 -43.21 -1.11 -11.36
N HIS D 78 -43.47 -0.46 -12.49
CA HIS D 78 -43.25 -1.09 -13.78
C HIS D 78 -42.98 -0.01 -14.82
N VAL D 79 -42.19 -0.37 -15.83
CA VAL D 79 -41.83 0.53 -16.91
C VAL D 79 -42.31 -0.06 -18.23
N ASP D 80 -42.21 0.73 -19.29
CA ASP D 80 -42.63 0.30 -20.62
C ASP D 80 -41.51 -0.45 -21.32
N SER D 81 -41.86 -1.54 -21.98
CA SER D 81 -40.91 -2.32 -22.74
C SER D 81 -40.87 -1.85 -24.19
N LYS D 82 -40.05 -2.51 -25.01
CA LYS D 82 -39.93 -2.16 -26.41
C LYS D 82 -40.75 -3.05 -27.34
N ASP D 83 -41.20 -4.20 -26.86
CA ASP D 83 -41.94 -5.15 -27.69
C ASP D 83 -43.37 -5.38 -27.22
N GLY D 84 -43.56 -5.69 -25.93
CA GLY D 84 -44.88 -6.04 -25.45
C GLY D 84 -45.31 -5.37 -24.17
N SER D 85 -45.71 -6.17 -23.18
CA SER D 85 -46.28 -5.65 -21.95
C SER D 85 -45.22 -4.96 -21.10
N ALA D 86 -45.66 -4.40 -19.99
CA ALA D 86 -44.77 -3.67 -19.08
C ALA D 86 -43.90 -4.62 -18.28
N LEU D 87 -42.71 -4.14 -17.91
CA LEU D 87 -41.78 -4.94 -17.13
C LEU D 87 -41.74 -4.41 -15.70
N PRO D 88 -42.00 -5.24 -14.69
CA PRO D 88 -41.96 -4.76 -13.30
C PRO D 88 -40.52 -4.62 -12.81
N PHE D 89 -40.39 -3.95 -11.68
CA PHE D 89 -39.07 -3.73 -11.10
C PHE D 89 -39.19 -3.39 -9.63
N GLU D 90 -38.20 -3.84 -8.86
CA GLU D 90 -38.02 -3.49 -7.45
C GLU D 90 -36.82 -2.57 -7.32
N GLY D 91 -36.88 -1.69 -6.33
CA GLY D 91 -35.79 -0.75 -6.14
C GLY D 91 -35.76 -0.22 -4.72
N SER D 92 -34.74 0.61 -4.46
CA SER D 92 -34.54 1.21 -3.15
C SER D 92 -34.16 2.68 -3.33
N ILE D 93 -34.61 3.51 -2.38
CA ILE D 93 -34.30 4.92 -2.35
C ILE D 93 -33.62 5.22 -1.03
N ASN D 94 -32.40 5.77 -1.08
CA ASN D 94 -31.60 6.04 0.09
C ASN D 94 -31.41 7.54 0.24
N VAL D 95 -31.85 8.08 1.37
CA VAL D 95 -31.62 9.48 1.70
C VAL D 95 -30.58 9.53 2.81
N PRO D 96 -29.32 9.84 2.52
CA PRO D 96 -28.27 9.75 3.53
C PRO D 96 -28.31 10.84 4.59
N GLU D 97 -29.12 11.89 4.41
CA GLU D 97 -29.13 12.99 5.38
C GLU D 97 -30.44 13.76 5.28
N VAL D 98 -31.13 13.88 6.41
CA VAL D 98 -32.25 14.81 6.57
C VAL D 98 -32.04 15.53 7.89
N ALA D 99 -31.86 16.86 7.82
CA ALA D 99 -31.53 17.65 9.00
C ALA D 99 -32.38 18.91 9.01
N PHE D 100 -32.19 19.72 10.06
CA PHE D 100 -32.97 20.94 10.20
C PHE D 100 -32.53 22.00 9.19
N ASP D 101 -31.24 22.07 8.90
CA ASP D 101 -30.69 23.07 7.99
C ASP D 101 -30.71 22.59 6.54
N SER D 102 -31.27 21.42 6.25
CA SER D 102 -31.28 20.91 4.89
C SER D 102 -32.28 21.70 4.04
N GLU D 103 -31.79 22.22 2.91
CA GLU D 103 -32.66 22.92 1.98
C GLU D 103 -33.54 21.93 1.23
N ALA D 104 -34.65 22.45 0.69
CA ALA D 104 -35.57 21.60 -0.07
C ALA D 104 -34.88 20.90 -1.23
N SER D 105 -33.91 21.56 -1.86
CA SER D 105 -33.16 20.98 -2.97
C SER D 105 -31.82 20.40 -2.53
N SER D 106 -31.47 20.50 -1.25
CA SER D 106 -30.20 19.97 -0.77
C SER D 106 -30.23 18.47 -0.56
N TYR D 107 -31.41 17.86 -0.53
CA TYR D 107 -31.52 16.42 -0.33
C TYR D 107 -30.94 15.67 -1.53
N GLN D 108 -30.15 14.64 -1.24
CA GLN D 108 -29.59 13.76 -2.25
C GLN D 108 -30.27 12.40 -2.16
N PHE D 109 -30.72 11.89 -3.31
CA PHE D 109 -31.47 10.65 -3.37
C PHE D 109 -30.65 9.61 -4.14
N ASP D 110 -30.21 8.57 -3.45
CA ASP D 110 -29.51 7.46 -4.06
C ASP D 110 -30.57 6.48 -4.56
N ILE D 111 -30.82 6.49 -5.87
CA ILE D 111 -31.83 5.63 -6.48
C ILE D 111 -31.14 4.39 -7.03
N SER D 112 -31.61 3.22 -6.60
CA SER D 112 -31.07 1.95 -7.04
C SER D 112 -32.20 1.02 -7.42
N ILE D 113 -31.96 0.17 -8.43
CA ILE D 113 -32.95 -0.75 -8.95
C ILE D 113 -32.35 -2.14 -8.94
N PHE D 114 -33.04 -3.09 -8.30
CA PHE D 114 -32.59 -4.47 -8.27
C PHE D 114 -32.75 -5.10 -9.66
N LYS D 115 -31.70 -5.78 -10.12
CA LYS D 115 -31.69 -6.44 -11.43
C LYS D 115 -31.98 -5.45 -12.55
N GLU D 116 -31.46 -4.24 -12.43
CA GLU D 116 -31.65 -3.23 -13.44
C GLU D 116 -30.93 -3.61 -14.73
N THR D 117 -31.52 -3.22 -15.86
CA THR D 117 -30.97 -3.55 -17.17
C THR D 117 -31.22 -2.37 -18.10
N SER D 118 -30.92 -2.57 -19.39
CA SER D 118 -31.15 -1.52 -20.38
C SER D 118 -32.64 -1.20 -20.51
N GLU D 119 -33.46 -2.24 -20.66
CA GLU D 119 -34.91 -2.07 -20.80
C GLU D 119 -35.53 -1.50 -19.53
N LEU D 120 -34.71 -1.28 -18.50
CA LEU D 120 -35.16 -0.70 -17.25
C LEU D 120 -34.54 0.65 -16.97
N SER D 121 -33.67 1.15 -17.85
CA SER D 121 -32.94 2.39 -17.58
C SER D 121 -33.88 3.59 -17.46
N GLU D 122 -35.06 3.52 -18.08
CA GLU D 122 -36.01 4.61 -17.99
C GLU D 122 -36.77 4.63 -16.66
N ALA D 123 -36.44 3.74 -15.73
CA ALA D 123 -37.14 3.71 -14.45
C ALA D 123 -36.75 4.91 -13.59
N LYS D 124 -35.45 5.23 -13.54
CA LYS D 124 -34.98 6.29 -12.64
C LYS D 124 -35.50 7.67 -12.99
N PRO D 125 -35.48 8.13 -14.25
CA PRO D 125 -35.98 9.49 -14.53
C PRO D 125 -37.41 9.72 -14.10
N LEU D 126 -38.28 8.72 -14.26
CA LEU D 126 -39.67 8.85 -13.79
C LEU D 126 -39.71 9.16 -12.30
N ILE D 127 -39.00 8.37 -11.49
CA ILE D 127 -38.89 8.68 -10.06
C ILE D 127 -38.29 10.05 -9.85
N ARG D 128 -37.36 10.46 -10.72
CA ARG D 128 -36.76 11.79 -10.60
C ARG D 128 -37.67 12.89 -11.12
N SER D 129 -38.78 12.55 -11.79
CA SER D 129 -39.70 13.55 -12.31
C SER D 129 -41.02 13.61 -11.57
N GLU D 130 -41.37 12.58 -10.80
CA GLU D 130 -42.66 12.55 -10.10
C GLU D 130 -42.52 12.30 -8.61
N LEU D 131 -41.57 11.47 -8.18
CA LEU D 131 -41.47 11.07 -6.79
C LEU D 131 -40.50 11.91 -5.98
N LEU D 132 -39.47 12.49 -6.61
CA LEU D 132 -38.49 13.25 -5.85
C LEU D 132 -39.06 14.53 -5.24
N PRO D 133 -39.83 15.35 -5.96
CA PRO D 133 -40.41 16.54 -5.30
C PRO D 133 -41.33 16.19 -4.16
N LYS D 134 -42.06 15.08 -4.24
CA LYS D 134 -42.92 14.67 -3.14
C LYS D 134 -42.10 14.36 -1.89
N LEU D 135 -41.00 13.62 -2.06
CA LEU D 135 -40.13 13.34 -0.93
C LEU D 135 -39.50 14.62 -0.39
N ARG D 136 -39.16 15.55 -1.28
CA ARG D 136 -38.57 16.81 -0.84
C ARG D 136 -39.55 17.60 0.03
N GLN D 137 -40.79 17.76 -0.44
CA GLN D 137 -41.77 18.51 0.34
C GLN D 137 -42.16 17.78 1.61
N ILE D 138 -42.14 16.44 1.60
CA ILE D 138 -42.41 15.69 2.83
C ILE D 138 -41.31 15.93 3.85
N PHE D 139 -40.05 15.86 3.42
CA PHE D 139 -38.94 16.14 4.33
C PHE D 139 -38.96 17.58 4.82
N GLN D 140 -39.42 18.51 3.99
CA GLN D 140 -39.52 19.91 4.41
C GLN D 140 -40.59 20.08 5.48
N GLN D 141 -41.78 19.51 5.25
CA GLN D 141 -42.87 19.63 6.22
C GLN D 141 -42.60 18.80 7.48
N PHE D 142 -41.66 17.85 7.42
CA PHE D 142 -41.36 17.04 8.59
C PHE D 142 -40.88 17.90 9.75
N GLY D 143 -39.93 18.81 9.49
CA GLY D 143 -39.45 19.68 10.55
C GLY D 143 -40.54 20.58 11.09
N LYS D 144 -41.43 21.05 10.22
CA LYS D 144 -42.52 21.91 10.65
C LYS D 144 -43.46 21.17 11.60
N ASP D 145 -43.89 19.96 11.21
CA ASP D 145 -44.78 19.22 12.10
C ASP D 145 -44.06 18.76 13.36
N LEU D 146 -42.75 18.55 13.28
CA LEU D 146 -41.97 18.20 14.46
C LEU D 146 -41.97 19.36 15.47
N LEU D 147 -41.64 20.56 15.00
CA LEU D 147 -41.63 21.71 15.90
C LEU D 147 -43.03 22.11 16.34
N ALA D 148 -44.06 21.72 15.59
CA ALA D 148 -45.42 22.06 15.99
C ALA D 148 -45.99 21.07 17.00
N THR D 149 -45.62 19.79 16.88
CA THR D 149 -46.19 18.77 17.76
C THR D 149 -45.44 18.67 19.07
N HIS D 150 -44.12 18.55 19.03
CA HIS D 150 -43.29 18.35 20.21
C HIS D 150 -42.57 19.61 20.64
N GLY D 151 -43.24 20.75 20.55
CA GLY D 151 -42.64 22.02 20.95
C GLY D 151 -42.58 22.22 22.44
N ASN D 152 -42.76 23.46 22.90
CA ASN D 152 -42.69 23.77 24.31
C ASN D 152 -43.88 23.18 25.05
N ASP D 153 -43.71 23.01 26.36
CA ASP D 153 -44.76 22.46 27.22
C ASP D 153 -45.91 23.45 27.38
N SER D 210 -40.65 -13.21 25.32
CA SER D 210 -39.46 -12.69 24.65
C SER D 210 -39.24 -11.23 25.00
N GLY D 211 -38.03 -10.74 24.68
CA GLY D 211 -37.68 -9.36 24.95
C GLY D 211 -38.01 -8.43 23.79
N ASN D 212 -37.92 -7.14 24.08
CA ASN D 212 -38.19 -6.11 23.07
C ASN D 212 -36.97 -5.93 22.19
N SER D 213 -37.13 -6.14 20.89
CA SER D 213 -36.05 -6.05 19.92
C SER D 213 -36.42 -5.04 18.83
N THR D 214 -35.48 -4.83 17.91
CA THR D 214 -35.66 -3.90 16.80
C THR D 214 -35.14 -4.55 15.53
N SER D 215 -35.13 -3.77 14.45
CA SER D 215 -34.68 -4.25 13.15
C SER D 215 -33.97 -3.13 12.40
N ILE D 216 -32.97 -3.51 11.61
CA ILE D 216 -32.21 -2.57 10.78
C ILE D 216 -32.12 -3.15 9.37
N TYR D 217 -31.67 -2.31 8.44
CA TYR D 217 -31.56 -2.69 7.04
C TYR D 217 -30.38 -1.96 6.42
N LEU D 218 -29.52 -2.72 5.74
CA LEU D 218 -28.36 -2.17 5.06
C LEU D 218 -28.35 -2.65 3.62
N GLU D 219 -27.54 -1.99 2.79
CA GLU D 219 -27.48 -2.26 1.35
C GLU D 219 -26.05 -2.10 0.86
N PRO D 220 -25.19 -3.08 1.11
CA PRO D 220 -23.81 -3.01 0.60
C PRO D 220 -23.74 -3.38 -0.88
N THR D 221 -22.77 -2.78 -1.55
CA THR D 221 -22.53 -2.99 -2.97
C THR D 221 -21.28 -3.83 -3.17
N PHE D 222 -21.36 -4.82 -4.06
CA PHE D 222 -20.23 -5.69 -4.38
C PHE D 222 -20.09 -5.83 -5.89
N ASN D 223 -18.84 -5.81 -6.36
CA ASN D 223 -18.54 -5.94 -7.79
C ASN D 223 -18.10 -7.38 -8.08
N VAL D 224 -19.10 -8.26 -8.22
CA VAL D 224 -18.86 -9.69 -8.43
C VAL D 224 -20.17 -10.31 -8.90
N PRO D 225 -20.15 -11.36 -9.73
CA PRO D 225 -21.39 -12.09 -10.00
C PRO D 225 -21.99 -12.65 -8.73
N SER D 226 -23.32 -12.84 -8.77
CA SER D 226 -24.03 -13.30 -7.58
C SER D 226 -23.63 -14.71 -7.18
N SER D 227 -23.24 -15.55 -8.15
CA SER D 227 -22.88 -16.93 -7.85
C SER D 227 -21.64 -16.98 -6.97
N GLU D 228 -20.59 -16.24 -7.34
CA GLU D 228 -19.36 -16.28 -6.57
C GLU D 228 -19.54 -15.69 -5.18
N LEU D 229 -20.31 -14.61 -5.06
CA LEU D 229 -20.56 -14.03 -3.74
C LEU D 229 -21.40 -14.96 -2.89
N TYR D 230 -22.35 -15.69 -3.50
CA TYR D 230 -23.17 -16.62 -2.74
C TYR D 230 -22.34 -17.80 -2.24
N GLU D 231 -21.50 -18.37 -3.12
CA GLU D 231 -20.63 -19.46 -2.68
C GLU D 231 -19.54 -18.98 -1.73
N THR D 232 -19.23 -17.69 -1.70
CA THR D 232 -18.26 -17.17 -0.75
C THR D 232 -18.78 -17.28 0.67
N PHE D 233 -20.07 -17.05 0.88
CA PHE D 233 -20.68 -17.18 2.19
C PHE D 233 -20.96 -18.63 2.58
N LEU D 234 -20.58 -19.60 1.74
CA LEU D 234 -20.79 -21.00 2.03
C LEU D 234 -19.50 -21.82 2.01
N ASP D 235 -18.54 -21.47 1.15
CA ASP D 235 -17.26 -22.17 1.11
C ASP D 235 -16.52 -21.94 2.41
N LYS D 236 -16.31 -23.02 3.17
CA LYS D 236 -15.66 -22.90 4.48
C LYS D 236 -14.23 -22.39 4.32
N GLN D 237 -13.55 -22.79 3.26
CA GLN D 237 -12.20 -22.28 3.01
C GLN D 237 -12.23 -20.80 2.70
N ARG D 238 -13.13 -20.37 1.82
CA ARG D 238 -13.25 -18.95 1.52
C ARG D 238 -13.76 -18.17 2.73
N ILE D 239 -14.60 -18.79 3.56
CA ILE D 239 -15.06 -18.14 4.78
C ILE D 239 -13.90 -17.89 5.73
N LEU D 240 -13.07 -18.91 5.94
CA LEU D 240 -11.86 -18.73 6.76
C LEU D 240 -10.90 -17.75 6.11
N ALA D 241 -10.95 -17.61 4.79
CA ALA D 241 -10.08 -16.65 4.11
C ALA D 241 -10.53 -15.22 4.40
N TRP D 242 -11.80 -14.91 4.19
CA TRP D 242 -12.27 -13.54 4.37
C TRP D 242 -12.58 -13.20 5.83
N THR D 243 -12.59 -14.18 6.72
CA THR D 243 -12.78 -13.92 8.15
C THR D 243 -11.51 -14.10 8.97
N ARG D 244 -10.59 -14.94 8.52
CA ARG D 244 -9.31 -15.22 9.18
C ARG D 244 -9.47 -15.86 10.55
N SER D 245 -10.70 -16.23 10.92
CA SER D 245 -10.96 -16.96 12.16
C SER D 245 -12.33 -17.60 12.05
N ALA D 246 -12.37 -18.93 12.06
CA ALA D 246 -13.63 -19.65 11.89
C ALA D 246 -13.54 -21.00 12.60
N GLN D 247 -14.68 -21.44 13.12
CA GLN D 247 -14.79 -22.73 13.80
C GLN D 247 -16.06 -23.41 13.33
N PHE D 248 -15.92 -24.53 12.63
CA PHE D 248 -17.04 -25.30 12.12
C PHE D 248 -17.16 -26.62 12.87
N PHE D 249 -18.39 -27.06 13.07
CA PHE D 249 -18.65 -28.30 13.80
C PHE D 249 -18.91 -29.50 12.89
N ASN D 250 -19.24 -29.28 11.63
CA ASN D 250 -19.49 -30.35 10.68
C ASN D 250 -18.31 -30.47 9.72
N SER D 251 -18.09 -31.69 9.23
CA SER D 251 -16.98 -31.97 8.33
C SER D 251 -17.28 -31.63 6.87
N GLY D 252 -18.51 -31.24 6.55
CA GLY D 252 -18.87 -30.89 5.20
C GLY D 252 -18.07 -29.72 4.67
N PRO D 253 -17.67 -29.80 3.39
CA PRO D 253 -16.88 -28.70 2.82
C PRO D 253 -17.70 -27.45 2.56
N LYS D 254 -19.00 -27.58 2.32
CA LYS D 254 -19.88 -26.45 2.07
C LYS D 254 -20.91 -26.35 3.19
N LEU D 255 -21.34 -25.12 3.47
CA LEU D 255 -22.34 -24.90 4.50
C LEU D 255 -23.69 -25.48 4.06
N GLU D 256 -24.40 -26.07 5.02
CA GLU D 256 -25.70 -26.67 4.77
C GLU D 256 -26.73 -26.08 5.72
N THR D 257 -27.98 -26.50 5.53
CA THR D 257 -29.07 -26.00 6.36
C THR D 257 -28.94 -26.50 7.79
N LYS D 258 -29.33 -25.65 8.74
CA LYS D 258 -29.29 -25.99 10.17
C LYS D 258 -27.87 -26.34 10.62
N GLU D 259 -26.90 -25.56 10.15
CA GLU D 259 -25.50 -25.75 10.50
C GLU D 259 -24.99 -24.52 11.24
N LYS D 260 -24.47 -24.74 12.44
CA LYS D 260 -23.95 -23.67 13.27
C LYS D 260 -22.43 -23.62 13.19
N PHE D 261 -21.88 -22.40 13.27
CA PHE D 261 -20.44 -22.21 13.21
C PHE D 261 -20.09 -20.90 13.89
N GLU D 262 -18.83 -20.81 14.34
CA GLU D 262 -18.35 -19.68 15.11
C GLU D 262 -17.44 -18.82 14.25
N LEU D 263 -17.52 -17.51 14.42
CA LEU D 263 -16.72 -16.58 13.64
C LEU D 263 -16.20 -15.44 14.53
N PHE D 264 -15.10 -14.83 14.08
CA PHE D 264 -14.57 -13.60 14.65
C PHE D 264 -14.24 -13.76 16.14
N GLY D 265 -13.30 -14.67 16.40
CA GLY D 265 -12.72 -14.80 17.74
C GLY D 265 -13.72 -15.10 18.84
N GLY D 266 -14.68 -15.98 18.57
CA GLY D 266 -15.65 -16.37 19.57
C GLY D 266 -16.74 -15.36 19.85
N ASN D 267 -16.81 -14.27 19.10
CA ASN D 267 -17.83 -13.25 19.32
C ASN D 267 -19.08 -13.45 18.48
N VAL D 268 -18.95 -14.05 17.30
CA VAL D 268 -20.06 -14.19 16.36
C VAL D 268 -20.51 -15.64 16.36
N ILE D 269 -21.79 -15.85 16.67
CA ILE D 269 -22.40 -17.17 16.70
C ILE D 269 -23.50 -17.18 15.64
N SER D 270 -23.22 -17.83 14.51
CA SER D 270 -24.15 -17.85 13.39
C SER D 270 -24.56 -19.28 13.07
N GLU D 271 -25.72 -19.41 12.43
CA GLU D 271 -26.25 -20.71 12.05
C GLU D 271 -27.10 -20.55 10.79
N LEU D 272 -26.69 -21.20 9.71
CA LEU D 272 -27.42 -21.14 8.45
C LEU D 272 -28.74 -21.89 8.61
N VAL D 273 -29.85 -21.17 8.61
CA VAL D 273 -31.16 -21.77 8.82
C VAL D 273 -31.96 -21.92 7.52
N SER D 274 -31.68 -21.11 6.50
CA SER D 274 -32.37 -21.22 5.23
C SER D 274 -31.54 -20.54 4.16
N CYS D 275 -31.63 -21.05 2.93
CA CYS D 275 -30.88 -20.51 1.82
C CYS D 275 -31.47 -21.03 0.51
N GLU D 276 -31.39 -20.20 -0.52
CA GLU D 276 -31.82 -20.55 -1.86
C GLU D 276 -30.63 -20.47 -2.81
N LYS D 277 -30.85 -20.93 -4.04
CA LYS D 277 -29.78 -20.99 -5.03
C LYS D 277 -29.46 -19.58 -5.53
N ASP D 278 -28.36 -19.03 -5.04
CA ASP D 278 -27.80 -17.75 -5.50
C ASP D 278 -28.76 -16.58 -5.30
N LYS D 279 -29.79 -16.74 -4.47
CA LYS D 279 -30.76 -15.66 -4.32
C LYS D 279 -31.04 -15.31 -2.87
N LYS D 280 -30.95 -16.28 -1.96
CA LYS D 280 -31.33 -16.07 -0.57
C LYS D 280 -30.29 -16.68 0.35
N LEU D 281 -30.10 -16.03 1.50
CA LEU D 281 -29.22 -16.53 2.55
C LEU D 281 -29.76 -16.06 3.88
N VAL D 282 -30.30 -16.99 4.68
CA VAL D 282 -30.88 -16.67 5.98
C VAL D 282 -30.06 -17.39 7.05
N PHE D 283 -29.51 -16.61 7.98
CA PHE D 283 -28.74 -17.13 9.10
C PHE D 283 -29.34 -16.63 10.41
N HIS D 284 -29.06 -17.37 11.48
CA HIS D 284 -29.40 -16.93 12.84
C HIS D 284 -28.15 -16.36 13.48
N TRP D 285 -28.12 -15.05 13.66
CA TRP D 285 -26.94 -14.34 14.14
C TRP D 285 -27.06 -14.08 15.63
N LYS D 286 -25.95 -14.26 16.35
CA LYS D 286 -25.94 -14.07 17.79
C LYS D 286 -24.54 -13.63 18.22
N LEU D 287 -24.50 -12.68 19.14
CA LEU D 287 -23.25 -12.15 19.69
C LEU D 287 -23.04 -12.69 21.10
N LYS D 288 -21.77 -12.84 21.48
CA LYS D 288 -21.45 -13.48 22.75
C LYS D 288 -21.91 -12.64 23.94
N ASP D 289 -21.66 -11.33 23.90
CA ASP D 289 -22.06 -10.46 24.99
C ASP D 289 -23.57 -10.27 25.08
N TRP D 290 -24.32 -10.74 24.10
CA TRP D 290 -25.78 -10.67 24.18
C TRP D 290 -26.31 -11.64 25.23
N SER D 291 -27.54 -11.38 25.68
CA SER D 291 -28.17 -12.23 26.68
C SER D 291 -28.62 -13.55 26.05
N ALA D 292 -29.13 -14.46 26.91
CA ALA D 292 -29.52 -15.77 26.41
C ALA D 292 -30.74 -15.72 25.50
N PRO D 293 -31.88 -15.12 25.87
CA PRO D 293 -33.05 -15.14 24.99
C PRO D 293 -33.01 -14.18 23.83
N PHE D 294 -31.85 -13.59 23.52
CA PHE D 294 -31.70 -12.64 22.42
C PHE D 294 -30.95 -13.33 21.29
N ASN D 295 -31.65 -13.59 20.18
CA ASN D 295 -31.05 -14.19 19.00
C ASN D 295 -31.58 -13.48 17.78
N SER D 296 -30.69 -12.95 16.95
CA SER D 296 -31.09 -12.15 15.80
C SER D 296 -31.18 -13.03 14.55
N THR D 297 -31.93 -12.53 13.57
CA THR D 297 -32.14 -13.22 12.30
C THR D 297 -31.72 -12.29 11.17
N ILE D 298 -30.76 -12.75 10.36
CA ILE D 298 -30.26 -12.00 9.22
C ILE D 298 -30.77 -12.64 7.94
N GLU D 299 -31.26 -11.81 7.02
CA GLU D 299 -31.75 -12.25 5.72
C GLU D 299 -31.05 -11.44 4.64
N MET D 300 -30.34 -12.14 3.75
CA MET D 300 -29.57 -11.51 2.68
C MET D 300 -30.11 -11.98 1.34
N THR D 301 -30.35 -11.04 0.43
CA THR D 301 -30.89 -11.32 -0.89
C THR D 301 -29.98 -10.74 -1.96
N PHE D 302 -29.65 -11.55 -2.96
CA PHE D 302 -28.75 -11.13 -4.03
C PHE D 302 -29.54 -10.59 -5.22
N HIS D 303 -28.92 -9.67 -5.95
CA HIS D 303 -29.54 -9.07 -7.13
C HIS D 303 -28.45 -8.72 -8.13
N GLU D 304 -28.50 -9.33 -9.31
CA GLU D 304 -27.53 -9.07 -10.37
C GLU D 304 -28.13 -8.07 -11.34
N SER D 305 -27.56 -6.87 -11.38
CA SER D 305 -28.00 -5.84 -12.30
C SER D 305 -27.29 -5.98 -13.64
N GLN D 306 -28.04 -5.85 -14.72
CA GLN D 306 -27.49 -5.90 -16.08
C GLN D 306 -27.15 -4.51 -16.61
N GLU D 307 -27.20 -3.49 -15.76
CA GLU D 307 -26.85 -2.13 -16.16
C GLU D 307 -25.61 -1.62 -15.44
N PHE D 308 -25.56 -1.76 -14.11
CA PHE D 308 -24.35 -1.45 -13.37
C PHE D 308 -23.39 -2.62 -13.27
N HIS D 309 -23.90 -3.85 -13.47
CA HIS D 309 -23.08 -5.06 -13.47
C HIS D 309 -22.41 -5.28 -12.11
N GLU D 310 -23.21 -5.15 -11.05
CA GLU D 310 -22.80 -5.41 -9.68
C GLU D 310 -23.87 -6.27 -9.00
N THR D 311 -23.59 -6.71 -7.78
CA THR D 311 -24.53 -7.49 -6.99
C THR D 311 -24.88 -6.68 -5.73
N LYS D 312 -26.09 -6.15 -5.71
CA LYS D 312 -26.55 -5.32 -4.59
C LYS D 312 -27.24 -6.25 -3.60
N LEU D 313 -26.48 -6.72 -2.61
CA LEU D 313 -26.96 -7.69 -1.64
C LEU D 313 -27.66 -6.94 -0.52
N GLN D 314 -29.00 -6.94 -0.54
CA GLN D 314 -29.77 -6.29 0.50
C GLN D 314 -29.83 -7.19 1.73
N VAL D 315 -29.43 -6.64 2.88
CA VAL D 315 -29.36 -7.38 4.12
C VAL D 315 -30.33 -6.75 5.11
N LYS D 316 -31.05 -7.59 5.85
CA LYS D 316 -32.05 -7.14 6.82
C LYS D 316 -31.85 -7.91 8.12
N TRP D 317 -31.61 -7.18 9.20
CA TRP D 317 -31.43 -7.77 10.52
C TRP D 317 -32.71 -7.60 11.33
N THR D 318 -33.16 -8.68 11.97
CA THR D 318 -34.28 -8.64 12.88
C THR D 318 -33.87 -9.25 14.22
N GLY D 319 -34.49 -8.75 15.29
CA GLY D 319 -34.17 -9.24 16.62
C GLY D 319 -32.96 -8.59 17.28
N ILE D 320 -32.47 -7.49 16.74
CA ILE D 320 -31.30 -6.82 17.32
C ILE D 320 -31.70 -6.18 18.63
N PRO D 321 -30.87 -6.27 19.68
CA PRO D 321 -31.19 -5.59 20.94
C PRO D 321 -31.32 -4.08 20.77
N VAL D 322 -31.94 -3.45 21.76
CA VAL D 322 -32.24 -2.03 21.71
C VAL D 322 -31.00 -1.15 21.80
N GLY D 323 -29.86 -1.71 22.15
CA GLY D 323 -28.65 -0.91 22.28
C GLY D 323 -27.47 -1.47 21.52
N GLU D 324 -27.74 -2.13 20.39
CA GLU D 324 -26.69 -2.76 19.58
C GLU D 324 -26.84 -2.47 18.10
N GLU D 325 -27.68 -1.52 17.70
CA GLU D 325 -27.95 -1.29 16.29
C GLU D 325 -26.71 -0.76 15.57
N ASP D 326 -26.20 0.40 16.01
CA ASP D 326 -25.03 0.98 15.37
C ASP D 326 -23.82 0.08 15.50
N ARG D 327 -23.72 -0.66 16.61
CA ARG D 327 -22.59 -1.56 16.81
C ARG D 327 -22.56 -2.65 15.75
N VAL D 328 -23.67 -3.37 15.57
CA VAL D 328 -23.70 -4.44 14.58
C VAL D 328 -23.63 -3.86 13.18
N ARG D 329 -24.15 -2.64 12.98
CA ARG D 329 -24.06 -2.00 11.67
C ARG D 329 -22.60 -1.75 11.29
N ALA D 330 -21.83 -1.16 12.21
CA ALA D 330 -20.42 -0.93 11.95
C ALA D 330 -19.65 -2.23 11.82
N ASN D 331 -20.00 -3.23 12.65
CA ASN D 331 -19.33 -4.53 12.56
C ASN D 331 -19.56 -5.18 11.20
N PHE D 332 -20.77 -5.06 10.67
CA PHE D 332 -21.05 -5.62 9.34
C PHE D 332 -20.36 -4.82 8.25
N GLU D 333 -20.36 -3.49 8.37
CA GLU D 333 -19.73 -2.66 7.35
C GLU D 333 -18.22 -2.81 7.32
N GLU D 334 -17.60 -3.19 8.44
CA GLU D 334 -16.15 -3.33 8.49
C GLU D 334 -15.68 -4.77 8.32
N TYR D 335 -16.25 -5.71 9.07
CA TYR D 335 -15.77 -7.08 9.07
C TYR D 335 -16.45 -7.97 8.03
N TYR D 336 -17.62 -7.58 7.53
CA TYR D 336 -18.35 -8.37 6.55
C TYR D 336 -18.30 -7.81 5.14
N VAL D 337 -18.38 -6.49 5.00
CA VAL D 337 -18.37 -5.85 3.68
C VAL D 337 -16.94 -5.51 3.29
N ARG D 338 -16.28 -4.70 4.11
CA ARG D 338 -14.94 -4.21 3.76
C ARG D 338 -13.92 -5.34 3.70
N SER D 339 -14.03 -6.31 4.61
CA SER D 339 -13.09 -7.43 4.59
C SER D 339 -13.22 -8.25 3.30
N ILE D 340 -14.45 -8.47 2.85
CA ILE D 340 -14.64 -9.18 1.59
C ILE D 340 -14.16 -8.34 0.41
N LYS D 341 -14.42 -7.02 0.45
CA LYS D 341 -14.03 -6.15 -0.64
C LYS D 341 -12.52 -5.96 -0.72
N LEU D 342 -11.79 -6.20 0.37
CA LEU D 342 -10.33 -6.12 0.33
C LEU D 342 -9.66 -7.47 0.10
N THR D 343 -10.22 -8.55 0.64
CA THR D 343 -9.61 -9.87 0.45
C THR D 343 -9.84 -10.38 -0.96
N PHE D 344 -11.10 -10.45 -1.39
CA PHE D 344 -11.44 -10.94 -2.72
C PHE D 344 -11.57 -9.83 -3.75
N GLY D 345 -11.53 -8.56 -3.33
CA GLY D 345 -11.61 -7.46 -4.27
C GLY D 345 -12.99 -7.21 -4.82
N PHE D 346 -14.04 -7.58 -4.10
CA PHE D 346 -15.42 -7.43 -4.58
C PHE D 346 -15.90 -5.99 -4.37
N GLY D 347 -15.15 -5.06 -4.92
CA GLY D 347 -15.45 -3.64 -4.80
C GLY D 347 -14.25 -2.84 -4.35
N ALA D 348 -14.40 -1.52 -4.43
CA ALA D 348 -13.34 -0.61 -4.04
C ALA D 348 -13.30 -0.43 -2.54
N VAL D 349 -12.08 -0.35 -2.00
CA VAL D 349 -11.88 -0.11 -0.58
C VAL D 349 -10.63 0.74 -0.40
N LEU D 350 -10.68 1.68 0.54
CA LEU D 350 -9.56 2.57 0.81
C LEU D 350 -9.44 2.87 2.30
#